data_8BSL
#
_entry.id   8BSL
#
_cell.length_a   50.993
_cell.length_b   139.027
_cell.length_c   177.716
_cell.angle_alpha   90
_cell.angle_beta   96.01
_cell.angle_gamma   90
#
_symmetry.space_group_name_H-M   'P 1 21 1'
#
loop_
_entity.id
_entity.type
_entity.pdbx_description
1 polymer 'Glutaminase kidney isoform, mitochondrial'
2 non-polymer ~{N}-[5-[[(3~{R})-1-(5-azanyl-1,3,4-thiadiazol-2-yl)pyrrolidin-3-yl]amino]-1,3,4-thiadiazol-2-yl]-2-phenyl-ethanamide
3 water water
#
_entity_poly.entity_id   1
_entity_poly.type   'polypeptide(L)'
_entity_poly.pdbx_seq_one_letter_code
;GSLVASGENKIKQGLLPSLEDLLFYTIAEGQEKIPVHKFITALKSTGLRTSDPRLKECMDMLRLTLQTTSDGVMLDKDLF
KKCVQSNIVLLTQAFRRKFVIPDFMSFTSHIDELYESAKKQSGGKVADYIPQLAKFSPDLWGVSVCTVDGQRHSTGDTKV
PFCLQSCVKPLKYAIAVNDLGTEYVHRYVGKEPSGLRFNKLFLNEDDKPHNPMVNAGAIVVTSLIKQGVNNAEKFDYVMQ
FLNKMAGNEYVGFSNATFQSERESGDRNFAIGYYLKEKKCFPEGTDMVGILDFYFQLCSIEVTCESASVMAATLANGGFC
PITGERVLSPEAVRNTLSLMHSCGMYDFSGQFAFHVGLPAKSGVAGGILLVVPNVMGMMCWSPPLDKMGNSVKGIHFCHD
LVSLCNFHNYDNLRHFAKKLDPRREGGDQRHSFGPLDYESLQQELALKETVWKKVSPESNEDISTTVVYRMESLGEKS
;
_entity_poly.pdbx_strand_id   A,B,C,D
#
loop_
_chem_comp.id
_chem_comp.type
_chem_comp.name
_chem_comp.formula
R90 non-polymer ~{N}-[5-[[(3~{R})-1-(5-azanyl-1,3,4-thiadiazol-2-yl)pyrrolidin-3-yl]amino]-1,3,4-thiadiazol-2-yl]-2-phenyl-ethanamide 'C16 H18 N8 O S2'
#
# COMPACT_ATOMS: atom_id res chain seq x y z
N LEU A 16 -39.74 59.87 -13.24
CA LEU A 16 -39.36 58.53 -13.71
C LEU A 16 -40.53 57.55 -13.54
N PRO A 17 -41.07 57.01 -14.65
CA PRO A 17 -42.22 56.10 -14.56
C PRO A 17 -42.03 54.92 -13.60
N SER A 18 -43.11 54.58 -12.88
CA SER A 18 -43.14 53.53 -11.88
C SER A 18 -42.66 52.18 -12.41
N LEU A 19 -41.92 51.43 -11.58
CA LEU A 19 -41.45 50.10 -11.96
C LEU A 19 -42.64 49.14 -12.18
N GLU A 20 -43.69 49.32 -11.38
CA GLU A 20 -44.96 48.59 -11.41
C GLU A 20 -45.71 48.94 -12.71
N ASP A 21 -45.67 50.22 -13.13
CA ASP A 21 -46.29 50.68 -14.37
C ASP A 21 -45.56 50.10 -15.57
N LEU A 22 -44.20 50.09 -15.54
CA LEU A 22 -43.38 49.50 -16.61
C LEU A 22 -43.72 48.02 -16.79
N LEU A 23 -43.81 47.27 -15.68
CA LEU A 23 -44.14 45.85 -15.72
C LEU A 23 -45.55 45.65 -16.24
N PHE A 24 -46.49 46.53 -15.84
CA PHE A 24 -47.88 46.47 -16.29
C PHE A 24 -47.96 46.59 -17.82
N TYR A 25 -47.32 47.61 -18.42
CA TYR A 25 -47.34 47.83 -19.86
C TYR A 25 -46.76 46.68 -20.70
N THR A 26 -45.75 45.98 -20.16
CA THR A 26 -45.15 44.87 -20.89
C THR A 26 -46.01 43.60 -20.86
N ILE A 27 -46.77 43.41 -19.79
CA ILE A 27 -47.64 42.24 -19.68
C ILE A 27 -48.99 42.50 -20.37
N ALA A 28 -49.51 43.74 -20.27
CA ALA A 28 -50.80 44.13 -20.85
C ALA A 28 -50.87 44.01 -22.37
N GLU A 29 -49.73 44.19 -23.05
CA GLU A 29 -49.64 44.11 -24.51
C GLU A 29 -50.63 45.05 -25.20
N GLY A 30 -50.58 46.33 -24.82
CA GLY A 30 -51.44 47.34 -25.41
C GLY A 30 -52.87 47.39 -24.89
N GLN A 31 -53.23 46.47 -23.99
CA GLN A 31 -54.59 46.44 -23.42
C GLN A 31 -54.69 47.29 -22.15
N GLU A 32 -55.92 47.74 -21.82
CA GLU A 32 -56.11 48.55 -20.61
C GLU A 32 -56.11 47.71 -19.32
N LYS A 33 -56.36 46.39 -19.42
CA LYS A 33 -56.40 45.50 -18.27
C LYS A 33 -55.79 44.13 -18.58
N ILE A 34 -55.04 43.56 -17.64
CA ILE A 34 -54.46 42.24 -17.82
C ILE A 34 -55.30 41.23 -17.07
N PRO A 35 -55.73 40.12 -17.70
CA PRO A 35 -56.44 39.08 -16.92
C PRO A 35 -55.48 38.40 -15.95
N VAL A 36 -55.95 37.98 -14.76
CA VAL A 36 -55.07 37.36 -13.77
C VAL A 36 -54.40 36.09 -14.29
N HIS A 37 -55.10 35.26 -15.06
CA HIS A 37 -54.54 34.04 -15.63
C HIS A 37 -53.38 34.34 -16.60
N LYS A 38 -53.45 35.48 -17.29
CA LYS A 38 -52.39 35.90 -18.21
C LYS A 38 -51.09 36.19 -17.44
N PHE A 39 -51.20 36.93 -16.32
CA PHE A 39 -50.06 37.27 -15.48
C PHE A 39 -49.47 36.02 -14.80
N ILE A 40 -50.33 35.10 -14.33
CA ILE A 40 -49.87 33.88 -13.67
C ILE A 40 -49.19 32.94 -14.66
N THR A 41 -49.74 32.83 -15.88
CA THR A 41 -49.14 32.00 -16.92
C THR A 41 -47.78 32.54 -17.31
N ALA A 42 -47.69 33.86 -17.48
CA ALA A 42 -46.42 34.51 -17.82
C ALA A 42 -45.42 34.37 -16.68
N LEU A 43 -45.87 34.46 -15.43
CA LEU A 43 -45.05 34.31 -14.25
C LEU A 43 -44.47 32.88 -14.15
N LYS A 44 -45.30 31.86 -14.35
CA LYS A 44 -44.87 30.47 -14.27
C LYS A 44 -43.88 30.14 -15.40
N SER A 45 -44.06 30.74 -16.58
CA SER A 45 -43.16 30.54 -17.72
C SER A 45 -41.72 30.98 -17.44
N THR A 46 -41.52 31.86 -16.44
CA THR A 46 -40.18 32.27 -16.03
C THR A 46 -39.47 31.13 -15.25
N GLY A 47 -40.22 30.21 -14.68
CA GLY A 47 -39.68 29.14 -13.86
C GLY A 47 -40.07 29.26 -12.42
N LEU A 48 -40.49 30.47 -11.99
CA LEU A 48 -40.94 30.66 -10.63
C LEU A 48 -42.25 29.94 -10.40
N ARG A 49 -42.45 29.48 -9.16
CA ARG A 49 -43.70 28.88 -8.78
C ARG A 49 -44.52 29.94 -8.06
N THR A 50 -45.85 29.87 -8.14
CA THR A 50 -46.70 30.84 -7.45
C THR A 50 -46.54 30.71 -5.92
N SER A 51 -46.20 29.50 -5.44
CA SER A 51 -45.96 29.24 -4.03
C SER A 51 -44.59 29.72 -3.55
N ASP A 52 -43.78 30.42 -4.40
CA ASP A 52 -42.47 30.94 -4.02
C ASP A 52 -42.61 31.83 -2.76
N PRO A 53 -41.86 31.53 -1.72
CA PRO A 53 -41.97 32.32 -0.48
C PRO A 53 -41.71 33.81 -0.68
N ARG A 54 -40.90 34.17 -1.68
CA ARG A 54 -40.61 35.58 -1.99
C ARG A 54 -41.75 36.28 -2.72
N LEU A 55 -42.76 35.54 -3.20
CA LEU A 55 -43.91 36.11 -3.89
C LEU A 55 -45.18 36.06 -3.02
N LYS A 56 -45.09 35.66 -1.73
CA LYS A 56 -46.26 35.53 -0.84
C LYS A 56 -47.19 36.75 -0.83
N GLU A 57 -46.67 37.96 -0.61
CA GLU A 57 -47.49 39.16 -0.56
C GLU A 57 -48.23 39.43 -1.86
N CYS A 58 -47.58 39.19 -3.00
CA CYS A 58 -48.19 39.36 -4.31
C CYS A 58 -49.39 38.42 -4.46
N MET A 59 -49.20 37.14 -4.11
CA MET A 59 -50.21 36.09 -4.20
C MET A 59 -51.31 36.26 -3.20
N ASP A 60 -51.01 36.73 -1.97
CA ASP A 60 -52.07 37.00 -0.98
C ASP A 60 -52.96 38.10 -1.50
N MET A 61 -52.39 39.16 -2.10
CA MET A 61 -53.12 40.28 -2.67
C MET A 61 -53.89 39.89 -3.91
N LEU A 62 -53.37 38.95 -4.72
CA LEU A 62 -54.09 38.51 -5.92
C LEU A 62 -55.33 37.75 -5.50
N ARG A 63 -55.17 36.83 -4.52
CA ARG A 63 -56.28 36.06 -3.97
C ARG A 63 -57.31 36.97 -3.29
N LEU A 64 -56.84 37.96 -2.51
CA LEU A 64 -57.71 38.91 -1.83
C LEU A 64 -58.44 39.78 -2.84
N THR A 65 -57.75 40.27 -3.89
CA THR A 65 -58.43 41.10 -4.89
C THR A 65 -59.41 40.28 -5.73
N LEU A 66 -59.14 38.98 -5.94
CA LEU A 66 -60.07 38.08 -6.65
C LEU A 66 -61.41 37.95 -5.89
N GLN A 67 -61.40 38.12 -4.56
CA GLN A 67 -62.62 38.06 -3.77
C GLN A 67 -63.39 39.36 -3.89
N THR A 68 -62.70 40.51 -3.83
CA THR A 68 -63.35 41.81 -3.86
C THR A 68 -63.56 42.44 -5.23
N THR A 69 -63.07 41.81 -6.29
CA THR A 69 -63.10 42.39 -7.63
C THR A 69 -64.52 42.57 -8.16
N SER A 70 -64.73 43.72 -8.81
CA SER A 70 -65.98 44.09 -9.46
C SER A 70 -65.96 43.60 -10.93
N ASP A 71 -64.78 43.65 -11.59
CA ASP A 71 -64.64 43.17 -12.97
C ASP A 71 -63.91 41.84 -12.91
N GLY A 72 -64.67 40.75 -12.87
CA GLY A 72 -64.17 39.39 -12.75
C GLY A 72 -63.00 39.01 -13.65
N VAL A 73 -61.86 38.62 -13.02
CA VAL A 73 -60.59 38.20 -13.65
C VAL A 73 -59.90 39.39 -14.37
N MET A 74 -60.18 40.65 -13.96
CA MET A 74 -59.55 41.81 -14.60
C MET A 74 -58.77 42.71 -13.67
N LEU A 75 -57.50 42.95 -14.00
CA LEU A 75 -56.60 43.80 -13.24
C LEU A 75 -56.19 45.02 -14.04
N ASP A 76 -56.60 46.21 -13.60
CA ASP A 76 -56.20 47.45 -14.26
C ASP A 76 -54.80 47.92 -13.76
N LYS A 77 -54.30 49.06 -14.26
CA LYS A 77 -52.98 49.58 -13.88
C LYS A 77 -52.79 49.70 -12.37
N ASP A 78 -53.79 50.29 -11.68
CA ASP A 78 -53.78 50.51 -10.23
C ASP A 78 -53.95 49.24 -9.42
N LEU A 79 -54.80 48.31 -9.90
CA LEU A 79 -55.00 47.04 -9.20
C LEU A 79 -53.76 46.18 -9.30
N PHE A 80 -53.11 46.18 -10.47
CA PHE A 80 -51.86 45.46 -10.70
C PHE A 80 -50.78 46.03 -9.79
N LYS A 81 -50.71 47.38 -9.69
CA LYS A 81 -49.73 48.05 -8.83
C LYS A 81 -49.89 47.59 -7.37
N LYS A 82 -51.13 47.51 -6.89
CA LYS A 82 -51.50 47.08 -5.55
C LYS A 82 -50.99 45.66 -5.23
N CYS A 83 -51.17 44.72 -6.17
CA CYS A 83 -50.74 43.33 -5.99
C CYS A 83 -49.23 43.11 -6.00
N VAL A 84 -48.57 43.61 -7.06
CA VAL A 84 -47.15 43.37 -7.34
C VAL A 84 -46.13 44.32 -6.70
N GLN A 85 -46.53 45.47 -6.11
CA GLN A 85 -45.57 46.42 -5.54
C GLN A 85 -44.64 45.84 -4.47
N SER A 86 -45.14 44.90 -3.66
CA SER A 86 -44.38 44.29 -2.59
C SER A 86 -43.23 43.42 -3.08
N ASN A 87 -43.39 42.82 -4.27
CA ASN A 87 -42.38 41.92 -4.82
C ASN A 87 -41.92 42.35 -6.23
N ILE A 88 -42.07 43.65 -6.57
CA ILE A 88 -41.75 44.22 -7.88
C ILE A 88 -40.31 43.95 -8.34
N VAL A 89 -39.34 43.93 -7.43
CA VAL A 89 -37.95 43.67 -7.79
C VAL A 89 -37.77 42.28 -8.41
N LEU A 90 -38.21 41.23 -7.70
CA LEU A 90 -38.11 39.86 -8.18
C LEU A 90 -38.94 39.65 -9.44
N LEU A 91 -40.14 40.23 -9.49
CA LEU A 91 -41.02 40.11 -10.65
C LEU A 91 -40.44 40.79 -11.87
N THR A 92 -39.72 41.90 -11.69
CA THR A 92 -39.08 42.62 -12.79
C THR A 92 -37.97 41.76 -13.38
N GLN A 93 -37.16 41.14 -12.50
CA GLN A 93 -36.07 40.25 -12.92
C GLN A 93 -36.65 39.06 -13.69
N ALA A 94 -37.74 38.48 -13.19
CA ALA A 94 -38.39 37.34 -13.81
C ALA A 94 -38.95 37.67 -15.21
N PHE A 95 -39.69 38.77 -15.33
CA PHE A 95 -40.33 39.17 -16.58
C PHE A 95 -39.38 39.79 -17.61
N ARG A 96 -38.32 40.49 -17.17
CA ARG A 96 -37.35 41.06 -18.10
C ARG A 96 -36.18 40.09 -18.37
N ARG A 97 -36.44 38.77 -18.30
CA ARG A 97 -35.50 37.69 -18.57
C ARG A 97 -34.10 37.85 -17.90
N LYS A 98 -34.06 38.31 -16.65
CA LYS A 98 -32.81 38.55 -15.93
C LYS A 98 -32.35 37.39 -15.05
N PHE A 99 -33.06 36.25 -15.08
CA PHE A 99 -32.65 35.08 -14.33
C PHE A 99 -31.50 34.37 -15.03
N VAL A 100 -30.74 33.55 -14.29
CA VAL A 100 -29.58 32.82 -14.79
C VAL A 100 -29.92 32.02 -16.07
N ILE A 101 -31.10 31.41 -16.14
CA ILE A 101 -31.55 30.69 -17.33
C ILE A 101 -32.77 31.46 -17.81
N PRO A 102 -32.60 32.40 -18.74
CA PRO A 102 -33.74 33.24 -19.15
C PRO A 102 -34.82 32.46 -19.89
N ASP A 103 -34.45 31.65 -20.90
CA ASP A 103 -35.43 30.80 -21.58
C ASP A 103 -35.53 29.50 -20.78
N PHE A 104 -36.26 29.54 -19.66
CA PHE A 104 -36.40 28.41 -18.77
C PHE A 104 -37.27 27.27 -19.33
N MET A 105 -38.29 27.60 -20.14
CA MET A 105 -39.16 26.58 -20.72
C MET A 105 -38.40 25.68 -21.68
N SER A 106 -37.50 26.27 -22.48
CA SER A 106 -36.68 25.53 -23.41
C SER A 106 -35.71 24.61 -22.64
N PHE A 107 -35.16 25.10 -21.54
CA PHE A 107 -34.24 24.35 -20.70
C PHE A 107 -34.93 23.14 -20.04
N THR A 108 -36.13 23.33 -19.47
CA THR A 108 -36.87 22.21 -18.86
C THR A 108 -37.26 21.16 -19.91
N SER A 109 -37.35 21.55 -21.19
CA SER A 109 -37.63 20.64 -22.27
C SER A 109 -36.42 19.71 -22.43
N HIS A 110 -35.19 20.27 -22.34
CA HIS A 110 -33.95 19.50 -22.41
C HIS A 110 -33.83 18.59 -21.21
N ILE A 111 -34.20 19.07 -20.02
CA ILE A 111 -34.17 18.25 -18.82
C ILE A 111 -35.10 17.03 -18.98
N ASP A 112 -36.30 17.23 -19.52
CA ASP A 112 -37.27 16.15 -19.77
C ASP A 112 -36.75 15.14 -20.80
N GLU A 113 -35.96 15.60 -21.77
CA GLU A 113 -35.36 14.72 -22.77
C GLU A 113 -34.31 13.83 -22.11
N LEU A 114 -33.44 14.42 -21.24
CA LEU A 114 -32.39 13.72 -20.51
C LEU A 114 -32.99 12.72 -19.52
N TYR A 115 -34.09 13.13 -18.86
CA TYR A 115 -34.83 12.29 -17.93
C TYR A 115 -35.37 11.04 -18.67
N GLU A 116 -35.99 11.22 -19.85
CA GLU A 116 -36.54 10.09 -20.60
C GLU A 116 -35.45 9.16 -21.10
N SER A 117 -34.29 9.73 -21.46
CA SER A 117 -33.16 8.96 -21.94
C SER A 117 -32.65 8.05 -20.81
N ALA A 118 -32.47 8.60 -19.61
CA ALA A 118 -31.98 7.87 -18.45
C ALA A 118 -33.01 6.92 -17.85
N LYS A 119 -34.30 7.17 -18.06
CA LYS A 119 -35.38 6.30 -17.60
C LYS A 119 -35.27 4.89 -18.24
N LYS A 120 -34.67 4.81 -19.46
CA LYS A 120 -34.44 3.56 -20.19
C LYS A 120 -33.27 2.73 -19.62
N GLN A 121 -32.47 3.30 -18.70
CA GLN A 121 -31.32 2.64 -18.06
C GLN A 121 -31.78 1.97 -16.80
N SER A 122 -32.42 0.82 -16.98
CA SER A 122 -33.02 0.01 -15.91
C SER A 122 -32.06 -0.95 -15.22
N GLY A 123 -30.77 -0.82 -15.47
CA GLY A 123 -29.77 -1.67 -14.83
C GLY A 123 -29.49 -1.24 -13.40
N GLY A 124 -28.60 -1.97 -12.75
CA GLY A 124 -28.24 -1.69 -11.38
C GLY A 124 -29.01 -2.52 -10.38
N LYS A 125 -28.65 -2.39 -9.10
CA LYS A 125 -29.26 -3.16 -8.04
C LYS A 125 -29.67 -2.25 -6.91
N VAL A 126 -30.92 -2.38 -6.44
CA VAL A 126 -31.40 -1.60 -5.32
C VAL A 126 -30.64 -2.09 -4.05
N ALA A 127 -30.21 -1.16 -3.18
CA ALA A 127 -29.51 -1.52 -1.93
C ALA A 127 -30.44 -2.36 -1.06
N ASP A 128 -29.93 -3.46 -0.50
CA ASP A 128 -30.79 -4.36 0.27
C ASP A 128 -30.20 -4.78 1.61
N TYR A 129 -29.17 -4.09 2.11
CA TYR A 129 -28.59 -4.43 3.42
C TYR A 129 -29.57 -4.14 4.57
N ILE A 130 -30.46 -3.12 4.39
CA ILE A 130 -31.53 -2.81 5.30
C ILE A 130 -32.84 -2.92 4.51
N PRO A 131 -33.88 -3.55 5.09
CA PRO A 131 -35.12 -3.76 4.34
C PRO A 131 -35.84 -2.49 3.89
N GLN A 132 -35.53 -1.32 4.47
CA GLN A 132 -36.18 -0.06 4.09
C GLN A 132 -35.74 0.41 2.69
N LEU A 133 -34.50 0.11 2.31
CA LEU A 133 -33.99 0.46 1.00
C LEU A 133 -34.44 -0.57 -0.03
N ALA A 134 -34.37 -1.86 0.33
CA ALA A 134 -34.79 -2.95 -0.56
C ALA A 134 -36.26 -2.86 -0.97
N LYS A 135 -37.08 -2.14 -0.16
CA LYS A 135 -38.52 -1.95 -0.36
C LYS A 135 -38.83 -1.09 -1.58
N PHE A 136 -37.93 -0.17 -1.95
CA PHE A 136 -38.17 0.74 -3.04
C PHE A 136 -38.20 0.08 -4.40
N SER A 137 -39.10 0.55 -5.26
CA SER A 137 -39.22 0.05 -6.63
C SER A 137 -38.02 0.56 -7.44
N PRO A 138 -37.44 -0.29 -8.30
CA PRO A 138 -36.32 0.16 -9.14
C PRO A 138 -36.74 1.22 -10.19
N ASP A 139 -38.05 1.27 -10.51
CA ASP A 139 -38.63 2.18 -11.48
C ASP A 139 -38.83 3.60 -11.00
N LEU A 140 -38.64 3.86 -9.69
CA LEU A 140 -38.75 5.23 -9.17
C LEU A 140 -37.57 6.01 -9.72
N TRP A 141 -37.84 7.11 -10.41
CA TRP A 141 -36.82 7.93 -11.06
C TRP A 141 -37.33 9.35 -11.11
N GLY A 142 -36.65 10.25 -10.41
CA GLY A 142 -37.04 11.64 -10.36
C GLY A 142 -35.88 12.58 -10.55
N VAL A 143 -36.14 13.74 -11.15
CA VAL A 143 -35.13 14.74 -11.41
C VAL A 143 -35.72 16.12 -11.06
N SER A 144 -35.14 16.81 -10.07
CA SER A 144 -35.59 18.15 -9.71
C SER A 144 -34.50 19.17 -9.89
N VAL A 145 -34.88 20.31 -10.42
CA VAL A 145 -34.02 21.44 -10.70
C VAL A 145 -34.50 22.64 -9.88
N CYS A 146 -33.55 23.43 -9.32
CA CYS A 146 -33.83 24.68 -8.65
C CYS A 146 -32.67 25.59 -9.01
N THR A 147 -32.92 26.65 -9.79
CA THR A 147 -31.84 27.54 -10.19
C THR A 147 -31.41 28.45 -9.02
N VAL A 148 -30.26 29.13 -9.14
CA VAL A 148 -29.84 30.09 -8.11
C VAL A 148 -30.82 31.28 -7.97
N ASP A 149 -31.86 31.36 -8.84
CA ASP A 149 -32.90 32.39 -8.79
C ASP A 149 -34.29 31.84 -8.33
N GLY A 150 -34.38 30.54 -8.03
CA GLY A 150 -35.59 29.90 -7.58
C GLY A 150 -36.47 29.36 -8.70
N GLN A 151 -35.91 29.19 -9.92
CA GLN A 151 -36.70 28.62 -11.01
C GLN A 151 -36.76 27.10 -10.76
N ARG A 152 -37.94 26.51 -10.91
CA ARG A 152 -38.15 25.12 -10.56
C ARG A 152 -38.57 24.23 -11.70
N HIS A 153 -38.14 22.98 -11.67
CA HIS A 153 -38.55 21.99 -12.64
C HIS A 153 -38.42 20.61 -12.08
N SER A 154 -39.47 19.82 -12.18
CA SER A 154 -39.46 18.45 -11.72
C SER A 154 -39.98 17.56 -12.80
N THR A 155 -39.39 16.37 -12.93
CA THR A 155 -39.86 15.36 -13.85
C THR A 155 -39.66 14.00 -13.19
N GLY A 156 -40.71 13.21 -13.15
CA GLY A 156 -40.67 11.92 -12.50
C GLY A 156 -41.14 11.95 -11.06
N ASP A 157 -40.58 11.05 -10.25
CA ASP A 157 -40.90 10.82 -8.84
C ASP A 157 -40.16 11.78 -7.90
N THR A 158 -40.51 13.05 -8.02
CA THR A 158 -39.90 14.14 -7.28
C THR A 158 -40.56 14.44 -5.93
N LYS A 159 -41.74 13.87 -5.65
CA LYS A 159 -42.39 14.06 -4.35
C LYS A 159 -42.42 12.76 -3.54
N VAL A 160 -41.45 11.84 -3.78
CA VAL A 160 -41.39 10.59 -3.03
C VAL A 160 -40.28 10.72 -2.00
N PRO A 161 -40.59 10.57 -0.71
CA PRO A 161 -39.54 10.68 0.30
C PRO A 161 -38.62 9.48 0.27
N PHE A 162 -37.33 9.77 0.47
CA PHE A 162 -36.24 8.81 0.52
C PHE A 162 -35.15 9.38 1.43
N CYS A 163 -34.33 8.52 2.06
CA CYS A 163 -33.26 8.98 2.93
C CYS A 163 -32.07 9.56 2.15
N LEU A 164 -31.47 10.63 2.67
CA LEU A 164 -30.31 11.29 2.09
C LEU A 164 -29.13 10.32 2.07
N GLN A 165 -28.96 9.55 3.17
CA GLN A 165 -27.86 8.60 3.33
C GLN A 165 -26.52 9.36 3.23
N SER A 166 -25.60 9.02 2.31
CA SER A 166 -24.35 9.75 2.20
C SER A 166 -24.50 11.12 1.53
N CYS A 167 -25.68 11.47 0.96
CA CYS A 167 -25.86 12.87 0.46
C CYS A 167 -25.85 13.90 1.62
N VAL A 168 -26.01 13.44 2.86
CA VAL A 168 -25.96 14.31 4.02
C VAL A 168 -24.52 14.74 4.32
N LYS A 169 -23.50 13.93 3.94
CA LYS A 169 -22.08 14.17 4.19
C LYS A 169 -21.64 15.58 3.82
N PRO A 170 -21.90 16.09 2.59
CA PRO A 170 -21.49 17.47 2.30
C PRO A 170 -22.24 18.51 3.13
N LEU A 171 -23.51 18.23 3.47
CA LEU A 171 -24.36 19.14 4.24
C LEU A 171 -23.89 19.27 5.70
N LYS A 172 -23.59 18.16 6.40
CA LYS A 172 -23.07 18.25 7.76
C LYS A 172 -21.66 18.84 7.76
N TYR A 173 -20.87 18.56 6.71
CA TYR A 173 -19.57 19.15 6.55
C TYR A 173 -19.69 20.68 6.41
N ALA A 174 -20.62 21.17 5.55
CA ALA A 174 -20.89 22.60 5.38
C ALA A 174 -21.24 23.24 6.72
N ILE A 175 -22.09 22.56 7.55
CA ILE A 175 -22.47 23.03 8.89
C ILE A 175 -21.23 23.15 9.80
N ALA A 176 -20.37 22.13 9.83
CA ALA A 176 -19.15 22.16 10.62
C ALA A 176 -18.23 23.33 10.23
N VAL A 177 -17.98 23.56 8.92
CA VAL A 177 -17.16 24.67 8.48
C VAL A 177 -17.83 26.00 8.79
N ASN A 178 -19.15 26.08 8.61
CA ASN A 178 -19.91 27.29 8.91
C ASN A 178 -19.69 27.74 10.36
N ASP A 179 -19.71 26.76 11.30
CA ASP A 179 -19.58 27.07 12.71
C ASP A 179 -18.16 27.12 13.24
N LEU A 180 -17.27 26.28 12.73
CA LEU A 180 -15.94 26.13 13.28
C LEU A 180 -14.79 26.67 12.40
N GLY A 181 -15.03 26.81 11.11
CA GLY A 181 -14.04 27.25 10.15
C GLY A 181 -13.20 26.10 9.62
N THR A 182 -12.59 26.30 8.45
CA THR A 182 -11.72 25.36 7.74
C THR A 182 -10.60 24.81 8.62
N GLU A 183 -9.87 25.67 9.36
CA GLU A 183 -8.73 25.31 10.18
C GLU A 183 -9.08 24.26 11.26
N TYR A 184 -10.10 24.55 12.10
CA TYR A 184 -10.53 23.64 13.15
C TYR A 184 -11.02 22.34 12.54
N VAL A 185 -11.89 22.41 11.53
CA VAL A 185 -12.44 21.20 10.92
C VAL A 185 -11.36 20.28 10.34
N HIS A 186 -10.41 20.86 9.58
CA HIS A 186 -9.40 20.05 8.91
C HIS A 186 -8.22 19.61 9.77
N ARG A 187 -8.25 19.93 11.07
CA ARG A 187 -7.37 19.38 12.08
C ARG A 187 -7.79 17.91 12.34
N TYR A 188 -9.09 17.58 12.11
CA TYR A 188 -9.67 16.27 12.34
C TYR A 188 -9.93 15.49 11.06
N VAL A 189 -10.04 16.17 9.91
CA VAL A 189 -10.31 15.48 8.65
C VAL A 189 -9.46 16.04 7.50
N GLY A 190 -9.11 15.20 6.54
CA GLY A 190 -8.31 15.62 5.39
C GLY A 190 -9.14 16.33 4.33
N LYS A 191 -8.47 16.71 3.24
CA LYS A 191 -9.13 17.44 2.17
C LYS A 191 -8.79 16.91 0.78
N GLU A 192 -8.54 15.61 0.66
CA GLU A 192 -8.15 15.03 -0.63
C GLU A 192 -8.75 13.65 -0.86
N PRO A 193 -8.91 13.21 -2.12
CA PRO A 193 -9.32 11.82 -2.35
C PRO A 193 -8.21 10.86 -1.89
N SER A 194 -8.59 9.67 -1.40
CA SER A 194 -7.64 8.70 -0.87
C SER A 194 -6.74 8.10 -1.94
N GLY A 195 -7.27 7.90 -3.12
CA GLY A 195 -6.54 7.27 -4.20
C GLY A 195 -6.95 5.82 -4.37
N ASN A 199 -7.86 3.51 0.01
CA ASN A 199 -9.26 3.23 -0.37
C ASN A 199 -10.00 2.46 0.75
N LYS A 200 -9.43 1.31 1.20
CA LYS A 200 -9.94 0.46 2.29
C LYS A 200 -9.37 0.90 3.68
N LEU A 201 -8.52 1.95 3.71
CA LEU A 201 -7.92 2.49 4.92
C LEU A 201 -8.79 3.60 5.45
N PHE A 202 -9.03 3.60 6.77
CA PHE A 202 -9.85 4.64 7.42
C PHE A 202 -9.06 5.94 7.59
N LEU A 203 -7.70 5.85 7.72
CA LEU A 203 -6.85 7.01 7.95
C LEU A 203 -5.77 7.27 6.91
N ASN A 204 -5.47 8.55 6.69
CA ASN A 204 -4.40 8.97 5.80
C ASN A 204 -3.05 8.90 6.57
N GLU A 205 -1.95 9.31 5.94
CA GLU A 205 -0.63 9.28 6.59
C GLU A 205 -0.53 10.21 7.82
N ASP A 206 -1.37 11.26 7.92
CA ASP A 206 -1.42 12.17 9.07
C ASP A 206 -2.37 11.69 10.19
N ASP A 207 -2.87 10.44 10.10
CA ASP A 207 -3.77 9.76 11.03
C ASP A 207 -5.14 10.40 11.12
N LYS A 208 -5.62 10.92 10.00
CA LYS A 208 -6.96 11.50 9.93
C LYS A 208 -7.74 10.83 8.81
N PRO A 209 -9.07 10.76 8.89
CA PRO A 209 -9.86 10.29 7.73
C PRO A 209 -9.56 11.17 6.51
N HIS A 210 -9.42 10.56 5.34
CA HIS A 210 -8.96 11.22 4.13
C HIS A 210 -9.72 12.47 3.72
N ASN A 211 -11.03 12.46 3.88
CA ASN A 211 -11.89 13.56 3.51
C ASN A 211 -13.27 13.37 4.17
N PRO A 212 -14.16 14.38 4.17
CA PRO A 212 -15.48 14.20 4.80
C PRO A 212 -16.47 13.36 4.02
N MET A 213 -16.15 13.02 2.78
CA MET A 213 -17.07 12.32 1.90
C MET A 213 -16.98 10.79 2.03
N VAL A 214 -15.99 10.29 2.79
CA VAL A 214 -15.88 8.89 3.15
C VAL A 214 -16.44 8.70 4.57
N ASN A 215 -16.92 7.49 4.89
CA ASN A 215 -17.54 7.15 6.16
C ASN A 215 -16.76 7.58 7.39
N ALA A 216 -15.44 7.32 7.42
CA ALA A 216 -14.61 7.72 8.55
C ALA A 216 -14.53 9.24 8.74
N GLY A 217 -14.51 9.96 7.62
CA GLY A 217 -14.47 11.42 7.62
C GLY A 217 -15.79 12.00 8.06
N ALA A 218 -16.90 11.46 7.54
CA ALA A 218 -18.26 11.87 7.93
C ALA A 218 -18.54 11.58 9.40
N ILE A 219 -17.99 10.45 9.91
CA ILE A 219 -18.14 10.10 11.32
C ILE A 219 -17.38 11.11 12.19
N VAL A 220 -16.18 11.51 11.75
CA VAL A 220 -15.41 12.53 12.46
C VAL A 220 -16.10 13.92 12.40
N VAL A 221 -16.64 14.32 11.26
CA VAL A 221 -17.35 15.59 11.08
C VAL A 221 -18.58 15.62 11.96
N THR A 222 -19.29 14.48 12.08
CA THR A 222 -20.47 14.36 12.96
C THR A 222 -20.11 14.72 14.42
N SER A 223 -18.89 14.35 14.84
CA SER A 223 -18.37 14.61 16.19
C SER A 223 -17.94 16.06 16.44
N LEU A 224 -17.80 16.87 15.38
CA LEU A 224 -17.42 18.26 15.52
C LEU A 224 -18.62 19.21 15.73
N ILE A 225 -19.80 18.80 15.25
CA ILE A 225 -21.01 19.61 15.31
C ILE A 225 -21.65 19.68 16.70
N LYS A 226 -21.94 20.91 17.18
CA LYS A 226 -22.60 21.20 18.46
C LYS A 226 -22.10 20.33 19.60
N GLN A 227 -20.79 20.37 19.83
CA GLN A 227 -20.19 19.59 20.90
C GLN A 227 -20.68 20.07 22.26
N GLY A 228 -20.86 19.14 23.18
CA GLY A 228 -21.33 19.47 24.52
C GLY A 228 -22.81 19.26 24.75
N VAL A 229 -23.65 19.33 23.69
CA VAL A 229 -25.10 19.13 23.86
C VAL A 229 -25.51 17.68 23.53
N ASN A 230 -26.70 17.25 23.98
CA ASN A 230 -27.17 15.89 23.71
C ASN A 230 -27.54 15.72 22.22
N ASN A 231 -27.62 14.45 21.76
CA ASN A 231 -27.97 14.07 20.38
C ASN A 231 -29.29 14.63 19.93
N ALA A 232 -30.23 14.86 20.85
CA ALA A 232 -31.54 15.44 20.51
C ALA A 232 -31.35 16.91 20.09
N GLU A 233 -30.53 17.67 20.85
CA GLU A 233 -30.22 19.06 20.54
C GLU A 233 -29.33 19.17 19.32
N LYS A 234 -28.40 18.20 19.14
CA LYS A 234 -27.52 18.15 17.99
C LYS A 234 -28.36 17.91 16.74
N PHE A 235 -29.31 16.96 16.78
CA PHE A 235 -30.15 16.64 15.63
C PHE A 235 -31.02 17.82 15.28
N ASP A 236 -31.65 18.45 16.29
CA ASP A 236 -32.49 19.63 16.05
C ASP A 236 -31.72 20.76 15.44
N TYR A 237 -30.48 20.95 15.88
CA TYR A 237 -29.64 21.98 15.32
C TYR A 237 -29.36 21.74 13.83
N VAL A 238 -29.00 20.52 13.45
CA VAL A 238 -28.74 20.20 12.04
C VAL A 238 -30.03 20.31 11.20
N MET A 239 -31.17 19.88 11.76
CA MET A 239 -32.47 19.98 11.10
C MET A 239 -32.83 21.42 10.80
N GLN A 240 -32.51 22.35 11.69
CA GLN A 240 -32.79 23.76 11.47
C GLN A 240 -31.99 24.32 10.29
N PHE A 241 -30.77 23.82 10.10
CA PHE A 241 -29.91 24.18 8.99
C PHE A 241 -30.46 23.59 7.69
N LEU A 242 -30.83 22.29 7.68
CA LEU A 242 -31.38 21.60 6.52
C LEU A 242 -32.72 22.20 6.09
N ASN A 243 -33.53 22.67 7.06
CA ASN A 243 -34.81 23.32 6.79
C ASN A 243 -34.55 24.62 6.05
N LYS A 244 -33.59 25.42 6.51
CA LYS A 244 -33.24 26.67 5.81
C LYS A 244 -32.62 26.40 4.42
N MET A 245 -31.75 25.39 4.27
CA MET A 245 -31.16 25.07 2.95
C MET A 245 -32.22 24.66 1.93
N ALA A 246 -33.26 23.95 2.38
CA ALA A 246 -34.31 23.50 1.50
C ALA A 246 -35.48 24.48 1.32
N GLY A 247 -35.34 25.72 1.79
CA GLY A 247 -36.39 26.72 1.69
C GLY A 247 -37.65 26.35 2.45
N ASN A 248 -37.46 25.63 3.58
CA ASN A 248 -38.51 25.11 4.46
C ASN A 248 -39.37 24.02 3.76
N GLU A 249 -38.84 23.41 2.71
CA GLU A 249 -39.52 22.31 2.03
C GLU A 249 -39.16 21.00 2.76
N TYR A 250 -39.80 19.87 2.39
CA TYR A 250 -39.72 18.60 3.08
C TYR A 250 -38.32 18.13 3.48
N VAL A 251 -38.16 18.02 4.80
CA VAL A 251 -37.00 17.45 5.47
C VAL A 251 -37.64 16.66 6.59
N GLY A 252 -37.57 15.34 6.49
CA GLY A 252 -38.15 14.46 7.49
C GLY A 252 -37.13 13.52 8.08
N PHE A 253 -37.61 12.44 8.69
CA PHE A 253 -36.76 11.45 9.33
C PHE A 253 -37.37 10.08 9.20
N SER A 254 -36.54 9.06 8.95
CA SER A 254 -37.04 7.69 8.89
C SER A 254 -36.47 6.90 10.06
N ASN A 255 -37.25 6.75 11.14
CA ASN A 255 -36.79 5.98 12.30
C ASN A 255 -36.64 4.52 11.92
N ALA A 256 -37.50 4.01 11.00
CA ALA A 256 -37.43 2.64 10.48
C ALA A 256 -36.05 2.39 9.87
N THR A 257 -35.54 3.33 9.06
CA THR A 257 -34.23 3.25 8.44
C THR A 257 -33.13 3.35 9.49
N PHE A 258 -33.25 4.29 10.43
CA PHE A 258 -32.31 4.51 11.51
C PHE A 258 -32.09 3.25 12.36
N GLN A 259 -33.18 2.63 12.86
CA GLN A 259 -33.08 1.41 13.65
C GLN A 259 -32.41 0.29 12.85
N SER A 260 -32.64 0.22 11.55
CA SER A 260 -32.03 -0.81 10.71
C SER A 260 -30.55 -0.53 10.47
N GLU A 261 -30.17 0.75 10.37
CA GLU A 261 -28.80 1.17 10.15
C GLU A 261 -27.95 0.87 11.37
N ARG A 262 -28.47 1.17 12.58
CA ARG A 262 -27.75 0.93 13.83
C ARG A 262 -27.61 -0.54 14.17
N GLU A 263 -28.53 -1.38 13.68
CA GLU A 263 -28.53 -2.82 13.91
C GLU A 263 -27.51 -3.53 13.00
N SER A 264 -27.33 -3.03 11.78
CA SER A 264 -26.42 -3.65 10.82
C SER A 264 -25.22 -2.76 10.44
N GLY A 265 -24.80 -1.89 11.36
CA GLY A 265 -23.69 -1.00 11.11
C GLY A 265 -22.36 -1.46 11.68
N ASP A 266 -22.00 -2.75 11.50
CA ASP A 266 -20.71 -3.31 11.96
C ASP A 266 -19.53 -2.58 11.34
N ARG A 267 -19.66 -2.22 10.05
CA ARG A 267 -18.68 -1.49 9.26
C ARG A 267 -18.40 -0.12 9.91
N ASN A 268 -19.45 0.57 10.35
CA ASN A 268 -19.35 1.88 10.98
C ASN A 268 -18.86 1.79 12.43
N PHE A 269 -19.21 0.71 13.13
CA PHE A 269 -18.72 0.43 14.47
C PHE A 269 -17.21 0.13 14.42
N ALA A 270 -16.74 -0.54 13.35
CA ALA A 270 -15.31 -0.82 13.19
C ALA A 270 -14.55 0.51 13.02
N ILE A 271 -15.11 1.43 12.23
CA ILE A 271 -14.53 2.75 12.00
C ILE A 271 -14.50 3.51 13.32
N GLY A 272 -15.60 3.50 14.05
CA GLY A 272 -15.77 4.18 15.32
C GLY A 272 -14.74 3.78 16.36
N TYR A 273 -14.59 2.47 16.59
CA TYR A 273 -13.57 2.01 17.54
C TYR A 273 -12.15 2.30 17.04
N TYR A 274 -11.94 2.33 15.70
CA TYR A 274 -10.64 2.62 15.13
C TYR A 274 -10.26 4.08 15.33
N LEU A 275 -11.22 5.00 15.12
CA LEU A 275 -11.03 6.43 15.32
C LEU A 275 -10.88 6.74 16.79
N LYS A 276 -11.62 6.05 17.65
CA LYS A 276 -11.53 6.25 19.08
C LYS A 276 -10.16 5.81 19.56
N GLU A 277 -9.69 4.65 19.07
CA GLU A 277 -8.37 4.11 19.39
C GLU A 277 -7.26 5.06 18.93
N LYS A 278 -7.41 5.61 17.72
CA LYS A 278 -6.40 6.49 17.16
C LYS A 278 -6.49 7.95 17.61
N LYS A 279 -7.37 8.27 18.57
CA LYS A 279 -7.61 9.61 19.12
C LYS A 279 -7.94 10.60 18.02
N CYS A 280 -8.88 10.22 17.16
CA CYS A 280 -9.30 11.00 16.01
C CYS A 280 -10.42 12.02 16.28
N PHE A 281 -11.13 11.84 17.38
CA PHE A 281 -12.25 12.67 17.77
C PHE A 281 -11.83 13.82 18.69
N PRO A 282 -12.60 14.94 18.75
CA PRO A 282 -12.27 15.99 19.75
C PRO A 282 -12.37 15.43 21.18
N GLU A 283 -11.57 15.98 22.10
CA GLU A 283 -11.56 15.51 23.49
C GLU A 283 -12.97 15.39 24.13
N GLY A 284 -13.18 14.32 24.90
CA GLY A 284 -14.46 14.07 25.56
C GLY A 284 -15.63 13.70 24.66
N THR A 285 -15.35 13.10 23.50
CA THR A 285 -16.37 12.65 22.55
C THR A 285 -16.87 11.28 23.01
N ASP A 286 -18.18 11.04 22.91
CA ASP A 286 -18.74 9.72 23.21
C ASP A 286 -18.94 9.07 21.84
N MET A 287 -18.02 8.19 21.45
CA MET A 287 -18.02 7.54 20.13
C MET A 287 -19.31 6.82 19.77
N VAL A 288 -19.90 6.08 20.71
CA VAL A 288 -21.13 5.34 20.46
C VAL A 288 -22.34 6.27 20.20
N GLY A 289 -22.34 7.42 20.88
CA GLY A 289 -23.37 8.43 20.71
C GLY A 289 -23.22 9.12 19.38
N ILE A 290 -21.96 9.34 18.95
CA ILE A 290 -21.64 9.93 17.66
C ILE A 290 -22.09 8.98 16.56
N LEU A 291 -21.87 7.68 16.72
CA LEU A 291 -22.33 6.70 15.73
C LEU A 291 -23.83 6.71 15.60
N ASP A 292 -24.53 6.79 16.73
CA ASP A 292 -25.97 6.92 16.86
C ASP A 292 -26.49 8.17 16.14
N PHE A 293 -25.87 9.36 16.38
CA PHE A 293 -26.18 10.63 15.74
C PHE A 293 -25.91 10.52 14.24
N TYR A 294 -24.79 9.88 13.85
CA TYR A 294 -24.41 9.64 12.47
C TYR A 294 -25.49 8.81 11.75
N PHE A 295 -26.00 7.75 12.38
CA PHE A 295 -27.08 6.93 11.79
C PHE A 295 -28.38 7.76 11.63
N GLN A 296 -28.62 8.70 12.55
CA GLN A 296 -29.79 9.57 12.48
C GLN A 296 -29.64 10.56 11.31
N LEU A 297 -28.41 11.05 11.08
CA LEU A 297 -28.14 11.96 9.98
C LEU A 297 -28.38 11.29 8.64
N CYS A 298 -28.02 10.01 8.52
CA CYS A 298 -28.22 9.19 7.33
C CYS A 298 -29.70 8.92 7.04
N SER A 299 -30.52 8.84 8.08
CA SER A 299 -31.94 8.56 7.99
C SER A 299 -32.82 9.78 7.73
N ILE A 300 -32.24 10.96 7.57
CA ILE A 300 -33.02 12.17 7.26
C ILE A 300 -33.58 12.00 5.84
N GLU A 301 -34.88 12.27 5.67
CA GLU A 301 -35.60 12.12 4.41
C GLU A 301 -35.77 13.44 3.72
N VAL A 302 -35.73 13.41 2.41
CA VAL A 302 -35.97 14.54 1.51
C VAL A 302 -36.77 13.97 0.32
N THR A 303 -37.33 14.85 -0.51
CA THR A 303 -37.90 14.47 -1.79
C THR A 303 -36.89 15.05 -2.81
N CYS A 304 -37.06 14.78 -4.12
CA CYS A 304 -36.17 15.36 -5.15
C CYS A 304 -36.26 16.88 -5.10
N GLU A 305 -37.49 17.41 -4.94
CA GLU A 305 -37.76 18.85 -4.94
C GLU A 305 -37.08 19.59 -3.80
N SER A 306 -37.29 19.15 -2.55
CA SER A 306 -36.70 19.79 -1.38
C SER A 306 -35.16 19.64 -1.35
N ALA A 307 -34.65 18.49 -1.85
CA ALA A 307 -33.20 18.29 -1.91
C ALA A 307 -32.57 19.09 -3.03
N SER A 308 -33.31 19.39 -4.11
CA SER A 308 -32.78 20.25 -5.18
C SER A 308 -32.61 21.68 -4.67
N VAL A 309 -33.44 22.12 -3.69
CA VAL A 309 -33.30 23.45 -3.10
C VAL A 309 -32.05 23.50 -2.22
N MET A 310 -31.71 22.38 -1.54
CA MET A 310 -30.50 22.29 -0.72
C MET A 310 -29.28 22.46 -1.58
N ALA A 311 -29.26 21.75 -2.73
CA ALA A 311 -28.17 21.80 -3.70
C ALA A 311 -28.08 23.21 -4.32
N ALA A 312 -29.24 23.88 -4.55
CA ALA A 312 -29.24 25.23 -5.09
C ALA A 312 -28.72 26.26 -4.09
N THR A 313 -28.85 26.01 -2.78
CA THR A 313 -28.28 26.86 -1.73
C THR A 313 -26.73 26.76 -1.85
N LEU A 314 -26.21 25.55 -2.14
CA LEU A 314 -24.78 25.32 -2.37
C LEU A 314 -24.34 25.95 -3.66
N ALA A 315 -25.20 25.93 -4.69
CA ALA A 315 -24.92 26.58 -5.98
C ALA A 315 -24.96 28.10 -5.91
N ASN A 316 -25.67 28.66 -4.90
CA ASN A 316 -25.90 30.08 -4.73
C ASN A 316 -25.07 30.75 -3.62
N GLY A 317 -23.94 30.14 -3.27
CA GLY A 317 -23.02 30.71 -2.29
C GLY A 317 -23.52 30.78 -0.87
N GLY A 318 -24.41 29.86 -0.52
CA GLY A 318 -24.94 29.80 0.82
C GLY A 318 -26.24 30.50 1.05
N PHE A 319 -26.79 31.16 0.04
CA PHE A 319 -28.10 31.79 0.16
C PHE A 319 -29.14 30.84 -0.45
N CYS A 320 -30.28 30.66 0.23
CA CYS A 320 -31.36 29.83 -0.27
C CYS A 320 -32.07 30.58 -1.40
N PRO A 321 -32.08 30.03 -2.63
CA PRO A 321 -32.66 30.77 -3.76
C PRO A 321 -34.16 31.06 -3.67
N ILE A 322 -34.96 30.20 -3.00
CA ILE A 322 -36.39 30.44 -2.91
C ILE A 322 -36.81 31.28 -1.70
N THR A 323 -35.90 31.56 -0.76
CA THR A 323 -36.26 32.42 0.40
C THR A 323 -35.42 33.70 0.48
N GLY A 324 -34.22 33.67 -0.08
CA GLY A 324 -33.25 34.76 -0.04
C GLY A 324 -32.45 34.78 1.26
N GLU A 325 -32.57 33.74 2.07
CA GLU A 325 -31.95 33.66 3.37
C GLU A 325 -30.50 33.13 3.32
N ARG A 326 -29.60 33.71 4.12
CA ARG A 326 -28.22 33.27 4.21
C ARG A 326 -28.21 32.08 5.16
N VAL A 327 -27.91 30.92 4.63
CA VAL A 327 -27.91 29.69 5.40
C VAL A 327 -26.50 29.26 5.81
N LEU A 328 -25.53 29.36 4.90
CA LEU A 328 -24.15 28.96 5.17
C LEU A 328 -23.17 30.03 4.71
N SER A 329 -21.96 30.05 5.29
CA SER A 329 -20.93 31.01 4.90
C SER A 329 -20.37 30.66 3.51
N PRO A 330 -19.86 31.63 2.73
CA PRO A 330 -19.26 31.28 1.44
C PRO A 330 -18.07 30.31 1.60
N GLU A 331 -17.31 30.43 2.70
CA GLU A 331 -16.19 29.51 3.03
C GLU A 331 -16.70 28.05 3.12
N ALA A 332 -17.84 27.84 3.80
CA ALA A 332 -18.42 26.53 4.01
C ALA A 332 -18.82 25.89 2.72
N VAL A 333 -19.48 26.67 1.82
CA VAL A 333 -19.97 26.26 0.51
C VAL A 333 -18.84 25.98 -0.47
N ARG A 334 -17.83 26.85 -0.50
CA ARG A 334 -16.68 26.65 -1.37
C ARG A 334 -15.93 25.34 -1.00
N ASN A 335 -15.74 25.06 0.29
CA ASN A 335 -15.05 23.85 0.75
C ASN A 335 -15.83 22.58 0.40
N THR A 336 -17.16 22.63 0.57
CA THR A 336 -18.06 21.52 0.33
C THR A 336 -18.04 21.15 -1.14
N LEU A 337 -18.14 22.16 -2.04
CA LEU A 337 -18.12 21.93 -3.48
C LEU A 337 -16.74 21.39 -3.94
N SER A 338 -15.65 21.88 -3.33
CA SER A 338 -14.29 21.40 -3.60
C SER A 338 -14.17 19.92 -3.31
N LEU A 339 -14.75 19.47 -2.17
CA LEU A 339 -14.66 18.07 -1.75
C LEU A 339 -15.73 17.18 -2.40
N MET A 340 -16.84 17.76 -2.85
CA MET A 340 -17.89 17.03 -3.57
C MET A 340 -17.38 16.73 -4.99
N HIS A 341 -16.64 17.66 -5.58
CA HIS A 341 -16.07 17.53 -6.90
C HIS A 341 -15.05 16.37 -6.93
N SER A 342 -14.13 16.31 -5.97
CA SER A 342 -13.09 15.28 -5.98
C SER A 342 -13.39 13.99 -5.25
N CYS A 343 -14.30 13.97 -4.24
CA CYS A 343 -14.55 12.74 -3.48
C CYS A 343 -16.02 12.39 -3.30
N GLY A 344 -16.92 13.05 -4.02
CA GLY A 344 -18.35 12.82 -3.84
C GLY A 344 -19.01 11.57 -4.39
N MET A 345 -18.37 10.86 -5.33
CA MET A 345 -19.01 9.70 -5.97
C MET A 345 -18.35 8.35 -5.72
N TYR A 346 -17.77 8.19 -4.53
CA TYR A 346 -17.07 6.98 -4.09
C TYR A 346 -15.88 6.68 -5.04
N ASP A 347 -15.69 5.43 -5.52
CA ASP A 347 -14.58 5.13 -6.42
C ASP A 347 -14.76 5.68 -7.83
N PHE A 348 -15.95 6.20 -8.17
CA PHE A 348 -16.13 6.87 -9.45
C PHE A 348 -15.79 8.36 -9.37
N SER A 349 -15.26 8.86 -8.24
CA SER A 349 -15.00 10.27 -8.06
C SER A 349 -14.09 10.87 -9.08
N GLY A 350 -12.94 10.24 -9.30
CA GLY A 350 -11.98 10.74 -10.28
C GLY A 350 -12.52 10.77 -11.69
N GLN A 351 -13.27 9.70 -12.08
CA GLN A 351 -13.87 9.60 -13.42
C GLN A 351 -14.96 10.64 -13.59
N PHE A 352 -15.76 10.86 -12.54
CA PHE A 352 -16.84 11.84 -12.52
C PHE A 352 -16.26 13.22 -12.58
N ALA A 353 -15.20 13.50 -11.82
CA ALA A 353 -14.56 14.81 -11.81
C ALA A 353 -13.99 15.13 -13.20
N PHE A 354 -13.41 14.14 -13.86
CA PHE A 354 -12.86 14.32 -15.19
C PHE A 354 -13.93 14.51 -16.26
N HIS A 355 -14.90 13.58 -16.33
CA HIS A 355 -15.91 13.57 -17.39
C HIS A 355 -17.12 14.48 -17.17
N VAL A 356 -17.58 14.63 -15.93
CA VAL A 356 -18.76 15.43 -15.63
C VAL A 356 -18.33 16.81 -15.12
N GLY A 357 -17.31 16.86 -14.28
CA GLY A 357 -16.79 18.12 -13.78
C GLY A 357 -17.80 18.92 -12.99
N LEU A 358 -18.63 18.25 -12.19
CA LEU A 358 -19.62 18.94 -11.36
C LEU A 358 -19.52 18.47 -9.92
N PRO A 359 -19.59 19.38 -8.92
CA PRO A 359 -19.64 18.90 -7.52
C PRO A 359 -20.90 18.06 -7.32
N ALA A 360 -20.72 16.80 -6.95
CA ALA A 360 -21.85 15.91 -6.73
C ALA A 360 -21.64 14.96 -5.55
N LYS A 361 -22.74 14.47 -4.95
CA LYS A 361 -22.65 13.52 -3.85
C LYS A 361 -23.71 12.45 -4.00
N SER A 362 -23.33 11.18 -3.93
CA SER A 362 -24.30 10.09 -4.05
C SER A 362 -24.59 9.44 -2.70
N GLY A 363 -25.72 8.74 -2.62
CA GLY A 363 -26.14 7.97 -1.46
C GLY A 363 -26.66 6.61 -1.90
N VAL A 364 -26.73 5.68 -0.96
CA VAL A 364 -27.12 4.30 -1.21
C VAL A 364 -28.66 4.15 -1.49
N ALA A 365 -29.45 5.19 -1.19
CA ALA A 365 -30.87 5.21 -1.52
C ALA A 365 -31.12 5.52 -3.02
N GLY A 366 -30.12 6.05 -3.72
CA GLY A 366 -30.23 6.34 -5.15
C GLY A 366 -30.17 7.81 -5.51
N GLY A 367 -29.97 8.66 -4.53
CA GLY A 367 -29.89 10.09 -4.77
C GLY A 367 -28.50 10.50 -5.21
N ILE A 368 -28.46 11.57 -6.00
CA ILE A 368 -27.24 12.24 -6.42
C ILE A 368 -27.51 13.71 -6.24
N LEU A 369 -26.94 14.30 -5.20
CA LEU A 369 -27.06 15.71 -4.90
C LEU A 369 -26.08 16.39 -5.89
N LEU A 370 -26.59 17.14 -6.86
CA LEU A 370 -25.76 17.70 -7.92
C LEU A 370 -25.78 19.21 -7.87
N VAL A 371 -24.61 19.85 -8.01
CA VAL A 371 -24.53 21.30 -8.01
C VAL A 371 -23.86 21.79 -9.29
N VAL A 372 -24.46 22.80 -9.95
CA VAL A 372 -23.85 23.51 -11.07
C VAL A 372 -23.64 24.92 -10.50
N PRO A 373 -22.44 25.19 -9.96
CA PRO A 373 -22.19 26.48 -9.31
C PRO A 373 -22.65 27.69 -10.12
N ASN A 374 -23.26 28.69 -9.42
CA ASN A 374 -23.80 29.92 -10.03
C ASN A 374 -24.96 29.69 -10.98
N VAL A 375 -25.41 28.42 -11.16
CA VAL A 375 -26.49 28.14 -12.10
C VAL A 375 -27.69 27.49 -11.43
N MET A 376 -27.50 26.34 -10.76
CA MET A 376 -28.62 25.62 -10.19
C MET A 376 -28.16 24.43 -9.34
N GLY A 377 -29.09 23.92 -8.55
CA GLY A 377 -28.92 22.67 -7.83
C GLY A 377 -29.88 21.63 -8.38
N MET A 378 -29.56 20.36 -8.18
CA MET A 378 -30.39 19.26 -8.64
C MET A 378 -30.37 18.11 -7.66
N MET A 379 -31.41 17.28 -7.74
CA MET A 379 -31.46 16.02 -7.03
C MET A 379 -31.97 15.00 -8.02
N CYS A 380 -31.13 14.06 -8.41
CA CYS A 380 -31.48 12.94 -9.29
C CYS A 380 -31.70 11.77 -8.36
N TRP A 381 -32.81 11.03 -8.51
CA TRP A 381 -33.07 9.91 -7.61
C TRP A 381 -33.65 8.69 -8.27
N SER A 382 -32.92 7.59 -8.18
CA SER A 382 -33.41 6.31 -8.61
C SER A 382 -32.73 5.26 -7.74
N PRO A 383 -33.53 4.41 -7.05
CA PRO A 383 -32.94 3.39 -6.14
C PRO A 383 -31.86 2.42 -6.72
N PRO A 384 -31.92 1.91 -7.97
CA PRO A 384 -30.88 0.94 -8.41
C PRO A 384 -29.49 1.56 -8.61
N LEU A 385 -28.49 0.97 -7.96
CA LEU A 385 -27.11 1.43 -7.99
C LEU A 385 -26.21 0.55 -8.85
N ASP A 386 -25.08 1.08 -9.28
CA ASP A 386 -24.07 0.33 -10.00
C ASP A 386 -23.07 -0.31 -9.00
N LYS A 387 -22.05 -1.04 -9.50
CA LYS A 387 -21.05 -1.66 -8.63
C LYS A 387 -20.30 -0.67 -7.74
N MET A 388 -20.31 0.62 -8.08
CA MET A 388 -19.67 1.67 -7.28
C MET A 388 -20.56 2.22 -6.15
N GLY A 389 -21.87 1.94 -6.20
CA GLY A 389 -22.84 2.45 -5.26
C GLY A 389 -23.59 3.68 -5.78
N ASN A 390 -23.33 4.07 -7.04
CA ASN A 390 -23.95 5.24 -7.62
C ASN A 390 -25.16 4.85 -8.40
N SER A 391 -26.22 5.65 -8.30
CA SER A 391 -27.46 5.45 -9.03
C SER A 391 -27.21 5.42 -10.53
N VAL A 392 -27.55 4.31 -11.20
CA VAL A 392 -27.38 4.11 -12.64
C VAL A 392 -28.06 5.22 -13.45
N LYS A 393 -29.36 5.49 -13.20
CA LYS A 393 -30.09 6.52 -13.92
C LYS A 393 -29.49 7.90 -13.70
N GLY A 394 -29.06 8.17 -12.48
CA GLY A 394 -28.45 9.45 -12.12
C GLY A 394 -27.11 9.68 -12.79
N ILE A 395 -26.27 8.63 -12.85
CA ILE A 395 -24.95 8.70 -13.49
C ILE A 395 -25.10 9.04 -14.96
N HIS A 396 -25.93 8.28 -15.68
CA HIS A 396 -26.22 8.43 -17.10
C HIS A 396 -26.77 9.84 -17.37
N PHE A 397 -27.68 10.33 -16.50
CA PHE A 397 -28.27 11.66 -16.60
C PHE A 397 -27.18 12.76 -16.49
N CYS A 398 -26.25 12.64 -15.53
CA CYS A 398 -25.17 13.59 -15.33
C CYS A 398 -24.26 13.66 -16.54
N HIS A 399 -23.95 12.51 -17.15
CA HIS A 399 -23.11 12.49 -18.34
C HIS A 399 -23.80 13.17 -19.52
N ASP A 400 -25.12 12.96 -19.66
CA ASP A 400 -25.92 13.56 -20.73
C ASP A 400 -26.05 15.05 -20.54
N LEU A 401 -26.20 15.49 -19.28
CA LEU A 401 -26.32 16.90 -18.97
C LEU A 401 -25.07 17.67 -19.42
N VAL A 402 -23.88 17.16 -19.12
CA VAL A 402 -22.63 17.84 -19.47
C VAL A 402 -22.30 17.72 -20.97
N SER A 403 -22.77 16.65 -21.64
CA SER A 403 -22.58 16.49 -23.09
C SER A 403 -23.40 17.55 -23.85
N LEU A 404 -24.61 17.82 -23.36
CA LEU A 404 -25.51 18.77 -23.97
C LEU A 404 -25.14 20.20 -23.63
N CYS A 405 -24.86 20.49 -22.34
CA CYS A 405 -24.62 21.84 -21.83
C CYS A 405 -23.20 22.10 -21.41
N ASN A 406 -22.76 23.37 -21.55
CA ASN A 406 -21.41 23.77 -21.13
C ASN A 406 -21.34 24.03 -19.62
N PHE A 407 -21.72 23.00 -18.86
CA PHE A 407 -21.74 23.06 -17.42
C PHE A 407 -20.53 22.43 -16.77
N HIS A 408 -19.66 21.73 -17.54
CA HIS A 408 -18.45 21.11 -16.98
C HIS A 408 -17.59 22.19 -16.34
N ASN A 409 -17.04 21.88 -15.19
CA ASN A 409 -16.21 22.74 -14.34
C ASN A 409 -15.21 23.55 -15.15
N TYR A 410 -14.64 22.90 -16.18
CA TYR A 410 -13.62 23.45 -17.05
C TYR A 410 -14.05 23.61 -18.50
N ASP A 411 -15.35 23.73 -18.73
CA ASP A 411 -15.88 24.09 -20.04
C ASP A 411 -15.70 25.61 -20.12
N ASN A 412 -15.34 26.12 -21.29
CA ASN A 412 -15.18 27.55 -21.43
C ASN A 412 -16.58 28.19 -21.63
N LEU A 413 -16.85 29.31 -20.95
CA LEU A 413 -18.12 30.02 -21.08
C LEU A 413 -18.18 30.86 -22.36
N ARG A 414 -17.10 31.00 -23.14
CA ARG A 414 -17.09 31.79 -24.37
C ARG A 414 -16.96 30.92 -25.64
N HIS A 415 -16.06 29.94 -25.60
CA HIS A 415 -15.78 29.03 -26.71
C HIS A 415 -16.04 27.61 -26.23
N PHE A 416 -17.27 27.14 -26.44
CA PHE A 416 -17.69 25.83 -25.92
C PHE A 416 -18.06 24.81 -26.99
N ALA A 417 -17.62 25.02 -28.23
CA ALA A 417 -17.89 24.11 -29.35
C ALA A 417 -19.46 23.96 -29.61
N LYS A 418 -20.05 22.77 -29.94
CA LYS A 418 -21.47 22.64 -30.22
C LYS A 418 -22.32 22.38 -28.96
N LYS A 419 -21.80 22.74 -27.79
CA LYS A 419 -22.57 22.60 -26.56
C LYS A 419 -23.55 23.75 -26.47
N LEU A 420 -24.62 23.53 -25.73
CA LEU A 420 -25.69 24.48 -25.51
C LEU A 420 -25.40 25.24 -24.20
N ASP A 421 -25.65 26.56 -24.17
CA ASP A 421 -25.45 27.33 -22.96
C ASP A 421 -26.79 27.90 -22.54
N PRO A 422 -27.44 27.29 -21.54
CA PRO A 422 -28.76 27.77 -21.12
C PRO A 422 -28.78 29.14 -20.45
N ARG A 423 -27.60 29.71 -20.15
CA ARG A 423 -27.49 31.06 -19.62
C ARG A 423 -27.65 32.14 -20.71
N ARG A 424 -27.67 31.75 -22.00
CA ARG A 424 -27.78 32.64 -23.14
C ARG A 424 -29.16 32.59 -23.77
N GLU A 425 -29.58 33.68 -24.41
CA GLU A 425 -30.90 33.73 -25.04
C GLU A 425 -31.00 32.86 -26.29
N GLY A 426 -29.90 32.73 -27.02
CA GLY A 426 -29.85 31.92 -28.23
C GLY A 426 -29.26 32.66 -29.43
N PRO B 17 23.06 -57.91 36.00
CA PRO B 17 22.00 -57.95 34.98
C PRO B 17 20.83 -57.03 35.31
N SER B 18 20.49 -56.91 36.61
CA SER B 18 19.38 -56.06 37.04
C SER B 18 19.75 -54.60 36.89
N LEU B 19 18.94 -53.83 36.15
CA LEU B 19 19.14 -52.40 35.93
C LEU B 19 19.29 -51.63 37.24
N GLU B 20 18.52 -52.04 38.26
CA GLU B 20 18.53 -51.41 39.58
C GLU B 20 19.86 -51.69 40.28
N ASP B 21 20.35 -52.94 40.18
CA ASP B 21 21.62 -53.36 40.76
C ASP B 21 22.75 -52.59 40.09
N LEU B 22 22.71 -52.49 38.74
CA LEU B 22 23.72 -51.77 37.96
C LEU B 22 23.78 -50.31 38.39
N LEU B 23 22.61 -49.66 38.50
CA LEU B 23 22.52 -48.27 38.91
C LEU B 23 23.00 -48.09 40.34
N PHE B 24 22.70 -49.06 41.23
CA PHE B 24 23.14 -49.05 42.62
C PHE B 24 24.65 -49.04 42.69
N TYR B 25 25.33 -49.93 41.96
CA TYR B 25 26.79 -50.00 42.01
C TYR B 25 27.47 -48.70 41.52
N THR B 26 26.85 -47.98 40.56
CA THR B 26 27.46 -46.75 40.06
C THR B 26 27.32 -45.60 41.07
N ILE B 27 26.23 -45.56 41.82
CA ILE B 27 25.99 -44.51 42.80
C ILE B 27 26.68 -44.82 44.15
N ALA B 28 26.82 -46.12 44.49
CA ALA B 28 27.43 -46.57 45.75
C ALA B 28 28.92 -46.30 45.81
N GLU B 29 29.61 -46.40 44.66
CA GLU B 29 31.04 -46.18 44.52
C GLU B 29 31.87 -47.04 45.47
N GLY B 30 31.65 -48.35 45.39
CA GLY B 30 32.36 -49.33 46.21
C GLY B 30 31.85 -49.53 47.61
N GLN B 31 30.91 -48.68 48.05
CA GLN B 31 30.35 -48.79 49.39
C GLN B 31 29.20 -49.78 49.44
N GLU B 32 28.92 -50.31 50.64
CA GLU B 32 27.84 -51.28 50.84
C GLU B 32 26.47 -50.59 50.75
N LYS B 33 26.38 -49.32 51.19
CA LYS B 33 25.12 -48.59 51.17
C LYS B 33 25.29 -47.17 50.65
N ILE B 34 24.25 -46.65 50.01
CA ILE B 34 24.24 -45.29 49.52
C ILE B 34 23.40 -44.48 50.47
N PRO B 35 23.90 -43.37 51.05
CA PRO B 35 23.02 -42.52 51.87
C PRO B 35 21.98 -41.84 50.96
N VAL B 36 20.74 -41.64 51.44
CA VAL B 36 19.68 -41.04 50.62
C VAL B 36 20.07 -39.67 50.06
N HIS B 37 20.72 -38.82 50.86
CA HIS B 37 21.15 -37.49 50.43
C HIS B 37 22.13 -37.58 49.27
N LYS B 38 22.96 -38.63 49.22
CA LYS B 38 23.93 -38.82 48.14
C LYS B 38 23.19 -39.11 46.84
N PHE B 39 22.17 -39.96 46.88
CA PHE B 39 21.37 -40.30 45.71
C PHE B 39 20.56 -39.10 45.25
N ILE B 40 20.00 -38.34 46.19
CA ILE B 40 19.19 -37.15 45.88
C ILE B 40 20.07 -36.06 45.27
N THR B 41 21.29 -35.89 45.78
CA THR B 41 22.24 -34.90 45.26
C THR B 41 22.64 -35.28 43.83
N ALA B 42 22.94 -36.57 43.61
CA ALA B 42 23.33 -37.06 42.30
C ALA B 42 22.16 -36.95 41.31
N LEU B 43 20.93 -37.25 41.76
CA LEU B 43 19.74 -37.13 40.93
C LEU B 43 19.56 -35.65 40.49
N LYS B 44 19.63 -34.73 41.43
CA LYS B 44 19.45 -33.32 41.15
C LYS B 44 20.51 -32.79 40.19
N SER B 45 21.72 -33.36 40.21
CA SER B 45 22.80 -32.93 39.33
C SER B 45 22.50 -33.20 37.86
N THR B 46 21.72 -34.27 37.56
CA THR B 46 21.29 -34.60 36.21
C THR B 46 20.33 -33.53 35.59
N GLY B 47 19.81 -32.63 36.43
CA GLY B 47 18.85 -31.61 36.03
C GLY B 47 17.43 -31.89 36.46
N LEU B 48 17.14 -33.13 36.91
CA LEU B 48 15.78 -33.47 37.32
C LEU B 48 15.44 -32.92 38.67
N ARG B 49 14.17 -32.58 38.87
CA ARG B 49 13.71 -32.14 40.18
C ARG B 49 13.11 -33.33 40.93
N THR B 50 13.29 -33.40 42.26
CA THR B 50 12.71 -34.50 43.03
C THR B 50 11.18 -34.54 42.87
N SER B 51 10.55 -33.36 42.69
CA SER B 51 9.12 -33.22 42.48
C SER B 51 8.64 -33.60 41.06
N ASP B 52 9.55 -34.07 40.18
CA ASP B 52 9.19 -34.50 38.81
C ASP B 52 8.08 -35.53 38.85
N PRO B 53 6.94 -35.25 38.21
CA PRO B 53 5.83 -36.23 38.25
C PRO B 53 6.20 -37.67 37.86
N ARG B 54 7.15 -37.85 36.92
CA ARG B 54 7.61 -39.18 36.50
C ARG B 54 8.46 -39.90 37.55
N LEU B 55 8.86 -39.21 38.62
CA LEU B 55 9.61 -39.77 39.73
C LEU B 55 8.77 -39.94 41.00
N LYS B 56 7.42 -39.76 40.90
CA LYS B 56 6.50 -39.84 42.02
C LYS B 56 6.66 -41.11 42.81
N GLU B 57 6.61 -42.28 42.17
CA GLU B 57 6.74 -43.57 42.86
C GLU B 57 8.07 -43.73 43.62
N CYS B 58 9.16 -43.25 43.03
CA CYS B 58 10.47 -43.28 43.67
C CYS B 58 10.46 -42.42 44.94
N MET B 59 9.88 -41.21 44.86
CA MET B 59 9.81 -40.30 46.00
C MET B 59 8.86 -40.76 47.07
N ASP B 60 7.74 -41.37 46.69
CA ASP B 60 6.80 -41.94 47.64
C ASP B 60 7.44 -43.12 48.35
N MET B 61 8.25 -43.92 47.63
CA MET B 61 8.96 -45.03 48.23
C MET B 61 10.03 -44.54 49.17
N LEU B 62 10.77 -43.50 48.78
CA LEU B 62 11.80 -42.91 49.63
C LEU B 62 11.19 -42.34 50.90
N ARG B 63 10.01 -41.70 50.80
CA ARG B 63 9.35 -41.15 51.98
C ARG B 63 8.92 -42.25 52.96
N LEU B 64 8.42 -43.36 52.44
CA LEU B 64 8.01 -44.47 53.29
C LEU B 64 9.19 -45.09 54.00
N THR B 65 10.30 -45.32 53.28
CA THR B 65 11.49 -45.89 53.88
C THR B 65 12.17 -44.90 54.85
N LEU B 66 12.04 -43.59 54.59
CA LEU B 66 12.56 -42.52 55.44
C LEU B 66 11.78 -42.43 56.77
N GLN B 67 10.51 -42.90 56.80
CA GLN B 67 9.69 -42.94 58.01
C GLN B 67 10.19 -43.97 59.01
N THR B 68 10.86 -45.05 58.54
CA THR B 68 11.38 -46.11 59.41
C THR B 68 12.56 -45.65 60.29
N VAL B 73 18.17 -43.71 56.56
CA VAL B 73 19.08 -42.88 55.80
C VAL B 73 19.91 -43.71 54.81
N MET B 74 20.44 -44.85 55.25
CA MET B 74 21.25 -45.70 54.37
C MET B 74 20.43 -46.66 53.53
N LEU B 75 20.69 -46.68 52.23
CA LEU B 75 20.00 -47.54 51.30
C LEU B 75 20.90 -48.66 50.84
N ASP B 76 20.57 -49.92 51.14
CA ASP B 76 21.35 -51.05 50.64
C ASP B 76 20.84 -51.43 49.24
N LYS B 77 21.41 -52.45 48.58
CA LYS B 77 21.01 -52.86 47.24
C LYS B 77 19.50 -53.18 47.16
N ASP B 78 18.99 -53.82 48.20
CA ASP B 78 17.60 -54.24 48.30
C ASP B 78 16.65 -53.08 48.48
N LEU B 79 17.01 -52.13 49.35
CA LEU B 79 16.18 -50.95 49.59
C LEU B 79 16.24 -49.98 48.42
N PHE B 80 17.38 -49.90 47.75
CA PHE B 80 17.56 -49.04 46.59
C PHE B 80 16.68 -49.56 45.47
N LYS B 81 16.70 -50.88 45.21
CA LYS B 81 15.87 -51.48 44.17
C LYS B 81 14.39 -51.24 44.47
N LYS B 82 13.98 -51.43 45.73
CA LYS B 82 12.61 -51.22 46.17
C LYS B 82 12.16 -49.78 45.94
N CYS B 83 13.05 -48.81 46.15
CA CYS B 83 12.71 -47.40 45.91
C CYS B 83 12.70 -47.01 44.45
N VAL B 84 13.63 -47.51 43.63
CA VAL B 84 13.79 -47.05 42.25
C VAL B 84 13.20 -47.93 41.14
N GLN B 85 12.85 -49.21 41.40
CA GLN B 85 12.42 -50.09 40.31
C GLN B 85 11.24 -49.58 39.47
N SER B 86 10.35 -48.78 40.05
CA SER B 86 9.19 -48.27 39.32
C SER B 86 9.55 -47.19 38.29
N ASN B 87 10.66 -46.47 38.51
CA ASN B 87 11.11 -45.41 37.62
C ASN B 87 12.56 -45.64 37.15
N ILE B 88 13.04 -46.91 37.14
CA ILE B 88 14.43 -47.26 36.78
C ILE B 88 14.83 -46.82 35.36
N VAL B 89 13.90 -46.82 34.41
CA VAL B 89 14.20 -46.45 33.04
C VAL B 89 14.69 -45.00 32.94
N LEU B 90 13.92 -44.05 33.49
CA LEU B 90 14.22 -42.62 33.49
C LEU B 90 15.45 -42.31 34.37
N LEU B 91 15.56 -42.99 35.50
CA LEU B 91 16.68 -42.82 36.41
C LEU B 91 17.98 -43.29 35.77
N THR B 92 17.93 -44.39 35.01
CA THR B 92 19.11 -44.89 34.32
C THR B 92 19.48 -43.91 33.22
N GLN B 93 18.50 -43.39 32.45
CA GLN B 93 18.75 -42.38 31.42
C GLN B 93 19.43 -41.15 32.04
N ALA B 94 18.94 -40.69 33.18
CA ALA B 94 19.50 -39.53 33.89
C ALA B 94 20.94 -39.75 34.37
N PHE B 95 21.20 -40.84 35.12
CA PHE B 95 22.53 -41.13 35.65
C PHE B 95 23.53 -41.56 34.59
N ARG B 96 23.05 -42.14 33.48
CA ARG B 96 23.91 -42.56 32.39
C ARG B 96 24.18 -41.45 31.35
N ARG B 97 23.89 -40.19 31.70
CA ARG B 97 24.13 -39.03 30.85
C ARG B 97 23.50 -39.17 29.45
N LYS B 98 22.27 -39.69 29.40
CA LYS B 98 21.53 -39.92 28.17
C LYS B 98 20.53 -38.80 27.84
N PHE B 99 20.45 -37.74 28.69
CA PHE B 99 19.57 -36.61 28.44
C PHE B 99 20.11 -35.70 27.33
N VAL B 100 19.22 -34.90 26.73
CA VAL B 100 19.56 -34.02 25.62
C VAL B 100 20.76 -33.09 25.96
N ILE B 101 20.86 -32.65 27.22
CA ILE B 101 22.01 -31.85 27.66
C ILE B 101 22.67 -32.71 28.74
N PRO B 102 23.68 -33.53 28.37
CA PRO B 102 24.30 -34.39 29.40
C PRO B 102 24.91 -33.62 30.56
N ASP B 103 25.75 -32.59 30.29
CA ASP B 103 26.36 -31.82 31.38
C ASP B 103 25.49 -30.60 31.73
N PHE B 104 24.38 -30.86 32.40
CA PHE B 104 23.40 -29.85 32.77
C PHE B 104 23.93 -28.84 33.78
N MET B 105 24.76 -29.26 34.73
CA MET B 105 25.34 -28.34 35.71
C MET B 105 26.14 -27.22 35.04
N SER B 106 26.92 -27.57 34.00
CA SER B 106 27.74 -26.64 33.25
C SER B 106 26.86 -25.68 32.41
N PHE B 107 25.78 -26.20 31.83
CA PHE B 107 24.85 -25.45 31.03
C PHE B 107 24.08 -24.42 31.85
N THR B 108 23.57 -24.81 33.03
CA THR B 108 22.86 -23.86 33.91
C THR B 108 23.79 -22.74 34.41
N SER B 109 25.10 -22.99 34.42
CA SER B 109 26.09 -22.00 34.78
C SER B 109 26.15 -20.93 33.69
N HIS B 110 26.03 -21.34 32.39
CA HIS B 110 26.00 -20.43 31.24
C HIS B 110 24.71 -19.65 31.23
N ILE B 111 23.57 -20.31 31.51
CA ILE B 111 22.26 -19.65 31.61
C ILE B 111 22.32 -18.52 32.68
N ASP B 112 23.00 -18.79 33.78
CA ASP B 112 23.18 -17.83 34.86
C ASP B 112 24.01 -16.62 34.43
N GLU B 113 25.06 -16.84 33.63
CA GLU B 113 25.89 -15.78 33.09
C GLU B 113 25.07 -14.92 32.15
N LEU B 114 24.34 -15.56 31.20
CA LEU B 114 23.48 -14.89 30.23
C LEU B 114 22.39 -14.11 30.95
N TYR B 115 21.83 -14.67 32.02
CA TYR B 115 20.82 -14.02 32.84
C TYR B 115 21.38 -12.73 33.52
N GLU B 116 22.57 -12.81 34.12
CA GLU B 116 23.21 -11.69 34.81
C GLU B 116 23.58 -10.55 33.85
N SER B 117 23.98 -10.91 32.63
CA SER B 117 24.33 -9.98 31.58
C SER B 117 23.08 -9.20 31.14
N ALA B 118 21.97 -9.89 30.91
CA ALA B 118 20.70 -9.28 30.53
C ALA B 118 20.06 -8.50 31.68
N LYS B 119 20.37 -8.86 32.92
CA LYS B 119 19.90 -8.19 34.11
C LYS B 119 20.31 -6.71 34.11
N LYS B 120 21.52 -6.42 33.60
CA LYS B 120 22.04 -5.06 33.53
C LYS B 120 21.30 -4.17 32.50
N GLN B 121 20.59 -4.78 31.54
CA GLN B 121 19.85 -4.07 30.52
C GLN B 121 18.55 -3.59 31.11
N SER B 122 18.62 -2.49 31.87
CA SER B 122 17.48 -1.96 32.61
C SER B 122 16.58 -0.98 31.85
N GLY B 123 16.86 -0.77 30.56
CA GLY B 123 16.05 0.13 29.75
C GLY B 123 14.68 -0.44 29.41
N GLY B 124 13.95 0.28 28.59
CA GLY B 124 12.61 -0.13 28.20
C GLY B 124 11.53 0.56 29.00
N LYS B 125 10.28 0.25 28.69
CA LYS B 125 9.14 0.85 29.36
C LYS B 125 8.11 -0.23 29.67
N VAL B 126 7.72 -0.34 30.92
CA VAL B 126 6.70 -1.29 31.34
C VAL B 126 5.36 -0.83 30.73
N ALA B 127 4.56 -1.77 30.20
CA ALA B 127 3.26 -1.45 29.60
C ALA B 127 2.35 -0.73 30.60
N ASP B 128 1.69 0.35 30.17
CA ASP B 128 0.87 1.10 31.11
C ASP B 128 -0.52 1.43 30.58
N TYR B 129 -1.01 0.73 29.55
CA TYR B 129 -2.37 0.97 29.06
C TYR B 129 -3.42 0.46 30.08
N ILE B 130 -3.10 -0.60 30.83
CA ILE B 130 -3.94 -1.08 31.92
C ILE B 130 -3.12 -1.03 33.21
N PRO B 131 -3.74 -0.66 34.35
CA PRO B 131 -2.96 -0.51 35.59
C PRO B 131 -2.37 -1.80 36.15
N GLN B 132 -2.87 -2.97 35.72
CA GLN B 132 -2.34 -4.26 36.19
C GLN B 132 -0.93 -4.49 35.65
N LEU B 133 -0.65 -4.03 34.41
CA LEU B 133 0.68 -4.15 33.82
C LEU B 133 1.61 -3.06 34.34
N ALA B 134 1.09 -1.83 34.49
CA ALA B 134 1.87 -0.70 34.97
C ALA B 134 2.37 -0.86 36.40
N LYS B 135 1.73 -1.72 37.20
CA LYS B 135 2.10 -1.96 38.61
C LYS B 135 3.37 -2.79 38.75
N PHE B 136 3.70 -3.61 37.76
CA PHE B 136 4.86 -4.49 37.84
C PHE B 136 6.18 -3.78 37.85
N SER B 137 7.03 -4.10 38.84
CA SER B 137 8.37 -3.57 38.98
C SER B 137 9.21 -3.84 37.72
N PRO B 138 9.97 -2.85 37.26
CA PRO B 138 10.83 -3.06 36.07
C PRO B 138 12.01 -4.01 36.33
N ASP B 139 12.40 -4.16 37.61
CA ASP B 139 13.50 -5.01 38.04
C ASP B 139 13.13 -6.49 38.12
N LEU B 140 11.85 -6.86 37.91
CA LEU B 140 11.46 -8.27 37.90
C LEU B 140 12.10 -8.92 36.67
N TRP B 141 12.93 -9.95 36.85
CA TRP B 141 13.63 -10.60 35.75
C TRP B 141 13.82 -12.07 36.05
N GLY B 142 13.27 -12.92 35.21
CA GLY B 142 13.38 -14.36 35.38
C GLY B 142 13.58 -15.16 34.11
N VAL B 143 14.32 -16.26 34.20
CA VAL B 143 14.56 -17.17 33.09
C VAL B 143 14.40 -18.60 33.61
N SER B 144 13.54 -19.40 32.96
CA SER B 144 13.35 -20.80 33.32
C SER B 144 13.61 -21.70 32.12
N VAL B 145 14.32 -22.79 32.34
CA VAL B 145 14.67 -23.76 31.32
C VAL B 145 13.98 -25.07 31.64
N CYS B 146 13.34 -25.70 30.65
CA CYS B 146 12.81 -27.05 30.81
C CYS B 146 13.25 -27.80 29.56
N THR B 147 14.15 -28.79 29.68
CA THR B 147 14.59 -29.55 28.51
C THR B 147 13.50 -30.54 28.02
N VAL B 148 13.68 -31.10 26.82
CA VAL B 148 12.76 -32.13 26.32
C VAL B 148 12.78 -33.41 27.20
N ASP B 149 13.72 -33.49 28.14
CA ASP B 149 13.86 -34.58 29.09
C ASP B 149 13.42 -34.21 30.52
N GLY B 150 12.98 -32.98 30.75
CA GLY B 150 12.51 -32.54 32.04
C GLY B 150 13.58 -31.96 32.93
N GLN B 151 14.77 -31.65 32.39
CA GLN B 151 15.80 -30.99 33.20
C GLN B 151 15.41 -29.54 33.38
N ARG B 152 15.48 -29.05 34.63
CA ARG B 152 15.02 -27.72 34.96
C ARG B 152 16.09 -26.81 35.56
N HIS B 153 15.99 -25.54 35.22
CA HIS B 153 16.85 -24.52 35.79
C HIS B 153 16.10 -23.22 35.78
N SER B 154 16.14 -22.50 36.89
CA SER B 154 15.51 -21.21 37.02
C SER B 154 16.49 -20.26 37.68
N THR B 155 16.41 -19.01 37.28
CA THR B 155 17.22 -17.94 37.83
C THR B 155 16.38 -16.67 37.76
N GLY B 156 16.35 -15.95 38.86
CA GLY B 156 15.52 -14.77 38.97
C GLY B 156 14.12 -15.01 39.53
N ASP B 157 13.19 -14.17 39.11
CA ASP B 157 11.81 -14.09 39.52
C ASP B 157 10.92 -15.02 38.73
N THR B 158 11.20 -16.32 38.83
CA THR B 158 10.57 -17.39 38.08
C THR B 158 9.30 -17.96 38.69
N LYS B 159 8.99 -17.62 39.94
CA LYS B 159 7.77 -18.07 40.60
C LYS B 159 6.74 -16.93 40.79
N VAL B 160 6.95 -15.78 40.14
CA VAL B 160 6.02 -14.66 40.22
C VAL B 160 5.04 -14.77 39.05
N PRO B 161 3.73 -14.86 39.37
CA PRO B 161 2.74 -14.93 38.28
C PRO B 161 2.65 -13.62 37.50
N PHE B 162 2.44 -13.75 36.19
CA PHE B 162 2.24 -12.63 35.27
C PHE B 162 1.34 -13.16 34.12
N CYS B 163 0.63 -12.28 33.43
CA CYS B 163 -0.24 -12.68 32.33
C CYS B 163 0.54 -13.03 31.07
N LEU B 164 0.09 -14.09 30.38
CA LEU B 164 0.68 -14.54 29.13
C LEU B 164 0.49 -13.47 28.07
N GLN B 165 -0.73 -12.83 28.02
CA GLN B 165 -1.03 -11.84 26.98
C GLN B 165 -0.88 -12.49 25.58
N SER B 166 -0.11 -11.91 24.63
CA SER B 166 0.10 -12.54 23.34
C SER B 166 0.95 -13.81 23.38
N CYS B 167 1.64 -14.12 24.51
CA CYS B 167 2.33 -15.43 24.63
C CYS B 167 1.30 -16.59 24.52
N VAL B 168 0.00 -16.31 24.70
CA VAL B 168 -1.04 -17.33 24.59
C VAL B 168 -1.41 -17.62 23.15
N LYS B 169 -1.16 -16.67 22.21
CA LYS B 169 -1.51 -16.84 20.79
C LYS B 169 -1.02 -18.16 20.19
N PRO B 170 0.26 -18.56 20.33
CA PRO B 170 0.67 -19.85 19.76
C PRO B 170 0.01 -21.04 20.48
N LEU B 171 -0.32 -20.89 21.77
CA LEU B 171 -0.92 -21.97 22.54
C LEU B 171 -2.36 -22.24 22.10
N LYS B 172 -3.19 -21.19 21.90
CA LYS B 172 -4.55 -21.41 21.41
C LYS B 172 -4.57 -21.83 19.93
N TYR B 173 -3.56 -21.38 19.16
CA TYR B 173 -3.38 -21.77 17.78
C TYR B 173 -3.09 -23.27 17.72
N ALA B 174 -2.21 -23.76 18.61
CA ALA B 174 -1.89 -25.18 18.73
C ALA B 174 -3.14 -25.98 19.08
N ILE B 175 -3.96 -25.51 20.04
CA ILE B 175 -5.20 -26.22 20.42
C ILE B 175 -6.15 -26.34 19.23
N ALA B 176 -6.39 -25.23 18.50
CA ALA B 176 -7.26 -25.21 17.33
C ALA B 176 -6.78 -26.19 16.26
N VAL B 177 -5.47 -26.18 15.94
CA VAL B 177 -4.93 -27.11 14.94
C VAL B 177 -5.04 -28.53 15.44
N ASN B 178 -4.77 -28.77 16.72
CA ASN B 178 -4.87 -30.08 17.34
C ASN B 178 -6.26 -30.68 17.13
N ASP B 179 -7.31 -29.87 17.37
CA ASP B 179 -8.67 -30.36 17.29
C ASP B 179 -9.30 -30.29 15.92
N LEU B 180 -8.88 -29.35 15.08
CA LEU B 180 -9.51 -29.13 13.77
C LEU B 180 -8.64 -29.44 12.54
N GLY B 181 -7.35 -29.53 12.73
CA GLY B 181 -6.43 -29.77 11.62
C GLY B 181 -6.02 -28.51 10.91
N THR B 182 -4.92 -28.56 10.18
CA THR B 182 -4.34 -27.42 9.47
C THR B 182 -5.27 -26.75 8.47
N GLU B 183 -5.92 -27.52 7.61
CA GLU B 183 -6.74 -27.01 6.52
C GLU B 183 -7.96 -26.23 7.03
N TYR B 184 -8.67 -26.74 8.05
CA TYR B 184 -9.82 -26.06 8.59
C TYR B 184 -9.39 -24.73 9.22
N VAL B 185 -8.38 -24.75 10.09
CA VAL B 185 -7.93 -23.54 10.75
C VAL B 185 -7.48 -22.45 9.75
N HIS B 186 -6.75 -22.87 8.70
CA HIS B 186 -6.22 -21.91 7.76
C HIS B 186 -7.19 -21.45 6.68
N ARG B 187 -8.47 -21.84 6.80
CA ARG B 187 -9.57 -21.30 6.02
C ARG B 187 -9.91 -19.90 6.52
N TYR B 188 -9.68 -19.64 7.82
CA TYR B 188 -9.98 -18.45 8.57
C TYR B 188 -8.78 -17.57 8.81
N VAL B 189 -7.56 -18.12 8.79
CA VAL B 189 -6.37 -17.34 9.07
C VAL B 189 -5.22 -17.71 8.13
N GLY B 190 -4.33 -16.78 7.86
CA GLY B 190 -3.18 -16.99 7.01
C GLY B 190 -2.07 -17.74 7.71
N LYS B 191 -0.95 -17.88 7.03
CA LYS B 191 0.20 -18.63 7.54
C LYS B 191 1.52 -17.96 7.21
N GLU B 192 1.52 -16.64 7.01
CA GLU B 192 2.73 -15.90 6.68
C GLU B 192 2.79 -14.56 7.40
N PRO B 193 4.00 -13.97 7.58
CA PRO B 193 4.05 -12.59 8.08
C PRO B 193 3.46 -11.64 7.02
N SER B 194 2.95 -10.50 7.47
CA SER B 194 2.38 -9.51 6.57
C SER B 194 3.43 -8.72 5.81
N GLY B 195 4.60 -8.55 6.40
CA GLY B 195 5.59 -7.63 5.87
C GLY B 195 5.35 -6.29 6.54
N LEU B 196 6.42 -5.65 7.00
CA LEU B 196 6.39 -4.40 7.76
C LEU B 196 5.53 -3.30 7.15
N LYS B 200 -0.53 -3.04 10.22
CA LYS B 200 -1.57 -2.02 10.16
C LYS B 200 -2.86 -2.53 9.54
N LEU B 201 -2.74 -3.43 8.56
CA LEU B 201 -3.90 -4.02 7.93
C LEU B 201 -4.36 -5.19 8.74
N PHE B 202 -5.68 -5.35 8.87
CA PHE B 202 -6.22 -6.48 9.61
C PHE B 202 -6.27 -7.74 8.73
N LEU B 203 -6.53 -7.57 7.43
CA LEU B 203 -6.68 -8.69 6.52
C LEU B 203 -5.69 -8.71 5.37
N ASN B 204 -5.33 -9.92 4.95
CA ASN B 204 -4.46 -10.09 3.78
C ASN B 204 -5.31 -9.97 2.50
N GLU B 205 -4.71 -10.18 1.33
CA GLU B 205 -5.39 -10.12 0.04
C GLU B 205 -6.59 -11.10 -0.06
N ASP B 206 -6.52 -12.24 0.65
CA ASP B 206 -7.57 -13.25 0.68
C ASP B 206 -8.64 -13.00 1.73
N ASP B 207 -8.69 -11.79 2.32
CA ASP B 207 -9.63 -11.36 3.36
C ASP B 207 -9.58 -12.19 4.63
N LYS B 208 -8.41 -12.72 4.94
CA LYS B 208 -8.13 -13.49 6.15
C LYS B 208 -7.09 -12.72 6.95
N PRO B 209 -7.16 -12.74 8.28
CA PRO B 209 -6.04 -12.17 9.09
C PRO B 209 -4.70 -12.84 8.68
N HIS B 210 -3.60 -12.09 8.61
CA HIS B 210 -2.34 -12.59 8.07
C HIS B 210 -1.79 -13.89 8.66
N ASN B 211 -1.92 -14.06 9.97
CA ASN B 211 -1.38 -15.23 10.67
C ASN B 211 -1.95 -15.25 12.11
N PRO B 212 -1.77 -16.36 12.86
CA PRO B 212 -2.32 -16.42 14.23
C PRO B 212 -1.60 -15.57 15.26
N MET B 213 -0.45 -15.02 14.93
CA MET B 213 0.37 -14.29 15.88
C MET B 213 0.06 -12.80 15.96
N VAL B 214 -0.82 -12.29 15.10
CA VAL B 214 -1.30 -10.92 15.15
C VAL B 214 -2.71 -10.96 15.78
N ASN B 215 -3.12 -9.87 16.44
CA ASN B 215 -4.41 -9.75 17.12
C ASN B 215 -5.60 -10.18 16.29
N ALA B 216 -5.71 -9.76 15.02
CA ALA B 216 -6.85 -10.16 14.17
C ALA B 216 -6.86 -11.68 13.94
N GLY B 217 -5.68 -12.26 13.75
CA GLY B 217 -5.54 -13.69 13.53
C GLY B 217 -5.86 -14.47 14.78
N ALA B 218 -5.38 -13.98 15.92
CA ALA B 218 -5.64 -14.60 17.23
C ALA B 218 -7.12 -14.50 17.57
N ILE B 219 -7.78 -13.39 17.22
CA ILE B 219 -9.19 -13.21 17.49
C ILE B 219 -10.01 -14.24 16.71
N VAL B 220 -9.64 -14.49 15.46
CA VAL B 220 -10.27 -15.48 14.62
C VAL B 220 -9.96 -16.90 15.13
N VAL B 221 -8.70 -17.18 15.54
CA VAL B 221 -8.33 -18.51 16.07
C VAL B 221 -9.15 -18.80 17.32
N THR B 222 -9.39 -17.77 18.16
CA THR B 222 -10.24 -17.86 19.35
C THR B 222 -11.65 -18.35 19.00
N SER B 223 -12.23 -17.86 17.88
CA SER B 223 -13.58 -18.23 17.45
C SER B 223 -13.74 -19.66 16.94
N LEU B 224 -12.61 -20.33 16.64
CA LEU B 224 -12.64 -21.70 16.15
C LEU B 224 -12.64 -22.75 17.27
N ILE B 225 -12.15 -22.40 18.45
CA ILE B 225 -12.04 -23.32 19.60
C ILE B 225 -13.36 -23.69 20.25
N LYS B 226 -13.63 -24.99 20.42
CA LYS B 226 -14.83 -25.52 21.08
C LYS B 226 -16.11 -24.80 20.69
N GLN B 227 -16.35 -24.68 19.38
CA GLN B 227 -17.54 -23.99 18.89
C GLN B 227 -18.81 -24.69 19.37
N GLY B 228 -19.88 -23.92 19.51
CA GLY B 228 -21.14 -24.47 19.96
C GLY B 228 -21.35 -24.52 21.47
N VAL B 229 -20.29 -24.32 22.27
CA VAL B 229 -20.45 -24.31 23.74
C VAL B 229 -20.26 -22.90 24.30
N ASN B 230 -20.79 -22.64 25.51
CA ASN B 230 -20.65 -21.32 26.12
C ASN B 230 -19.18 -20.95 26.42
N ASN B 231 -18.91 -19.67 26.68
CA ASN B 231 -17.55 -19.19 26.96
C ASN B 231 -16.93 -19.85 28.19
N ALA B 232 -17.71 -20.09 29.23
CA ALA B 232 -17.22 -20.71 30.45
C ALA B 232 -16.66 -22.10 30.19
N GLU B 233 -17.36 -22.93 29.38
CA GLU B 233 -16.91 -24.27 29.05
C GLU B 233 -15.65 -24.23 28.18
N LYS B 234 -15.62 -23.26 27.22
CA LYS B 234 -14.51 -23.03 26.32
C LYS B 234 -13.27 -22.65 27.12
N PHE B 235 -13.41 -21.78 28.12
CA PHE B 235 -12.29 -21.34 28.94
C PHE B 235 -11.79 -22.49 29.81
N ASP B 236 -12.72 -23.29 30.39
CA ASP B 236 -12.36 -24.47 31.18
C ASP B 236 -11.57 -25.48 30.34
N TYR B 237 -11.96 -25.62 29.04
CA TYR B 237 -11.32 -26.49 28.08
C TYR B 237 -9.91 -26.01 27.78
N VAL B 238 -9.74 -24.70 27.55
CA VAL B 238 -8.40 -24.15 27.28
C VAL B 238 -7.48 -24.24 28.51
N MET B 239 -8.01 -23.98 29.70
CA MET B 239 -7.28 -24.07 30.95
C MET B 239 -6.78 -25.51 31.18
N GLN B 240 -7.64 -26.53 31.00
CA GLN B 240 -7.24 -27.94 31.13
C GLN B 240 -6.13 -28.30 30.12
N PHE B 241 -6.17 -27.70 28.93
CA PHE B 241 -5.16 -27.88 27.89
C PHE B 241 -3.81 -27.29 28.33
N LEU B 242 -3.81 -26.05 28.85
CA LEU B 242 -2.59 -25.40 29.34
C LEU B 242 -2.06 -26.11 30.59
N ASN B 243 -2.94 -26.77 31.38
CA ASN B 243 -2.51 -27.54 32.53
C ASN B 243 -1.69 -28.72 32.04
N LYS B 244 -2.18 -29.47 31.04
CA LYS B 244 -1.42 -30.58 30.46
C LYS B 244 -0.11 -30.09 29.84
N MET B 245 -0.15 -28.96 29.09
CA MET B 245 1.04 -28.37 28.47
C MET B 245 2.11 -27.99 29.51
N ALA B 246 1.69 -27.48 30.68
CA ALA B 246 2.61 -27.10 31.73
C ALA B 246 2.93 -28.22 32.74
N GLY B 247 2.49 -29.45 32.48
CA GLY B 247 2.71 -30.57 33.38
C GLY B 247 2.07 -30.37 34.74
N ASN B 248 0.90 -29.72 34.73
CA ASN B 248 0.08 -29.38 35.91
C ASN B 248 0.78 -28.39 36.85
N GLU B 249 1.70 -27.58 36.30
CA GLU B 249 2.35 -26.49 37.02
C GLU B 249 1.47 -25.25 36.89
N TYR B 250 1.83 -24.17 37.59
CA TYR B 250 1.02 -22.96 37.69
C TYR B 250 0.40 -22.42 36.39
N VAL B 251 -0.94 -22.42 36.38
CA VAL B 251 -1.77 -21.77 35.37
C VAL B 251 -2.91 -21.10 36.13
N GLY B 252 -3.05 -19.81 35.95
CA GLY B 252 -4.06 -19.04 36.66
C GLY B 252 -4.80 -18.09 35.74
N PHE B 253 -5.48 -17.11 36.32
CA PHE B 253 -6.25 -16.14 35.57
C PHE B 253 -6.37 -14.88 36.38
N SER B 254 -6.19 -13.74 35.72
CA SER B 254 -6.30 -12.46 36.42
C SER B 254 -7.56 -11.74 35.94
N ASN B 255 -8.60 -11.77 36.75
CA ASN B 255 -9.85 -11.09 36.44
C ASN B 255 -9.62 -9.57 36.40
N ALA B 256 -8.70 -9.03 37.23
CA ALA B 256 -8.38 -7.60 37.23
C ALA B 256 -7.85 -7.18 35.87
N THR B 257 -6.99 -8.01 35.26
CA THR B 257 -6.43 -7.75 33.95
C THR B 257 -7.52 -7.87 32.90
N PHE B 258 -8.39 -8.89 33.02
CA PHE B 258 -9.48 -9.10 32.07
C PHE B 258 -10.46 -7.92 32.05
N GLN B 259 -10.81 -7.39 33.22
CA GLN B 259 -11.70 -6.23 33.29
C GLN B 259 -11.10 -5.01 32.61
N SER B 260 -9.81 -4.77 32.82
CA SER B 260 -9.13 -3.65 32.22
C SER B 260 -8.92 -3.77 30.70
N GLU B 261 -8.53 -4.96 30.24
CA GLU B 261 -8.34 -5.24 28.83
C GLU B 261 -9.61 -5.02 28.04
N ARG B 262 -10.73 -5.38 28.62
CA ARG B 262 -12.01 -5.27 28.00
C ARG B 262 -12.46 -3.82 27.97
N GLU B 263 -12.30 -3.10 29.10
CA GLU B 263 -12.65 -1.68 29.22
C GLU B 263 -11.84 -0.80 28.26
N SER B 264 -10.59 -1.19 27.99
CA SER B 264 -9.69 -0.41 27.15
C SER B 264 -9.29 -1.09 25.83
N GLY B 265 -10.06 -2.07 25.38
CA GLY B 265 -9.72 -2.79 24.16
C GLY B 265 -10.35 -2.26 22.88
N ASP B 266 -10.33 -0.94 22.67
CA ASP B 266 -10.89 -0.31 21.45
C ASP B 266 -10.31 -0.85 20.16
N ARG B 267 -9.01 -1.16 20.16
CA ARG B 267 -8.35 -1.72 19.01
C ARG B 267 -8.92 -3.10 18.70
N ASN B 268 -9.19 -3.91 19.75
CA ASN B 268 -9.72 -5.24 19.58
C ASN B 268 -11.17 -5.22 19.15
N PHE B 269 -11.95 -4.24 19.63
CA PHE B 269 -13.33 -4.04 19.19
C PHE B 269 -13.39 -3.59 17.73
N ALA B 270 -12.45 -2.74 17.31
CA ALA B 270 -12.37 -2.30 15.90
C ALA B 270 -12.09 -3.51 15.00
N ILE B 271 -11.17 -4.40 15.43
CA ILE B 271 -10.82 -5.61 14.69
C ILE B 271 -12.04 -6.52 14.62
N GLY B 272 -12.68 -6.77 15.76
CA GLY B 272 -13.84 -7.64 15.88
C GLY B 272 -14.98 -7.24 14.97
N TYR B 273 -15.35 -5.96 14.95
CA TYR B 273 -16.41 -5.49 14.05
C TYR B 273 -16.00 -5.61 12.58
N TYR B 274 -14.71 -5.38 12.29
CA TYR B 274 -14.17 -5.46 10.94
C TYR B 274 -14.21 -6.90 10.41
N LEU B 275 -13.82 -7.86 11.25
CA LEU B 275 -13.84 -9.28 10.93
C LEU B 275 -15.28 -9.75 10.73
N LYS B 276 -16.20 -9.27 11.59
CA LYS B 276 -17.62 -9.58 11.52
C LYS B 276 -18.23 -9.07 10.21
N GLU B 277 -17.94 -7.82 9.84
CA GLU B 277 -18.41 -7.17 8.63
C GLU B 277 -17.85 -7.92 7.40
N LYS B 278 -16.57 -8.32 7.46
CA LYS B 278 -15.90 -9.01 6.37
C LYS B 278 -16.17 -10.50 6.30
N LYS B 279 -17.02 -11.04 7.23
CA LYS B 279 -17.44 -12.43 7.35
C LYS B 279 -16.26 -13.37 7.54
N CYS B 280 -15.36 -12.99 8.44
CA CYS B 280 -14.13 -13.71 8.77
C CYS B 280 -14.28 -14.82 9.79
N PHE B 281 -15.41 -14.88 10.48
CA PHE B 281 -15.64 -15.86 11.50
C PHE B 281 -16.46 -17.06 11.00
N PRO B 282 -16.37 -18.24 11.68
CA PRO B 282 -17.24 -19.36 11.27
C PRO B 282 -18.71 -19.01 11.51
N GLU B 283 -19.63 -19.57 10.70
CA GLU B 283 -21.06 -19.27 10.81
C GLU B 283 -21.60 -19.51 12.21
N GLY B 284 -22.38 -18.55 12.72
CA GLY B 284 -22.95 -18.63 14.05
C GLY B 284 -22.13 -18.00 15.17
N THR B 285 -21.02 -17.34 14.83
CA THR B 285 -20.16 -16.70 15.84
C THR B 285 -20.82 -15.49 16.48
N ASP B 286 -20.71 -15.37 17.80
CA ASP B 286 -21.14 -14.18 18.50
C ASP B 286 -19.82 -13.42 18.69
N MET B 287 -19.61 -12.38 17.90
CA MET B 287 -18.37 -11.62 17.92
C MET B 287 -18.06 -11.01 19.29
N VAL B 288 -19.05 -10.40 19.93
CA VAL B 288 -18.90 -9.78 21.25
C VAL B 288 -18.44 -10.80 22.34
N GLY B 289 -18.99 -12.00 22.28
CA GLY B 289 -18.65 -13.08 23.19
C GLY B 289 -17.27 -13.63 22.92
N ILE B 290 -16.87 -13.66 21.63
CA ILE B 290 -15.54 -14.09 21.23
C ILE B 290 -14.49 -13.09 21.74
N LEU B 291 -14.77 -11.76 21.65
CA LEU B 291 -13.80 -10.78 22.17
C LEU B 291 -13.61 -10.97 23.66
N ASP B 292 -14.69 -11.25 24.40
CA ASP B 292 -14.64 -11.51 25.83
C ASP B 292 -13.76 -12.70 26.15
N PHE B 293 -13.95 -13.79 25.43
CA PHE B 293 -13.15 -14.99 25.59
C PHE B 293 -11.68 -14.69 25.28
N TYR B 294 -11.44 -13.89 24.23
CA TYR B 294 -10.12 -13.48 23.82
C TYR B 294 -9.39 -12.69 24.93
N PHE B 295 -10.07 -11.71 25.57
CA PHE B 295 -9.47 -10.96 26.70
C PHE B 295 -9.19 -11.89 27.91
N GLN B 296 -10.04 -12.92 28.12
CA GLN B 296 -9.86 -13.89 29.19
C GLN B 296 -8.60 -14.68 28.94
N LEU B 297 -8.36 -15.13 27.68
CA LEU B 297 -7.18 -15.91 27.30
C LEU B 297 -5.89 -15.10 27.48
N CYS B 298 -5.96 -13.80 27.16
CA CYS B 298 -4.87 -12.83 27.34
C CYS B 298 -4.53 -12.65 28.83
N SER B 299 -5.53 -12.75 29.69
CA SER B 299 -5.39 -12.58 31.13
C SER B 299 -5.01 -13.86 31.88
N ILE B 300 -4.67 -14.94 31.16
CA ILE B 300 -4.24 -16.17 31.81
C ILE B 300 -2.84 -15.95 32.41
N GLU B 301 -2.66 -16.32 33.66
CA GLU B 301 -1.39 -16.16 34.35
C GLU B 301 -0.56 -17.43 34.34
N VAL B 302 0.73 -17.25 34.26
CA VAL B 302 1.70 -18.32 34.34
C VAL B 302 2.88 -17.77 35.18
N THR B 303 3.81 -18.64 35.55
CA THR B 303 5.07 -18.23 36.11
C THR B 303 6.09 -18.56 35.01
N CYS B 304 7.35 -18.15 35.17
CA CYS B 304 8.41 -18.54 34.24
C CYS B 304 8.55 -20.05 34.19
N GLU B 305 8.43 -20.70 35.37
CA GLU B 305 8.57 -22.13 35.56
C GLU B 305 7.49 -22.93 34.86
N SER B 306 6.23 -22.54 34.99
CA SER B 306 5.14 -23.27 34.34
C SER B 306 5.06 -22.97 32.84
N ALA B 307 5.41 -21.73 32.42
CA ALA B 307 5.41 -21.42 30.98
C ALA B 307 6.62 -22.04 30.26
N SER B 308 7.73 -22.32 30.99
CA SER B 308 8.87 -23.00 30.37
C SER B 308 8.50 -24.45 30.03
N VAL B 309 7.59 -25.08 30.82
CA VAL B 309 7.13 -26.43 30.55
C VAL B 309 6.25 -26.45 29.32
N MET B 310 5.40 -25.41 29.13
CA MET B 310 4.58 -25.28 27.94
C MET B 310 5.45 -25.19 26.70
N ALA B 311 6.50 -24.37 26.77
CA ALA B 311 7.44 -24.20 25.67
C ALA B 311 8.22 -25.51 25.40
N ALA B 312 8.47 -26.33 26.47
CA ALA B 312 9.19 -27.60 26.31
C ALA B 312 8.30 -28.69 25.69
N THR B 313 6.97 -28.61 25.88
CA THR B 313 6.01 -29.49 25.20
C THR B 313 6.06 -29.19 23.68
N LEU B 314 6.26 -27.90 23.31
CA LEU B 314 6.41 -27.48 21.91
C LEU B 314 7.79 -27.89 21.37
N ALA B 315 8.82 -27.89 22.22
CA ALA B 315 10.16 -28.36 21.83
C ALA B 315 10.22 -29.89 21.69
N ASN B 316 9.26 -30.61 22.33
CA ASN B 316 9.20 -32.07 22.41
C ASN B 316 8.11 -32.72 21.54
N GLY B 317 7.67 -32.05 20.48
CA GLY B 317 6.68 -32.60 19.55
C GLY B 317 5.30 -32.89 20.13
N GLY B 318 4.93 -32.16 21.17
CA GLY B 318 3.62 -32.32 21.78
C GLY B 318 3.56 -33.15 23.04
N PHE B 319 4.67 -33.76 23.43
CA PHE B 319 4.71 -34.53 24.67
C PHE B 319 5.23 -33.63 25.79
N CYS B 320 4.50 -33.60 26.93
CA CYS B 320 4.95 -32.78 28.07
C CYS B 320 6.13 -33.51 28.68
N PRO B 321 7.30 -32.85 28.76
CA PRO B 321 8.50 -33.55 29.22
C PRO B 321 8.53 -33.97 30.69
N ILE B 322 7.74 -33.33 31.57
CA ILE B 322 7.76 -33.70 32.99
C ILE B 322 6.67 -34.71 33.38
N THR B 323 5.79 -35.09 32.46
CA THR B 323 4.75 -36.07 32.69
C THR B 323 4.80 -37.22 31.68
N GLY B 324 5.32 -36.96 30.47
CA GLY B 324 5.35 -37.94 29.41
C GLY B 324 4.04 -38.04 28.64
N GLU B 325 3.07 -37.15 28.94
CA GLU B 325 1.78 -37.12 28.32
C GLU B 325 1.82 -36.52 26.93
N ARG B 326 1.05 -37.10 26.00
CA ARG B 326 0.90 -36.56 24.66
C ARG B 326 -0.21 -35.51 24.83
N VAL B 327 0.15 -34.26 24.65
CA VAL B 327 -0.75 -33.14 24.85
C VAL B 327 -1.23 -32.59 23.53
N LEU B 328 -0.33 -32.41 22.57
CA LEU B 328 -0.72 -31.88 21.24
C LEU B 328 -0.17 -32.78 20.13
N SER B 329 -0.83 -32.76 18.97
CA SER B 329 -0.40 -33.55 17.82
C SER B 329 0.88 -32.95 17.24
N PRO B 330 1.73 -33.78 16.62
CA PRO B 330 2.96 -33.25 16.00
C PRO B 330 2.66 -32.14 14.97
N GLU B 331 1.52 -32.23 14.29
CA GLU B 331 1.06 -31.26 13.31
C GLU B 331 0.82 -29.89 13.98
N ALA B 332 0.08 -29.86 15.10
CA ALA B 332 -0.23 -28.66 15.86
C ALA B 332 1.03 -27.91 16.24
N VAL B 333 2.05 -28.65 16.76
CA VAL B 333 3.33 -28.17 17.25
C VAL B 333 4.18 -27.59 16.13
N ARG B 334 4.31 -28.31 15.02
CA ARG B 334 5.09 -27.94 13.85
C ARG B 334 4.56 -26.64 13.27
N ASN B 335 3.22 -26.53 13.10
CA ASN B 335 2.59 -25.29 12.59
C ASN B 335 2.84 -24.13 13.54
N THR B 336 2.80 -24.39 14.83
CA THR B 336 2.97 -23.39 15.85
C THR B 336 4.36 -22.82 15.82
N LEU B 337 5.38 -23.70 15.85
CA LEU B 337 6.76 -23.29 15.79
C LEU B 337 7.07 -22.53 14.51
N SER B 338 6.55 -22.99 13.35
CA SER B 338 6.69 -22.30 12.05
C SER B 338 6.24 -20.85 12.13
N LEU B 339 5.03 -20.60 12.68
CA LEU B 339 4.47 -19.24 12.76
C LEU B 339 5.07 -18.42 13.90
N MET B 340 5.58 -19.08 14.96
CA MET B 340 6.29 -18.38 16.04
C MET B 340 7.65 -17.90 15.51
N HIS B 341 8.29 -18.69 14.62
CA HIS B 341 9.56 -18.39 13.98
C HIS B 341 9.46 -17.10 13.14
N SER B 342 8.43 -16.98 12.30
CA SER B 342 8.33 -15.83 11.41
C SER B 342 7.46 -14.68 11.88
N CYS B 343 6.52 -14.91 12.82
CA CYS B 343 5.52 -13.91 13.23
C CYS B 343 5.45 -13.62 14.71
N GLY B 344 6.19 -14.34 15.55
CA GLY B 344 6.10 -14.23 17.00
C GLY B 344 6.66 -13.06 17.77
N MET B 345 7.40 -12.14 17.16
CA MET B 345 8.01 -11.02 17.87
C MET B 345 7.60 -9.64 17.36
N TYR B 346 6.39 -9.57 16.80
CA TYR B 346 5.79 -8.35 16.24
C TYR B 346 6.63 -7.82 15.04
N ASP B 347 7.00 -6.51 15.02
CA ASP B 347 7.82 -5.92 13.96
C ASP B 347 9.26 -6.39 13.96
N PHE B 348 9.72 -7.03 15.06
CA PHE B 348 11.08 -7.58 15.11
C PHE B 348 11.11 -9.05 14.66
N SER B 349 10.00 -9.60 14.14
CA SER B 349 9.95 -11.01 13.71
C SER B 349 11.01 -11.36 12.68
N GLY B 350 11.12 -10.58 11.62
CA GLY B 350 12.10 -10.81 10.57
C GLY B 350 13.54 -10.74 11.07
N GLN B 351 13.83 -9.76 11.93
CA GLN B 351 15.17 -9.57 12.52
C GLN B 351 15.53 -10.70 13.47
N PHE B 352 14.53 -11.20 14.20
CA PHE B 352 14.63 -12.23 15.18
C PHE B 352 14.85 -13.55 14.52
N ALA B 353 14.10 -13.86 13.45
CA ALA B 353 14.27 -15.09 12.71
C ALA B 353 15.67 -15.14 12.08
N PHE B 354 16.13 -14.01 11.53
CA PHE B 354 17.44 -13.96 10.92
C PHE B 354 18.58 -14.11 11.93
N HIS B 355 18.58 -13.28 13.01
CA HIS B 355 19.66 -13.26 13.99
C HIS B 355 19.55 -14.33 15.10
N VAL B 356 18.37 -14.58 15.64
CA VAL B 356 18.19 -15.54 16.73
C VAL B 356 17.82 -16.92 16.17
N GLY B 357 16.91 -16.93 15.21
CA GLY B 357 16.52 -18.15 14.54
C GLY B 357 15.89 -19.18 15.43
N LEU B 358 15.12 -18.72 16.43
CA LEU B 358 14.39 -19.60 17.36
C LEU B 358 12.89 -19.23 17.33
N PRO B 359 11.96 -20.21 17.40
CA PRO B 359 10.54 -19.86 17.46
C PRO B 359 10.29 -19.23 18.83
N ALA B 360 9.76 -18.01 18.83
CA ALA B 360 9.49 -17.34 20.09
C ALA B 360 8.19 -16.54 20.05
N LYS B 361 7.64 -16.19 21.21
CA LYS B 361 6.44 -15.40 21.25
C LYS B 361 6.49 -14.47 22.40
N SER B 362 6.43 -13.18 22.13
CA SER B 362 6.46 -12.19 23.18
C SER B 362 5.06 -11.71 23.53
N GLY B 363 4.96 -11.10 24.70
CA GLY B 363 3.73 -10.55 25.23
C GLY B 363 4.03 -9.23 25.88
N VAL B 364 2.99 -8.42 26.03
CA VAL B 364 3.07 -7.07 26.57
C VAL B 364 3.41 -7.05 28.10
N ALA B 365 3.25 -8.21 28.80
CA ALA B 365 3.67 -8.29 30.20
C ALA B 365 5.18 -8.51 30.36
N GLY B 366 5.91 -8.69 29.26
CA GLY B 366 7.36 -8.88 29.30
C GLY B 366 7.83 -10.31 29.13
N GLY B 367 6.91 -11.23 28.91
CA GLY B 367 7.27 -12.63 28.71
C GLY B 367 7.66 -12.93 27.29
N ILE B 368 8.67 -13.78 27.09
CA ILE B 368 9.08 -14.33 25.82
C ILE B 368 9.10 -15.85 25.94
N LEU B 369 8.10 -16.50 25.33
CA LEU B 369 7.96 -17.94 25.29
C LEU B 369 8.95 -18.42 24.20
N LEU B 370 10.05 -19.10 24.59
CA LEU B 370 11.10 -19.46 23.66
C LEU B 370 11.24 -20.98 23.52
N VAL B 371 11.36 -21.45 22.28
CA VAL B 371 11.47 -22.88 22.03
C VAL B 371 12.76 -23.15 21.27
N VAL B 372 13.57 -24.12 21.71
CA VAL B 372 14.76 -24.58 21.02
C VAL B 372 14.36 -25.98 20.64
N PRO B 373 13.84 -26.17 19.41
CA PRO B 373 13.27 -27.48 19.03
C PRO B 373 14.21 -28.64 19.31
N ASN B 374 13.66 -29.75 19.85
CA ASN B 374 14.41 -30.95 20.19
C ASN B 374 15.37 -30.77 21.38
N VAL B 375 15.40 -29.57 22.00
CA VAL B 375 16.34 -29.33 23.08
C VAL B 375 15.64 -28.88 24.35
N MET B 376 14.88 -27.77 24.27
CA MET B 376 14.28 -27.24 25.48
C MET B 376 13.29 -26.09 25.21
N GLY B 377 12.52 -25.80 26.22
CA GLY B 377 11.63 -24.66 26.26
C GLY B 377 12.11 -23.69 27.33
N MET B 378 11.74 -22.42 27.19
CA MET B 378 12.09 -21.37 28.14
C MET B 378 11.02 -20.32 28.24
N MET B 379 10.99 -19.63 29.37
CA MET B 379 10.18 -18.46 29.60
C MET B 379 11.12 -17.44 30.21
N CYS B 380 11.30 -16.34 29.50
CA CYS B 380 12.10 -15.18 29.89
C CYS B 380 11.10 -14.13 30.25
N TRP B 381 11.24 -13.46 31.38
CA TRP B 381 10.26 -12.44 31.76
C TRP B 381 10.82 -11.28 32.49
N SER B 382 10.57 -10.11 31.93
CA SER B 382 10.89 -8.86 32.58
C SER B 382 9.91 -7.87 31.99
N PRO B 383 9.16 -7.16 32.85
CA PRO B 383 8.16 -6.20 32.35
C PRO B 383 8.64 -5.11 31.38
N PRO B 384 9.80 -4.41 31.53
CA PRO B 384 10.13 -3.33 30.57
C PRO B 384 10.28 -3.79 29.11
N LEU B 385 9.55 -3.14 28.21
CA LEU B 385 9.52 -3.45 26.80
C LEU B 385 10.26 -2.43 25.97
N ASP B 386 10.76 -2.84 24.80
CA ASP B 386 11.40 -1.91 23.87
C ASP B 386 10.32 -1.26 22.95
N LYS B 387 10.74 -0.42 21.98
CA LYS B 387 9.80 0.27 21.09
C LYS B 387 8.98 -0.68 20.23
N MET B 388 9.42 -1.94 20.06
CA MET B 388 8.66 -2.94 19.31
C MET B 388 7.67 -3.75 20.16
N GLY B 389 7.65 -3.52 21.48
CA GLY B 389 6.76 -4.23 22.40
C GLY B 389 7.34 -5.50 23.03
N ASN B 390 8.61 -5.79 22.74
CA ASN B 390 9.27 -6.96 23.26
C ASN B 390 10.09 -6.61 24.49
N SER B 391 10.18 -7.53 25.44
CA SER B 391 10.98 -7.37 26.65
C SER B 391 12.45 -7.13 26.29
N VAL B 392 13.03 -6.06 26.81
CA VAL B 392 14.43 -5.67 26.61
C VAL B 392 15.39 -6.76 27.08
N LYS B 393 15.23 -7.25 28.32
CA LYS B 393 16.11 -8.25 28.90
C LYS B 393 16.00 -9.56 28.15
N GLY B 394 14.77 -9.96 27.82
CA GLY B 394 14.52 -11.19 27.08
C GLY B 394 15.16 -11.21 25.72
N ILE B 395 14.99 -10.11 24.93
CA ILE B 395 15.56 -9.99 23.58
C ILE B 395 17.10 -10.09 23.66
N HIS B 396 17.71 -9.37 24.61
CA HIS B 396 19.14 -9.34 24.83
C HIS B 396 19.63 -10.76 25.14
N PHE B 397 18.90 -11.45 26.04
CA PHE B 397 19.16 -12.81 26.46
C PHE B 397 19.10 -13.81 25.28
N CYS B 398 18.05 -13.76 24.44
CA CYS B 398 17.91 -14.62 23.25
C CYS B 398 19.12 -14.45 22.31
N HIS B 399 19.57 -13.20 22.13
CA HIS B 399 20.71 -12.92 21.25
C HIS B 399 22.00 -13.53 21.78
N ASP B 400 22.18 -13.44 23.10
CA ASP B 400 23.33 -13.97 23.82
C ASP B 400 23.35 -15.46 23.80
N LEU B 401 22.17 -16.08 23.99
CA LEU B 401 21.99 -17.53 23.99
C LEU B 401 22.44 -18.12 22.65
N VAL B 402 22.04 -17.51 21.56
CA VAL B 402 22.42 -17.98 20.23
C VAL B 402 23.85 -17.57 19.86
N SER B 403 24.43 -16.49 20.46
CA SER B 403 25.84 -16.18 20.22
C SER B 403 26.71 -17.27 20.90
N LEU B 404 26.27 -17.75 22.05
CA LEU B 404 27.00 -18.72 22.83
C LEU B 404 26.86 -20.12 22.25
N CYS B 405 25.62 -20.56 21.99
CA CYS B 405 25.30 -21.91 21.56
C CYS B 405 24.82 -22.01 20.13
N ASN B 406 25.02 -23.19 19.52
CA ASN B 406 24.59 -23.55 18.16
C ASN B 406 23.13 -23.90 18.11
N PHE B 407 22.29 -23.03 18.69
CA PHE B 407 20.86 -23.21 18.77
C PHE B 407 20.07 -22.50 17.68
N HIS B 408 20.72 -21.71 16.81
CA HIS B 408 20.04 -21.08 15.70
C HIS B 408 19.57 -22.17 14.74
N ASN B 409 18.35 -22.03 14.26
CA ASN B 409 17.67 -22.89 13.31
C ASN B 409 18.58 -23.42 12.18
N TYR B 410 19.44 -22.53 11.69
CA TYR B 410 20.31 -22.83 10.59
C TYR B 410 21.79 -22.90 10.95
N ASP B 411 22.12 -23.02 12.23
CA ASP B 411 23.43 -23.34 12.71
C ASP B 411 23.65 -24.84 12.40
N ASN B 412 24.83 -25.21 11.90
CA ASN B 412 25.10 -26.59 11.59
C ASN B 412 25.41 -27.36 12.87
N LEU B 413 24.94 -28.59 12.96
CA LEU B 413 25.15 -29.45 14.12
C LEU B 413 26.48 -30.18 14.11
N ARG B 414 27.21 -30.15 12.99
CA ARG B 414 28.49 -30.82 12.88
C ARG B 414 29.63 -29.79 12.87
N HIS B 415 29.48 -28.74 12.06
CA HIS B 415 30.47 -27.65 11.92
C HIS B 415 29.86 -26.33 12.36
N PHE B 416 30.08 -25.96 13.62
CA PHE B 416 29.46 -24.76 14.19
C PHE B 416 30.47 -23.71 14.65
N ALA B 417 31.60 -23.59 13.96
CA ALA B 417 32.61 -22.57 14.27
C ALA B 417 33.07 -22.64 15.81
N LYS B 418 33.20 -21.51 16.58
CA LYS B 418 33.63 -21.47 17.97
C LYS B 418 32.42 -21.41 18.96
N LYS B 419 31.22 -21.81 18.52
CA LYS B 419 30.06 -21.85 19.39
C LYS B 419 30.11 -23.10 20.26
N LEU B 420 29.37 -23.10 21.37
CA LEU B 420 29.24 -24.19 22.32
C LEU B 420 28.04 -25.07 21.95
N ASP B 421 28.16 -26.39 22.07
CA ASP B 421 27.02 -27.28 21.83
C ASP B 421 26.75 -28.02 23.13
N PRO B 422 25.72 -27.57 23.89
CA PRO B 422 25.39 -28.25 25.16
C PRO B 422 24.89 -29.68 25.04
N ARG B 423 24.55 -30.11 23.80
CA ARG B 423 24.14 -31.48 23.53
C ARG B 423 25.32 -32.46 23.55
N ARG B 424 26.56 -31.98 23.43
CA ARG B 424 27.77 -32.83 23.44
C ARG B 424 28.44 -32.86 24.79
N GLU B 425 29.23 -33.90 25.04
CA GLU B 425 29.91 -34.08 26.31
C GLU B 425 31.12 -33.14 26.56
N GLY B 426 31.98 -32.95 25.56
CA GLY B 426 33.15 -32.10 25.71
C GLY B 426 33.72 -31.54 24.43
N LEU C 16 -26.78 53.80 -37.93
CA LEU C 16 -26.30 54.56 -39.08
C LEU C 16 -24.98 55.32 -38.80
N PRO C 17 -24.80 56.14 -37.72
CA PRO C 17 -23.51 56.80 -37.50
C PRO C 17 -22.38 55.79 -37.27
N SER C 18 -21.29 55.94 -38.04
CA SER C 18 -20.13 55.04 -38.03
C SER C 18 -19.55 54.75 -36.67
N LEU C 19 -19.18 53.48 -36.43
CA LEU C 19 -18.56 53.00 -35.20
C LEU C 19 -17.21 53.69 -34.95
N GLU C 20 -16.49 54.02 -36.04
CA GLU C 20 -15.21 54.73 -36.02
C GLU C 20 -15.44 56.15 -35.55
N ASP C 21 -16.50 56.83 -36.07
CA ASP C 21 -16.85 58.19 -35.67
C ASP C 21 -17.28 58.17 -34.21
N LEU C 22 -18.12 57.19 -33.83
CA LEU C 22 -18.60 56.99 -32.46
C LEU C 22 -17.44 56.93 -31.47
N LEU C 23 -16.43 56.07 -31.75
CA LEU C 23 -15.24 55.93 -30.93
C LEU C 23 -14.40 57.20 -30.93
N PHE C 24 -14.35 57.90 -32.09
CA PHE C 24 -13.62 59.16 -32.21
C PHE C 24 -14.16 60.20 -31.22
N TYR C 25 -15.50 60.36 -31.16
CA TYR C 25 -16.14 61.34 -30.27
C TYR C 25 -15.94 61.02 -28.77
N THR C 26 -15.86 59.73 -28.41
CA THR C 26 -15.64 59.36 -27.02
C THR C 26 -14.18 59.58 -26.57
N ILE C 27 -13.23 59.58 -27.53
CA ILE C 27 -11.83 59.80 -27.21
C ILE C 27 -11.45 61.27 -27.31
N ALA C 28 -12.06 62.00 -28.26
CA ALA C 28 -11.78 63.42 -28.52
C ALA C 28 -12.11 64.37 -27.38
N GLU C 29 -13.21 64.11 -26.66
CA GLU C 29 -13.68 64.95 -25.56
C GLU C 29 -13.94 66.41 -26.00
N GLY C 30 -14.82 66.57 -26.97
CA GLY C 30 -15.19 67.88 -27.49
C GLY C 30 -14.19 68.54 -28.43
N GLN C 31 -13.01 67.92 -28.60
CA GLN C 31 -11.99 68.46 -29.48
C GLN C 31 -12.19 68.04 -30.92
N GLU C 32 -11.69 68.84 -31.86
CA GLU C 32 -11.80 68.52 -33.28
C GLU C 32 -10.77 67.44 -33.71
N LYS C 33 -9.65 67.34 -32.98
CA LYS C 33 -8.60 66.37 -33.29
C LYS C 33 -8.08 65.70 -32.00
N ILE C 34 -7.67 64.43 -32.11
CA ILE C 34 -7.09 63.70 -30.99
C ILE C 34 -5.61 63.53 -31.26
N PRO C 35 -4.73 63.94 -30.33
CA PRO C 35 -3.29 63.70 -30.54
C PRO C 35 -3.01 62.19 -30.48
N VAL C 36 -2.03 61.71 -31.25
CA VAL C 36 -1.73 60.28 -31.30
C VAL C 36 -1.33 59.72 -29.92
N HIS C 37 -0.65 60.54 -29.08
CA HIS C 37 -0.23 60.12 -27.75
C HIS C 37 -1.41 59.88 -26.81
N LYS C 38 -2.48 60.69 -26.96
CA LYS C 38 -3.68 60.56 -26.16
C LYS C 38 -4.36 59.22 -26.46
N PHE C 39 -4.47 58.88 -27.74
CA PHE C 39 -5.07 57.62 -28.17
C PHE C 39 -4.25 56.42 -27.68
N ILE C 40 -2.91 56.49 -27.83
CA ILE C 40 -2.03 55.42 -27.40
C ILE C 40 -2.09 55.20 -25.87
N THR C 41 -2.10 56.29 -25.11
CA THR C 41 -2.19 56.28 -23.64
C THR C 41 -3.53 55.69 -23.20
N ALA C 42 -4.61 56.06 -23.90
CA ALA C 42 -5.95 55.58 -23.60
C ALA C 42 -6.08 54.08 -23.93
N LEU C 43 -5.43 53.62 -25.01
CA LEU C 43 -5.43 52.22 -25.40
C LEU C 43 -4.66 51.40 -24.36
N LYS C 44 -3.50 51.92 -23.91
CA LYS C 44 -2.69 51.19 -22.92
C LYS C 44 -3.41 51.00 -21.59
N SER C 45 -4.23 51.98 -21.16
CA SER C 45 -4.99 51.87 -19.91
C SER C 45 -6.06 50.77 -19.94
N THR C 46 -6.52 50.39 -21.15
CA THR C 46 -7.47 49.28 -21.31
C THR C 46 -6.81 47.92 -20.95
N GLY C 47 -5.48 47.84 -21.08
CA GLY C 47 -4.71 46.64 -20.81
C GLY C 47 -3.96 46.11 -22.01
N LEU C 48 -4.43 46.46 -23.21
CA LEU C 48 -3.79 46.01 -24.43
C LEU C 48 -2.44 46.65 -24.63
N ARG C 49 -1.55 45.94 -25.31
CA ARG C 49 -0.25 46.47 -25.67
C ARG C 49 -0.33 46.94 -27.10
N THR C 50 0.46 47.97 -27.46
CA THR C 50 0.47 48.45 -28.85
C THR C 50 0.99 47.37 -29.82
N SER C 51 1.81 46.43 -29.31
CA SER C 51 2.38 45.32 -30.08
C SER C 51 1.40 44.15 -30.29
N ASP C 52 0.17 44.24 -29.78
CA ASP C 52 -0.84 43.19 -29.92
C ASP C 52 -1.08 42.83 -31.40
N PRO C 53 -0.87 41.55 -31.75
CA PRO C 53 -1.04 41.12 -33.15
C PRO C 53 -2.40 41.44 -33.78
N ARG C 54 -3.48 41.52 -32.99
CA ARG C 54 -4.81 41.88 -33.51
C ARG C 54 -4.96 43.39 -33.81
N LEU C 55 -3.98 44.19 -33.37
CA LEU C 55 -3.92 45.63 -33.57
C LEU C 55 -2.88 46.04 -34.62
N LYS C 56 -2.22 45.07 -35.29
CA LYS C 56 -1.17 45.36 -36.28
C LYS C 56 -1.62 46.33 -37.35
N GLU C 57 -2.79 46.15 -37.95
CA GLU C 57 -3.28 47.06 -39.00
C GLU C 57 -3.41 48.51 -38.51
N CYS C 58 -3.85 48.71 -37.26
CA CYS C 58 -4.00 50.03 -36.64
C CYS C 58 -2.64 50.69 -36.46
N MET C 59 -1.67 49.93 -35.94
CA MET C 59 -0.31 50.40 -35.67
C MET C 59 0.50 50.65 -36.92
N ASP C 60 0.29 49.83 -37.94
CA ASP C 60 0.93 50.05 -39.24
C ASP C 60 0.39 51.31 -39.87
N MET C 61 -0.93 51.55 -39.74
CA MET C 61 -1.57 52.77 -40.25
C MET C 61 -1.10 53.99 -39.47
N LEU C 62 -0.90 53.85 -38.17
CA LEU C 62 -0.43 54.96 -37.33
C LEU C 62 1.00 55.35 -37.71
N ARG C 63 1.88 54.37 -37.94
CA ARG C 63 3.27 54.63 -38.33
C ARG C 63 3.36 55.27 -39.70
N LEU C 64 2.48 54.88 -40.62
CA LEU C 64 2.42 55.44 -41.96
C LEU C 64 1.97 56.90 -41.88
N THR C 65 0.87 57.19 -41.17
CA THR C 65 0.34 58.55 -41.03
C THR C 65 1.22 59.46 -40.14
N LEU C 66 2.12 58.86 -39.31
CA LEU C 66 3.03 59.62 -38.45
C LEU C 66 4.12 60.24 -39.32
N GLN C 67 4.66 59.47 -40.28
CA GLN C 67 5.68 60.01 -41.21
N VAL C 73 0.84 63.94 -36.03
CA VAL C 73 0.66 64.12 -34.58
C VAL C 73 -0.82 64.26 -34.23
N MET C 74 -1.54 65.13 -34.93
CA MET C 74 -2.97 65.35 -34.66
C MET C 74 -3.87 64.59 -35.63
N LEU C 75 -4.67 63.66 -35.09
CA LEU C 75 -5.60 62.86 -35.88
C LEU C 75 -7.02 63.41 -35.85
N ASP C 76 -7.54 63.81 -37.01
CA ASP C 76 -8.93 64.27 -37.11
C ASP C 76 -9.89 63.06 -37.26
N LYS C 77 -11.19 63.29 -37.47
CA LYS C 77 -12.18 62.21 -37.63
C LYS C 77 -11.84 61.31 -38.81
N ASP C 78 -11.35 61.91 -39.90
CA ASP C 78 -11.00 61.18 -41.11
C ASP C 78 -9.76 60.31 -40.94
N LEU C 79 -8.70 60.87 -40.34
CA LEU C 79 -7.44 60.15 -40.12
C LEU C 79 -7.59 59.08 -39.04
N PHE C 80 -8.47 59.30 -38.06
CA PHE C 80 -8.72 58.35 -37.01
C PHE C 80 -9.41 57.14 -37.61
N LYS C 81 -10.44 57.36 -38.45
CA LYS C 81 -11.17 56.29 -39.13
C LYS C 81 -10.21 55.47 -40.01
N LYS C 82 -9.32 56.16 -40.72
CA LYS C 82 -8.33 55.56 -41.61
C LYS C 82 -7.39 54.65 -40.83
N CYS C 83 -7.00 55.06 -39.62
CA CYS C 83 -6.12 54.25 -38.77
C CYS C 83 -6.82 53.10 -38.04
N VAL C 84 -8.05 53.30 -37.53
CA VAL C 84 -8.71 52.28 -36.71
C VAL C 84 -9.74 51.37 -37.39
N GLN C 85 -10.26 51.73 -38.58
CA GLN C 85 -11.33 50.95 -39.22
C GLN C 85 -11.09 49.43 -39.32
N SER C 86 -9.85 48.97 -39.54
CA SER C 86 -9.59 47.54 -39.65
C SER C 86 -9.74 46.82 -38.32
N ASN C 87 -9.40 47.48 -37.21
CA ASN C 87 -9.48 46.86 -35.90
C ASN C 87 -10.55 47.48 -35.01
N ILE C 88 -11.56 48.15 -35.60
CA ILE C 88 -12.61 48.88 -34.86
C ILE C 88 -13.35 48.03 -33.83
N VAL C 89 -13.66 46.77 -34.15
CA VAL C 89 -14.37 45.90 -33.24
C VAL C 89 -13.63 45.72 -31.91
N LEU C 90 -12.35 45.28 -31.96
CA LEU C 90 -11.52 45.07 -30.78
C LEU C 90 -11.26 46.36 -30.00
N LEU C 91 -11.03 47.46 -30.71
CA LEU C 91 -10.79 48.75 -30.09
C LEU C 91 -12.04 49.24 -29.38
N THR C 92 -13.24 49.01 -29.95
CA THR C 92 -14.49 49.42 -29.32
C THR C 92 -14.71 48.64 -28.02
N GLN C 93 -14.40 47.33 -28.03
CA GLN C 93 -14.51 46.50 -26.82
C GLN C 93 -13.58 47.03 -25.73
N ALA C 94 -12.35 47.39 -26.11
CA ALA C 94 -11.35 47.96 -25.20
C ALA C 94 -11.74 49.31 -24.60
N PHE C 95 -12.20 50.26 -25.43
CA PHE C 95 -12.57 51.59 -24.97
C PHE C 95 -13.92 51.64 -24.27
N ARG C 96 -14.83 50.70 -24.61
CA ARG C 96 -16.16 50.66 -23.98
C ARG C 96 -16.22 49.69 -22.80
N ARG C 97 -15.07 49.41 -22.17
CA ARG C 97 -14.92 48.56 -20.99
C ARG C 97 -15.67 47.23 -21.08
N LYS C 98 -15.54 46.55 -22.22
CA LYS C 98 -16.17 45.26 -22.48
C LYS C 98 -15.25 44.05 -22.20
N PHE C 99 -14.01 44.31 -21.76
CA PHE C 99 -13.07 43.22 -21.48
C PHE C 99 -13.39 42.49 -20.19
N VAL C 100 -12.82 41.28 -20.02
CA VAL C 100 -13.13 40.43 -18.88
C VAL C 100 -12.84 41.16 -17.55
N ILE C 101 -11.82 42.01 -17.51
CA ILE C 101 -11.54 42.83 -16.33
C ILE C 101 -11.59 44.25 -16.85
N PRO C 102 -12.76 44.90 -16.78
CA PRO C 102 -12.89 46.25 -17.34
C PRO C 102 -11.97 47.30 -16.72
N ASP C 103 -11.81 47.33 -15.40
CA ASP C 103 -10.90 48.27 -14.75
C ASP C 103 -9.56 47.56 -14.57
N PHE C 104 -8.86 47.34 -15.70
CA PHE C 104 -7.58 46.67 -15.68
C PHE C 104 -6.53 47.41 -14.88
N MET C 105 -6.48 48.74 -14.95
CA MET C 105 -5.49 49.52 -14.20
C MET C 105 -5.55 49.28 -12.71
N SER C 106 -6.75 49.15 -12.17
CA SER C 106 -6.94 48.86 -10.75
C SER C 106 -6.47 47.45 -10.43
N PHE C 107 -6.79 46.50 -11.31
CA PHE C 107 -6.41 45.10 -11.16
C PHE C 107 -4.88 44.93 -11.13
N THR C 108 -4.16 45.59 -12.03
CA THR C 108 -2.69 45.50 -12.11
C THR C 108 -2.00 46.05 -10.84
N SER C 109 -2.63 47.00 -10.16
CA SER C 109 -2.15 47.57 -8.90
C SER C 109 -2.28 46.52 -7.78
N HIS C 110 -3.37 45.75 -7.77
CA HIS C 110 -3.58 44.67 -6.81
C HIS C 110 -2.56 43.55 -7.07
N ILE C 111 -2.28 43.23 -8.35
CA ILE C 111 -1.29 42.24 -8.76
C ILE C 111 0.08 42.67 -8.25
N ASP C 112 0.42 43.95 -8.40
CA ASP C 112 1.69 44.49 -7.91
C ASP C 112 1.84 44.29 -6.40
N GLU C 113 0.75 44.49 -5.64
CA GLU C 113 0.69 44.33 -4.18
C GLU C 113 0.93 42.88 -3.80
N LEU C 114 0.34 41.94 -4.56
CA LEU C 114 0.48 40.50 -4.37
C LEU C 114 1.91 40.08 -4.70
N TYR C 115 2.47 40.62 -5.77
CA TYR C 115 3.84 40.39 -6.20
C TYR C 115 4.81 40.86 -5.08
N GLU C 116 4.57 42.05 -4.51
CA GLU C 116 5.43 42.61 -3.47
C GLU C 116 5.35 41.84 -2.15
N SER C 117 4.18 41.30 -1.84
CA SER C 117 3.97 40.52 -0.64
C SER C 117 4.68 39.16 -0.78
N ALA C 118 4.62 38.53 -1.97
CA ALA C 118 5.31 37.27 -2.20
C ALA C 118 6.82 37.44 -2.28
N LYS C 119 7.27 38.59 -2.80
CA LYS C 119 8.68 38.94 -2.94
C LYS C 119 9.45 38.79 -1.66
N LYS C 120 8.82 39.10 -0.52
CA LYS C 120 9.47 39.02 0.80
C LYS C 120 9.74 37.59 1.28
N GLN C 121 9.05 36.59 0.70
CA GLN C 121 9.22 35.19 1.07
C GLN C 121 10.52 34.71 0.45
N SER C 122 11.61 34.92 1.15
CA SER C 122 12.94 34.56 0.67
C SER C 122 13.32 33.09 0.86
N GLY C 123 12.44 32.29 1.46
CA GLY C 123 12.73 30.88 1.72
C GLY C 123 12.77 30.01 0.49
N GLY C 124 13.02 28.72 0.71
CA GLY C 124 13.09 27.76 -0.36
C GLY C 124 14.50 27.46 -0.80
N LYS C 125 14.64 26.44 -1.65
CA LYS C 125 15.93 26.03 -2.18
C LYS C 125 15.88 25.92 -3.70
N VAL C 126 16.77 26.60 -4.40
CA VAL C 126 16.83 26.54 -5.86
C VAL C 126 17.31 25.13 -6.24
N ALA C 127 16.68 24.49 -7.24
CA ALA C 127 17.06 23.14 -7.69
C ALA C 127 18.53 23.06 -8.11
N ASP C 128 19.26 22.02 -7.67
CA ASP C 128 20.67 21.92 -7.99
C ASP C 128 21.10 20.58 -8.58
N TYR C 129 20.15 19.71 -8.95
CA TYR C 129 20.51 18.41 -9.53
C TYR C 129 21.20 18.55 -10.91
N ILE C 130 20.99 19.69 -11.59
CA ILE C 130 21.67 20.07 -12.82
C ILE C 130 22.24 21.49 -12.63
N PRO C 131 23.50 21.74 -13.03
CA PRO C 131 24.08 23.08 -12.82
C PRO C 131 23.32 24.24 -13.47
N GLN C 132 22.50 23.93 -14.49
CA GLN C 132 21.72 24.94 -15.23
C GLN C 132 20.62 25.55 -14.37
N LEU C 133 20.02 24.76 -13.48
CA LEU C 133 18.98 25.28 -12.57
C LEU C 133 19.64 25.99 -11.39
N ALA C 134 20.75 25.41 -10.89
CA ALA C 134 21.53 25.90 -9.75
C ALA C 134 22.12 27.29 -9.97
N LYS C 135 22.40 27.64 -11.22
CA LYS C 135 22.97 28.94 -11.63
C LYS C 135 22.02 30.13 -11.41
N PHE C 136 20.72 29.87 -11.28
CA PHE C 136 19.73 30.92 -11.10
C PHE C 136 19.71 31.52 -9.69
N SER C 137 19.62 32.85 -9.63
CA SER C 137 19.56 33.62 -8.40
C SER C 137 18.23 33.35 -7.69
N PRO C 138 18.26 33.10 -6.38
CA PRO C 138 17.00 32.89 -5.65
C PRO C 138 16.10 34.15 -5.58
N ASP C 139 16.67 35.33 -5.85
CA ASP C 139 15.98 36.63 -5.84
C ASP C 139 15.20 36.93 -7.14
N LEU C 140 15.33 36.07 -8.16
CA LEU C 140 14.60 36.23 -9.40
C LEU C 140 13.13 35.90 -9.12
N TRP C 141 12.23 36.85 -9.43
CA TRP C 141 10.79 36.75 -9.16
C TRP C 141 10.00 37.57 -10.14
N GLY C 142 9.10 36.91 -10.87
CA GLY C 142 8.25 37.55 -11.85
C GLY C 142 6.85 36.98 -11.87
N VAL C 143 5.88 37.81 -12.26
CA VAL C 143 4.47 37.48 -12.34
C VAL C 143 3.93 38.16 -13.62
N SER C 144 3.35 37.38 -14.52
CA SER C 144 2.80 37.91 -15.76
C SER C 144 1.35 37.51 -15.91
N VAL C 145 0.54 38.44 -16.38
CA VAL C 145 -0.89 38.26 -16.54
C VAL C 145 -1.26 38.52 -17.99
N CYS C 146 -2.08 37.63 -18.59
CA CYS C 146 -2.63 37.84 -19.92
C CYS C 146 -4.08 37.47 -19.76
N THR C 147 -5.03 38.44 -19.87
CA THR C 147 -6.44 38.09 -19.75
C THR C 147 -6.93 37.33 -21.01
N VAL C 148 -8.14 36.72 -20.96
CA VAL C 148 -8.69 36.06 -22.15
C VAL C 148 -8.99 37.07 -23.30
N ASP C 149 -8.87 38.38 -23.02
CA ASP C 149 -9.02 39.42 -24.01
C ASP C 149 -7.68 40.06 -24.42
N GLY C 150 -6.56 39.52 -23.96
CA GLY C 150 -5.23 39.99 -24.32
C GLY C 150 -4.74 41.18 -23.53
N GLN C 151 -5.28 41.43 -22.33
CA GLN C 151 -4.82 42.53 -21.48
C GLN C 151 -3.58 42.01 -20.73
N ARG C 152 -2.50 42.79 -20.74
CA ARG C 152 -1.22 42.35 -20.19
C ARG C 152 -0.68 43.15 -19.02
N HIS C 153 -0.08 42.44 -18.05
CA HIS C 153 0.57 43.08 -16.93
C HIS C 153 1.76 42.27 -16.48
N SER C 154 2.86 42.95 -16.18
CA SER C 154 4.05 42.26 -15.72
C SER C 154 4.71 43.00 -14.59
N THR C 155 5.21 42.24 -13.62
CA THR C 155 5.95 42.78 -12.49
C THR C 155 7.09 41.83 -12.24
N GLY C 156 8.28 42.39 -12.07
CA GLY C 156 9.49 41.62 -11.82
C GLY C 156 10.22 41.12 -13.05
N ASP C 157 10.97 40.04 -12.85
CA ASP C 157 11.82 39.39 -13.83
C ASP C 157 11.02 38.51 -14.80
N THR C 158 10.15 39.16 -15.59
CA THR C 158 9.20 38.56 -16.53
C THR C 158 9.75 38.33 -17.95
N LYS C 159 10.89 38.93 -18.27
CA LYS C 159 11.51 38.74 -19.59
C LYS C 159 12.79 37.90 -19.53
N VAL C 160 12.96 37.10 -18.49
CA VAL C 160 14.13 36.27 -18.31
C VAL C 160 13.79 34.84 -18.67
N PRO C 161 14.50 34.27 -19.66
CA PRO C 161 14.22 32.88 -20.03
C PRO C 161 14.56 31.89 -18.91
N PHE C 162 13.72 30.90 -18.77
CA PHE C 162 13.86 29.79 -17.84
C PHE C 162 13.13 28.58 -18.46
N CYS C 163 13.54 27.37 -18.10
CA CYS C 163 12.93 26.16 -18.64
C CYS C 163 11.60 25.85 -18.01
N LEU C 164 10.68 25.39 -18.84
CA LEU C 164 9.33 25.00 -18.45
C LEU C 164 9.42 23.84 -17.48
N GLN C 165 10.25 22.82 -17.80
CA GLN C 165 10.37 21.58 -17.03
C GLN C 165 8.98 20.91 -17.01
N SER C 166 8.41 20.52 -15.85
CA SER C 166 7.09 19.91 -15.81
C SER C 166 5.94 20.84 -16.15
N CYS C 167 6.19 22.17 -16.29
CA CYS C 167 5.13 23.08 -16.74
C CYS C 167 4.69 22.68 -18.21
N VAL C 168 5.54 21.94 -18.94
CA VAL C 168 5.25 21.48 -20.30
C VAL C 168 4.28 20.29 -20.31
N LYS C 169 4.17 19.54 -19.17
CA LYS C 169 3.30 18.38 -19.07
C LYS C 169 1.86 18.68 -19.48
N PRO C 170 1.20 19.76 -19.00
CA PRO C 170 -0.16 20.04 -19.47
C PRO C 170 -0.23 20.38 -20.96
N LEU C 171 0.81 21.05 -21.46
CA LEU C 171 0.89 21.51 -22.84
C LEU C 171 1.03 20.38 -23.85
N LYS C 172 1.88 19.39 -23.57
CA LYS C 172 2.02 18.23 -24.46
C LYS C 172 0.83 17.28 -24.34
N TYR C 173 0.20 17.23 -23.17
CA TYR C 173 -1.00 16.45 -22.97
C TYR C 173 -2.15 17.09 -23.77
N ALA C 174 -2.24 18.44 -23.80
CA ALA C 174 -3.24 19.17 -24.58
C ALA C 174 -3.06 18.87 -26.05
N ILE C 175 -1.79 18.85 -26.54
CA ILE C 175 -1.48 18.54 -27.94
C ILE C 175 -1.93 17.13 -28.26
N ALA C 176 -1.61 16.17 -27.41
CA ALA C 176 -1.95 14.77 -27.62
C ALA C 176 -3.47 14.59 -27.69
N VAL C 177 -4.23 15.22 -26.79
CA VAL C 177 -5.68 15.12 -26.81
C VAL C 177 -6.27 15.86 -28.01
N ASN C 178 -5.64 16.97 -28.42
CA ASN C 178 -6.06 17.74 -29.57
C ASN C 178 -5.96 16.88 -30.84
N ASP C 179 -4.88 16.10 -30.96
CA ASP C 179 -4.63 15.30 -32.14
C ASP C 179 -5.26 13.91 -32.15
N LEU C 180 -5.36 13.28 -30.97
CA LEU C 180 -5.83 11.90 -30.89
C LEU C 180 -7.18 11.70 -30.23
N GLY C 181 -7.62 12.66 -29.43
CA GLY C 181 -8.87 12.56 -28.69
C GLY C 181 -8.69 11.97 -27.31
N THR C 182 -9.67 12.15 -26.42
CA THR C 182 -9.64 11.64 -25.05
C THR C 182 -9.53 10.11 -24.98
N GLU C 183 -10.40 9.38 -25.71
CA GLU C 183 -10.45 7.93 -25.69
C GLU C 183 -9.09 7.32 -25.98
N TYR C 184 -8.47 7.72 -27.12
CA TYR C 184 -7.16 7.19 -27.50
C TYR C 184 -6.10 7.47 -26.46
N VAL C 185 -5.91 8.73 -26.08
CA VAL C 185 -4.84 9.10 -25.16
C VAL C 185 -4.95 8.37 -23.81
N HIS C 186 -6.17 8.24 -23.31
CA HIS C 186 -6.41 7.63 -22.03
C HIS C 186 -6.39 6.10 -22.02
N ARG C 187 -6.16 5.45 -23.18
CA ARG C 187 -5.90 4.02 -23.19
C ARG C 187 -4.48 3.75 -22.59
N TYR C 188 -3.61 4.77 -22.57
CA TYR C 188 -2.23 4.72 -22.13
C TYR C 188 -1.97 5.44 -20.82
N VAL C 189 -2.84 6.40 -20.46
CA VAL C 189 -2.67 7.13 -19.23
C VAL C 189 -4.00 7.33 -18.49
N GLY C 190 -3.95 7.33 -17.17
CA GLY C 190 -5.13 7.53 -16.36
C GLY C 190 -5.57 8.98 -16.31
N LYS C 191 -6.56 9.27 -15.46
CA LYS C 191 -7.08 10.64 -15.36
C LYS C 191 -7.34 11.07 -13.91
N GLU C 192 -6.61 10.52 -12.95
CA GLU C 192 -6.84 10.81 -11.54
C GLU C 192 -5.57 10.96 -10.76
N PRO C 193 -5.59 11.67 -9.62
CA PRO C 193 -4.39 11.67 -8.76
C PRO C 193 -4.18 10.27 -8.19
N SER C 194 -2.94 9.93 -7.91
CA SER C 194 -2.60 8.64 -7.33
C SER C 194 -2.95 8.64 -5.84
N GLY C 195 -2.67 9.80 -5.16
CA GLY C 195 -2.79 10.11 -3.75
C GLY C 195 -2.02 9.16 -2.85
N ASN C 199 3.42 10.07 -3.85
CA ASN C 199 3.28 8.66 -4.27
C ASN C 199 4.49 8.19 -5.14
N LYS C 200 5.02 6.99 -4.84
CA LYS C 200 6.20 6.43 -5.48
C LYS C 200 5.92 5.34 -6.52
N LEU C 201 4.64 5.08 -6.87
CA LEU C 201 4.31 4.07 -7.87
C LEU C 201 4.23 4.69 -9.26
N PHE C 202 4.75 3.96 -10.26
CA PHE C 202 4.74 4.41 -11.65
C PHE C 202 3.41 4.10 -12.34
N LEU C 203 2.67 3.06 -11.87
CA LEU C 203 1.44 2.60 -12.52
C LEU C 203 0.27 2.35 -11.56
N ASN C 204 -0.94 2.69 -12.02
CA ASN C 204 -2.18 2.46 -11.27
C ASN C 204 -2.57 0.96 -11.34
N GLU C 205 -3.73 0.57 -10.77
CA GLU C 205 -4.20 -0.83 -10.77
C GLU C 205 -4.32 -1.41 -12.20
N ASP C 206 -4.63 -0.55 -13.17
CA ASP C 206 -4.82 -0.92 -14.57
C ASP C 206 -3.54 -0.88 -15.42
N ASP C 207 -2.35 -0.93 -14.77
CA ASP C 207 -1.04 -0.91 -15.43
C ASP C 207 -0.80 0.31 -16.33
N LYS C 208 -1.42 1.43 -15.97
CA LYS C 208 -1.21 2.66 -16.71
C LYS C 208 -0.65 3.71 -15.75
N PRO C 209 0.19 4.65 -16.22
CA PRO C 209 0.57 5.78 -15.35
C PRO C 209 -0.70 6.51 -14.88
N HIS C 210 -0.71 6.95 -13.63
CA HIS C 210 -1.89 7.53 -12.99
C HIS C 210 -2.56 8.68 -13.72
N ASN C 211 -1.78 9.57 -14.27
CA ASN C 211 -2.27 10.75 -14.95
C ASN C 211 -1.11 11.38 -15.74
N PRO C 212 -1.39 12.31 -16.66
CA PRO C 212 -0.32 12.93 -17.45
C PRO C 212 0.59 13.92 -16.72
N MET C 213 0.23 14.29 -15.50
CA MET C 213 1.00 15.29 -14.76
C MET C 213 2.14 14.68 -13.93
N VAL C 214 2.16 13.35 -13.74
CA VAL C 214 3.28 12.69 -13.08
C VAL C 214 4.32 12.30 -14.17
N ASN C 215 5.55 11.95 -13.76
CA ASN C 215 6.62 11.66 -14.70
C ASN C 215 6.34 10.48 -15.62
N ALA C 216 5.85 9.37 -15.10
CA ALA C 216 5.50 8.19 -15.90
C ALA C 216 4.43 8.53 -16.94
N GLY C 217 3.42 9.32 -16.54
CA GLY C 217 2.33 9.73 -17.41
C GLY C 217 2.79 10.64 -18.52
N ALA C 218 3.61 11.63 -18.19
CA ALA C 218 4.17 12.55 -19.16
C ALA C 218 5.02 11.81 -20.18
N ILE C 219 5.79 10.81 -19.73
CA ILE C 219 6.63 10.02 -20.62
C ILE C 219 5.76 9.22 -21.59
N VAL C 220 4.64 8.67 -21.12
CA VAL C 220 3.73 7.92 -21.99
C VAL C 220 3.06 8.89 -22.97
N VAL C 221 2.65 10.09 -22.50
CA VAL C 221 2.06 11.11 -23.34
C VAL C 221 3.04 11.55 -24.44
N THR C 222 4.35 11.64 -24.08
CA THR C 222 5.42 11.98 -25.01
C THR C 222 5.46 10.99 -26.18
N SER C 223 5.31 9.69 -25.89
CA SER C 223 5.30 8.64 -26.91
C SER C 223 4.07 8.63 -27.82
N LEU C 224 3.07 9.46 -27.52
CA LEU C 224 1.86 9.53 -28.33
C LEU C 224 1.93 10.62 -29.38
N ILE C 225 2.71 11.69 -29.14
CA ILE C 225 2.85 12.83 -30.04
C ILE C 225 3.58 12.49 -31.34
N LYS C 226 2.91 12.83 -32.47
CA LYS C 226 3.37 12.62 -33.85
C LYS C 226 4.14 11.31 -34.06
N GLN C 227 3.48 10.18 -33.75
CA GLN C 227 4.04 8.85 -33.93
C GLN C 227 4.34 8.63 -35.43
N GLY C 228 5.44 7.96 -35.73
CA GLY C 228 5.82 7.70 -37.11
C GLY C 228 6.92 8.59 -37.66
N VAL C 229 7.17 9.76 -37.03
CA VAL C 229 8.25 10.65 -37.49
C VAL C 229 9.42 10.68 -36.46
N ASN C 230 10.58 11.24 -36.85
CA ASN C 230 11.75 11.31 -35.98
C ASN C 230 11.62 12.42 -34.92
N ASN C 231 12.48 12.38 -33.88
CA ASN C 231 12.47 13.35 -32.78
C ASN C 231 12.69 14.78 -33.24
N ALA C 232 13.39 14.98 -34.35
CA ALA C 232 13.62 16.32 -34.87
C ALA C 232 12.31 16.91 -35.40
N GLU C 233 11.55 16.13 -36.19
CA GLU C 233 10.25 16.55 -36.73
C GLU C 233 9.24 16.70 -35.61
N LYS C 234 9.26 15.76 -34.62
CA LYS C 234 8.38 15.79 -33.46
C LYS C 234 8.63 17.05 -32.63
N PHE C 235 9.89 17.39 -32.35
CA PHE C 235 10.23 18.55 -31.55
C PHE C 235 9.84 19.85 -32.25
N ASP C 236 10.00 19.89 -33.59
CA ASP C 236 9.61 21.03 -34.41
C ASP C 236 8.10 21.22 -34.36
N TYR C 237 7.34 20.11 -34.36
CA TYR C 237 5.90 20.11 -34.34
C TYR C 237 5.39 20.65 -33.00
N VAL C 238 5.95 20.21 -31.89
CA VAL C 238 5.58 20.68 -30.56
C VAL C 238 5.92 22.17 -30.41
N MET C 239 7.10 22.56 -30.86
CA MET C 239 7.53 23.94 -30.87
C MET C 239 6.55 24.85 -31.65
N GLN C 240 6.08 24.42 -32.84
CA GLN C 240 5.12 25.21 -33.65
C GLN C 240 3.76 25.39 -32.93
N PHE C 241 3.38 24.38 -32.12
CA PHE C 241 2.16 24.33 -31.30
C PHE C 241 2.31 25.28 -30.09
N LEU C 242 3.49 25.28 -29.47
CA LEU C 242 3.80 26.18 -28.36
C LEU C 242 3.89 27.62 -28.82
N ASN C 243 4.29 27.84 -30.10
CA ASN C 243 4.36 29.16 -30.69
C ASN C 243 2.94 29.69 -30.81
N LYS C 244 2.01 28.88 -31.36
CA LYS C 244 0.61 29.27 -31.48
C LYS C 244 0.00 29.55 -30.07
N MET C 245 0.30 28.69 -29.07
CA MET C 245 -0.18 28.88 -27.70
C MET C 245 0.26 30.21 -27.08
N ALA C 246 1.50 30.63 -27.33
CA ALA C 246 2.08 31.87 -26.82
C ALA C 246 1.88 33.10 -27.72
N GLY C 247 1.09 32.98 -28.78
CA GLY C 247 0.87 34.10 -29.70
C GLY C 247 2.13 34.59 -30.38
N ASN C 248 3.07 33.64 -30.62
CA ASN C 248 4.36 33.82 -31.25
C ASN C 248 5.36 34.61 -30.38
N GLU C 249 5.12 34.66 -29.06
CA GLU C 249 6.06 35.26 -28.12
C GLU C 249 7.19 34.25 -27.77
N TYR C 250 8.20 34.67 -27.00
CA TYR C 250 9.37 33.84 -26.71
C TYR C 250 9.12 32.35 -26.30
N VAL C 251 9.63 31.44 -27.13
CA VAL C 251 9.68 30.00 -26.88
C VAL C 251 11.04 29.57 -27.43
N GLY C 252 11.86 28.99 -26.58
CA GLY C 252 13.20 28.58 -26.95
C GLY C 252 13.54 27.19 -26.47
N PHE C 253 14.84 26.91 -26.38
CA PHE C 253 15.32 25.61 -25.96
C PHE C 253 16.67 25.76 -25.30
N SER C 254 16.92 25.03 -24.22
CA SER C 254 18.19 25.06 -23.55
C SER C 254 18.87 23.74 -23.78
N ASN C 255 19.83 23.71 -24.69
CA ASN C 255 20.57 22.48 -24.94
C ASN C 255 21.43 22.11 -23.72
N ALA C 256 21.88 23.09 -22.94
CA ALA C 256 22.68 22.85 -21.76
C ALA C 256 21.85 22.08 -20.73
N THR C 257 20.60 22.50 -20.49
CA THR C 257 19.66 21.85 -19.59
C THR C 257 19.38 20.44 -20.11
N PHE C 258 19.14 20.30 -21.41
CA PHE C 258 18.89 19.02 -22.05
C PHE C 258 20.03 18.00 -21.87
N GLN C 259 21.29 18.38 -22.08
CA GLN C 259 22.40 17.45 -21.92
C GLN C 259 22.57 17.03 -20.46
N SER C 260 22.29 17.94 -19.52
CA SER C 260 22.38 17.64 -18.09
C SER C 260 21.23 16.72 -17.62
N GLU C 261 20.03 16.89 -18.19
CA GLU C 261 18.86 16.08 -17.89
C GLU C 261 19.08 14.65 -18.38
N ARG C 262 19.76 14.47 -19.52
CA ARG C 262 20.07 13.15 -20.07
C ARG C 262 21.09 12.45 -19.17
N GLU C 263 22.16 13.18 -18.75
CA GLU C 263 23.23 12.64 -17.91
C GLU C 263 22.76 12.25 -16.50
N SER C 264 21.78 12.98 -15.97
CA SER C 264 21.29 12.73 -14.61
C SER C 264 19.87 12.19 -14.50
N GLY C 265 19.30 11.68 -15.60
CA GLY C 265 17.93 11.18 -15.61
C GLY C 265 17.69 9.74 -15.21
N ASP C 266 18.43 9.22 -14.22
CA ASP C 266 18.28 7.84 -13.73
C ASP C 266 16.85 7.50 -13.36
N ARG C 267 16.14 8.43 -12.71
CA ARG C 267 14.74 8.27 -12.31
C ARG C 267 13.85 8.04 -13.53
N ASN C 268 14.10 8.78 -14.61
CA ASN C 268 13.31 8.69 -15.83
C ASN C 268 13.66 7.47 -16.66
N PHE C 269 14.93 7.02 -16.63
CA PHE C 269 15.35 5.79 -17.28
C PHE C 269 14.73 4.58 -16.57
N ALA C 270 14.59 4.63 -15.24
CA ALA C 270 13.96 3.54 -14.49
C ALA C 270 12.48 3.48 -14.89
N ILE C 271 11.81 4.63 -14.97
CA ILE C 271 10.42 4.74 -15.41
C ILE C 271 10.28 4.16 -16.83
N GLY C 272 11.11 4.62 -17.76
CA GLY C 272 11.10 4.18 -19.15
C GLY C 272 11.21 2.69 -19.35
N TYR C 273 12.17 2.03 -18.64
CA TYR C 273 12.33 0.58 -18.70
C TYR C 273 11.18 -0.15 -18.02
N TYR C 274 10.58 0.44 -17.00
CA TYR C 274 9.46 -0.14 -16.31
C TYR C 274 8.21 -0.11 -17.22
N LEU C 275 8.00 1.02 -17.90
CA LEU C 275 6.86 1.19 -18.81
C LEU C 275 6.97 0.24 -19.99
N LYS C 276 8.20 0.04 -20.50
CA LYS C 276 8.51 -0.82 -21.61
C LYS C 276 8.24 -2.27 -21.22
N GLU C 277 8.69 -2.68 -20.02
CA GLU C 277 8.49 -4.02 -19.49
C GLU C 277 6.98 -4.30 -19.31
N LYS C 278 6.24 -3.30 -18.81
CA LYS C 278 4.81 -3.40 -18.60
C LYS C 278 3.95 -3.11 -19.84
N LYS C 279 4.57 -2.93 -21.01
CA LYS C 279 3.91 -2.66 -22.30
C LYS C 279 2.94 -1.48 -22.26
N CYS C 280 3.42 -0.35 -21.72
CA CYS C 280 2.67 0.90 -21.55
C CYS C 280 2.68 1.82 -22.77
N PHE C 281 3.61 1.60 -23.69
CA PHE C 281 3.78 2.45 -24.86
C PHE C 281 2.99 1.95 -26.06
N PRO C 282 2.61 2.85 -26.99
CA PRO C 282 1.97 2.36 -28.23
C PRO C 282 2.93 1.49 -29.03
N GLU C 283 2.38 0.58 -29.85
CA GLU C 283 3.17 -0.35 -30.65
C GLU C 283 4.20 0.35 -31.53
N GLY C 284 5.43 -0.16 -31.52
CA GLY C 284 6.52 0.37 -32.33
C GLY C 284 7.21 1.58 -31.72
N THR C 285 7.18 1.68 -30.39
CA THR C 285 7.82 2.78 -29.68
C THR C 285 9.27 2.46 -29.32
N ASP C 286 10.16 3.41 -29.58
CA ASP C 286 11.55 3.30 -29.17
C ASP C 286 11.58 4.12 -27.87
N MET C 287 11.71 3.46 -26.72
CA MET C 287 11.66 4.14 -25.43
C MET C 287 12.85 5.10 -25.20
N VAL C 288 14.08 4.70 -25.55
CA VAL C 288 15.28 5.53 -25.38
C VAL C 288 15.15 6.86 -26.13
N GLY C 289 14.63 6.78 -27.34
CA GLY C 289 14.37 7.94 -28.20
C GLY C 289 13.28 8.81 -27.62
N ILE C 290 12.28 8.19 -26.99
CA ILE C 290 11.17 8.87 -26.32
C ILE C 290 11.65 9.62 -25.07
N LEU C 291 12.56 9.01 -24.30
CA LEU C 291 13.12 9.67 -23.12
C LEU C 291 13.91 10.89 -23.53
N ASP C 292 14.65 10.80 -24.65
CA ASP C 292 15.42 11.90 -25.25
C ASP C 292 14.49 13.04 -25.64
N PHE C 293 13.39 12.73 -26.31
CA PHE C 293 12.40 13.72 -26.72
C PHE C 293 11.79 14.39 -25.48
N TYR C 294 11.51 13.57 -24.43
CA TYR C 294 10.98 14.03 -23.15
C TYR C 294 11.94 15.03 -22.48
N PHE C 295 13.25 14.72 -22.44
CA PHE C 295 14.25 15.63 -21.86
C PHE C 295 14.32 16.96 -22.65
N GLN C 296 14.11 16.89 -23.99
CA GLN C 296 14.09 18.08 -24.86
C GLN C 296 12.87 18.93 -24.52
N LEU C 297 11.68 18.32 -24.36
CA LEU C 297 10.40 19.00 -24.02
C LEU C 297 10.47 19.71 -22.69
N CYS C 298 11.20 19.12 -21.73
CA CYS C 298 11.43 19.68 -20.40
C CYS C 298 12.35 20.90 -20.46
N SER C 299 13.31 20.88 -21.40
CA SER C 299 14.30 21.93 -21.60
C SER C 299 13.83 23.11 -22.44
N ILE C 300 12.53 23.15 -22.78
CA ILE C 300 11.98 24.25 -23.54
C ILE C 300 11.93 25.48 -22.64
N GLU C 301 12.46 26.59 -23.11
CA GLU C 301 12.49 27.83 -22.36
C GLU C 301 11.37 28.75 -22.76
N VAL C 302 10.87 29.48 -21.81
CA VAL C 302 9.86 30.51 -22.00
C VAL C 302 10.27 31.69 -21.07
N THR C 303 9.55 32.79 -21.15
CA THR C 303 9.63 33.89 -20.21
C THR C 303 8.27 33.86 -19.48
N CYS C 304 8.10 34.67 -18.43
CA CYS C 304 6.81 34.80 -17.75
C CYS C 304 5.76 35.34 -18.72
N GLU C 305 6.15 36.36 -19.49
CA GLU C 305 5.25 36.98 -20.45
C GLU C 305 4.74 36.01 -21.49
N SER C 306 5.63 35.22 -22.10
CA SER C 306 5.22 34.27 -23.14
C SER C 306 4.43 33.08 -22.62
N ALA C 307 4.80 32.57 -21.44
CA ALA C 307 4.10 31.45 -20.81
C ALA C 307 2.75 31.86 -20.27
N SER C 308 2.60 33.11 -19.81
CA SER C 308 1.29 33.62 -19.36
C SER C 308 0.28 33.60 -20.55
N VAL C 309 0.77 33.78 -21.79
CA VAL C 309 -0.11 33.70 -22.96
C VAL C 309 -0.52 32.25 -23.23
N MET C 310 0.39 31.28 -23.03
CA MET C 310 0.05 29.86 -23.16
C MET C 310 -1.05 29.48 -22.18
N ALA C 311 -0.95 30.01 -20.95
CA ALA C 311 -1.92 29.77 -19.88
C ALA C 311 -3.26 30.47 -20.19
N ALA C 312 -3.22 31.62 -20.90
CA ALA C 312 -4.43 32.33 -21.30
C ALA C 312 -5.10 31.64 -22.48
N THR C 313 -4.36 30.89 -23.32
CA THR C 313 -4.95 30.07 -24.38
C THR C 313 -5.80 28.97 -23.72
N LEU C 314 -5.33 28.41 -22.58
CA LEU C 314 -6.04 27.41 -21.79
C LEU C 314 -7.23 28.03 -21.04
N ALA C 315 -7.08 29.27 -20.54
CA ALA C 315 -8.18 29.98 -19.90
C ALA C 315 -9.25 30.41 -20.93
N ASN C 316 -8.87 30.58 -22.20
CA ASN C 316 -9.74 31.04 -23.27
C ASN C 316 -10.29 29.92 -24.18
N GLY C 317 -10.39 28.71 -23.65
CA GLY C 317 -10.97 27.59 -24.36
C GLY C 317 -10.27 27.16 -25.62
N GLY C 318 -8.96 27.36 -25.64
CA GLY C 318 -8.16 26.93 -26.78
C GLY C 318 -7.84 27.99 -27.81
N PHE C 319 -8.39 29.19 -27.64
CA PHE C 319 -8.11 30.29 -28.54
C PHE C 319 -7.00 31.12 -27.95
N CYS C 320 -6.02 31.55 -28.77
CA CYS C 320 -4.96 32.40 -28.25
C CYS C 320 -5.48 33.85 -28.11
N PRO C 321 -5.49 34.38 -26.86
CA PRO C 321 -6.09 35.70 -26.63
C PRO C 321 -5.52 36.88 -27.43
N ILE C 322 -4.21 36.87 -27.74
CA ILE C 322 -3.60 38.00 -28.46
C ILE C 322 -3.52 37.82 -29.99
N THR C 323 -4.00 36.69 -30.52
CA THR C 323 -4.05 36.48 -31.98
C THR C 323 -5.46 36.12 -32.48
N GLY C 324 -6.28 35.54 -31.61
CA GLY C 324 -7.63 35.08 -31.92
C GLY C 324 -7.68 33.75 -32.66
N GLU C 325 -6.55 33.05 -32.73
CA GLU C 325 -6.43 31.80 -33.45
C GLU C 325 -6.85 30.59 -32.60
N ARG C 326 -7.57 29.64 -33.22
CA ARG C 326 -7.94 28.40 -32.54
C ARG C 326 -6.69 27.53 -32.53
N VAL C 327 -6.12 27.34 -31.35
CA VAL C 327 -4.90 26.57 -31.13
C VAL C 327 -5.20 25.15 -30.65
N LEU C 328 -6.03 25.00 -29.62
CA LEU C 328 -6.40 23.69 -29.12
C LEU C 328 -7.92 23.49 -29.17
N SER C 329 -8.36 22.23 -29.28
CA SER C 329 -9.79 21.90 -29.27
C SER C 329 -10.32 22.08 -27.84
N PRO C 330 -11.63 22.38 -27.69
CA PRO C 330 -12.21 22.53 -26.35
C PRO C 330 -11.95 21.31 -25.44
N GLU C 331 -12.03 20.09 -26.01
CA GLU C 331 -11.82 18.83 -25.32
C GLU C 331 -10.42 18.77 -24.72
N ALA C 332 -9.41 19.17 -25.50
CA ALA C 332 -8.02 19.20 -25.04
C ALA C 332 -7.85 20.13 -23.83
N VAL C 333 -8.42 21.34 -23.89
CA VAL C 333 -8.33 22.33 -22.84
C VAL C 333 -9.10 21.92 -21.61
N ARG C 334 -10.33 21.43 -21.76
CA ARG C 334 -11.13 20.98 -20.64
C ARG C 334 -10.43 19.84 -19.87
N ASN C 335 -9.94 18.82 -20.59
CA ASN C 335 -9.19 17.70 -20.00
C ASN C 335 -7.91 18.18 -19.31
N THR C 336 -7.17 19.11 -19.93
CA THR C 336 -5.93 19.65 -19.37
C THR C 336 -6.19 20.39 -18.08
N LEU C 337 -7.22 21.25 -18.05
CA LEU C 337 -7.58 22.00 -16.86
C LEU C 337 -8.06 21.10 -15.75
N SER C 338 -8.81 20.03 -16.09
CA SER C 338 -9.28 19.05 -15.11
C SER C 338 -8.11 18.39 -14.39
N LEU C 339 -7.05 18.02 -15.16
CA LEU C 339 -5.89 17.34 -14.60
C LEU C 339 -4.90 18.28 -13.96
N MET C 340 -4.82 19.54 -14.42
CA MET C 340 -3.97 20.55 -13.77
C MET C 340 -4.52 20.90 -12.37
N HIS C 341 -5.86 20.86 -12.25
CA HIS C 341 -6.60 21.12 -11.02
C HIS C 341 -6.22 20.12 -9.91
N SER C 342 -6.27 18.84 -10.20
CA SER C 342 -6.03 17.80 -9.20
C SER C 342 -4.66 17.16 -9.16
N CYS C 343 -3.86 17.31 -10.23
CA CYS C 343 -2.56 16.64 -10.36
C CYS C 343 -1.37 17.54 -10.61
N GLY C 344 -1.59 18.82 -10.86
CA GLY C 344 -0.53 19.71 -11.29
C GLY C 344 0.49 20.27 -10.33
N MET C 345 0.39 20.00 -9.02
CA MET C 345 1.34 20.57 -8.07
C MET C 345 2.06 19.54 -7.21
N TYR C 346 2.22 18.30 -7.74
CA TYR C 346 2.89 17.16 -7.08
C TYR C 346 2.19 16.80 -5.77
N ASP C 347 2.91 16.56 -4.65
CA ASP C 347 2.28 16.23 -3.38
C ASP C 347 1.39 17.34 -2.83
N PHE C 348 1.49 18.59 -3.37
CA PHE C 348 0.64 19.68 -2.93
C PHE C 348 -0.63 19.83 -3.80
N SER C 349 -0.89 18.88 -4.70
CA SER C 349 -2.03 18.93 -5.61
C SER C 349 -3.38 19.08 -4.94
N GLY C 350 -3.66 18.23 -3.94
CA GLY C 350 -4.92 18.24 -3.22
C GLY C 350 -5.10 19.43 -2.31
N GLN C 351 -4.02 19.86 -1.64
CA GLN C 351 -4.11 21.05 -0.77
C GLN C 351 -4.35 22.28 -1.65
N PHE C 352 -3.66 22.36 -2.81
CA PHE C 352 -3.78 23.46 -3.73
C PHE C 352 -5.18 23.50 -4.36
N ALA C 353 -5.73 22.34 -4.73
CA ALA C 353 -7.07 22.25 -5.31
C ALA C 353 -8.10 22.74 -4.31
N PHE C 354 -7.92 22.41 -3.04
CA PHE C 354 -8.80 22.83 -1.98
C PHE C 354 -8.67 24.32 -1.60
N HIS C 355 -7.45 24.81 -1.32
CA HIS C 355 -7.26 26.19 -0.87
C HIS C 355 -7.20 27.23 -2.00
N VAL C 356 -6.58 26.90 -3.12
CA VAL C 356 -6.45 27.84 -4.24
C VAL C 356 -7.59 27.63 -5.27
N GLY C 357 -7.92 26.37 -5.53
CA GLY C 357 -8.99 26.00 -6.43
C GLY C 357 -8.78 26.48 -7.85
N LEU C 358 -7.54 26.36 -8.35
CA LEU C 358 -7.21 26.84 -9.68
C LEU C 358 -6.34 25.84 -10.43
N PRO C 359 -6.59 25.64 -11.75
CA PRO C 359 -5.73 24.73 -12.53
C PRO C 359 -4.32 25.31 -12.62
N ALA C 360 -3.33 24.63 -12.06
CA ALA C 360 -1.97 25.11 -12.13
C ALA C 360 -0.98 23.97 -12.37
N LYS C 361 0.22 24.28 -12.87
CA LYS C 361 1.24 23.29 -13.09
C LYS C 361 2.58 23.89 -12.70
N SER C 362 3.33 23.23 -11.84
CA SER C 362 4.62 23.73 -11.41
C SER C 362 5.76 22.95 -12.02
N GLY C 363 6.92 23.58 -12.04
CA GLY C 363 8.13 23.01 -12.58
C GLY C 363 9.30 23.26 -11.66
N VAL C 364 10.31 22.41 -11.77
CA VAL C 364 11.49 22.43 -10.94
C VAL C 364 12.37 23.69 -11.15
N ALA C 365 12.06 24.53 -12.17
CA ALA C 365 12.81 25.77 -12.36
C ALA C 365 12.22 26.97 -11.58
N GLY C 366 11.05 26.78 -11.00
CA GLY C 366 10.34 27.83 -10.26
C GLY C 366 9.07 28.32 -10.93
N GLY C 367 8.77 27.80 -12.12
CA GLY C 367 7.57 28.18 -12.83
C GLY C 367 6.30 27.61 -12.23
N ILE C 368 5.21 28.36 -12.35
CA ILE C 368 3.85 27.99 -11.99
C ILE C 368 2.93 28.55 -13.05
N LEU C 369 2.54 27.68 -13.98
CA LEU C 369 1.62 28.00 -15.04
C LEU C 369 0.25 28.04 -14.36
N LEU C 370 -0.39 29.20 -14.29
CA LEU C 370 -1.66 29.32 -13.57
C LEU C 370 -2.82 29.74 -14.49
N VAL C 371 -3.94 29.04 -14.40
CA VAL C 371 -5.07 29.34 -15.26
C VAL C 371 -6.26 29.76 -14.42
N VAL C 372 -6.88 30.89 -14.76
CA VAL C 372 -8.11 31.31 -14.12
C VAL C 372 -9.11 31.19 -15.24
N PRO C 373 -9.81 30.06 -15.33
CA PRO C 373 -10.75 29.85 -16.46
C PRO C 373 -11.67 31.02 -16.75
N ASN C 374 -11.79 31.39 -18.03
CA ASN C 374 -12.62 32.49 -18.51
C ASN C 374 -12.11 33.87 -18.08
N VAL C 375 -10.93 33.97 -17.44
CA VAL C 375 -10.46 35.26 -16.95
C VAL C 375 -9.09 35.59 -17.47
N MET C 376 -8.10 34.71 -17.19
CA MET C 376 -6.73 34.99 -17.58
C MET C 376 -5.84 33.79 -17.37
N GLY C 377 -4.67 33.87 -17.95
CA GLY C 377 -3.58 32.96 -17.72
C GLY C 377 -2.47 33.73 -17.04
N MET C 378 -1.64 33.03 -16.29
CA MET C 378 -0.53 33.65 -15.58
C MET C 378 0.69 32.75 -15.58
N MET C 379 1.85 33.34 -15.38
CA MET C 379 3.07 32.60 -15.17
C MET C 379 3.77 33.34 -14.02
N CYS C 380 4.03 32.60 -12.96
CA CYS C 380 4.72 33.01 -11.76
C CYS C 380 6.02 32.27 -11.81
N TRP C 381 7.13 32.95 -11.55
CA TRP C 381 8.41 32.28 -11.59
C TRP C 381 9.34 32.82 -10.54
N SER C 382 9.87 31.91 -9.74
CA SER C 382 10.88 32.23 -8.75
C SER C 382 11.62 30.92 -8.54
N PRO C 383 12.92 30.88 -8.85
CA PRO C 383 13.69 29.63 -8.70
C PRO C 383 13.55 28.88 -7.36
N PRO C 384 13.58 29.50 -6.13
CA PRO C 384 13.49 28.68 -4.88
C PRO C 384 12.22 27.86 -4.67
N LEU C 385 12.41 26.57 -4.41
CA LEU C 385 11.33 25.61 -4.23
C LEU C 385 11.18 25.16 -2.81
N ASP C 386 9.95 24.78 -2.43
CA ASP C 386 9.70 24.22 -1.11
C ASP C 386 9.99 22.68 -1.17
N LYS C 387 9.81 21.94 -0.06
CA LYS C 387 10.02 20.49 -0.01
C LYS C 387 9.17 19.71 -1.02
N MET C 388 8.02 20.26 -1.42
CA MET C 388 7.17 19.59 -2.42
C MET C 388 7.67 19.82 -3.86
N GLY C 389 8.60 20.75 -4.05
CA GLY C 389 9.15 21.10 -5.36
C GLY C 389 8.48 22.29 -6.02
N ASN C 390 7.56 22.96 -5.31
CA ASN C 390 6.84 24.12 -5.83
C ASN C 390 7.49 25.42 -5.39
N SER C 391 7.47 26.43 -6.24
CA SER C 391 8.05 27.74 -5.96
C SER C 391 7.44 28.35 -4.73
N VAL C 392 8.27 28.71 -3.72
CA VAL C 392 7.78 29.32 -2.49
C VAL C 392 6.94 30.59 -2.77
N LYS C 393 7.52 31.54 -3.53
CA LYS C 393 6.88 32.79 -3.89
C LYS C 393 5.66 32.60 -4.76
N GLY C 394 5.73 31.64 -5.69
CA GLY C 394 4.61 31.28 -6.55
C GLY C 394 3.42 30.76 -5.79
N ILE C 395 3.65 29.81 -4.86
CA ILE C 395 2.63 29.23 -3.99
C ILE C 395 2.01 30.33 -3.12
N HIS C 396 2.84 31.18 -2.53
CA HIS C 396 2.38 32.28 -1.69
C HIS C 396 1.49 33.22 -2.49
N PHE C 397 1.90 33.55 -3.73
CA PHE C 397 1.17 34.41 -4.64
C PHE C 397 -0.20 33.86 -4.99
N CYS C 398 -0.28 32.56 -5.34
CA CYS C 398 -1.54 31.87 -5.67
C CYS C 398 -2.52 31.91 -4.53
N HIS C 399 -2.06 31.68 -3.30
CA HIS C 399 -2.91 31.74 -2.12
C HIS C 399 -3.47 33.15 -1.89
N ASP C 400 -2.62 34.16 -2.05
CA ASP C 400 -3.00 35.55 -1.86
C ASP C 400 -3.95 36.04 -2.91
N LEU C 401 -3.81 35.56 -4.13
CA LEU C 401 -4.68 35.94 -5.22
C LEU C 401 -6.11 35.47 -4.95
N VAL C 402 -6.27 34.24 -4.45
CA VAL C 402 -7.60 33.70 -4.15
C VAL C 402 -8.13 34.25 -2.81
N SER C 403 -7.25 34.74 -1.90
CA SER C 403 -7.69 35.43 -0.69
C SER C 403 -8.38 36.73 -1.11
N LEU C 404 -7.78 37.46 -2.03
CA LEU C 404 -8.22 38.75 -2.51
C LEU C 404 -9.39 38.65 -3.48
N CYS C 405 -9.33 37.76 -4.48
CA CYS C 405 -10.32 37.67 -5.56
C CYS C 405 -11.16 36.43 -5.53
N ASN C 406 -12.41 36.53 -6.01
CA ASN C 406 -13.30 35.38 -6.10
C ASN C 406 -13.00 34.51 -7.33
N PHE C 407 -11.73 34.14 -7.46
CA PHE C 407 -11.19 33.32 -8.53
C PHE C 407 -11.18 31.85 -8.22
N HIS C 408 -11.45 31.43 -6.94
CA HIS C 408 -11.49 30.00 -6.59
C HIS C 408 -12.62 29.37 -7.39
N ASN C 409 -12.34 28.20 -7.97
CA ASN C 409 -13.24 27.43 -8.79
C ASN C 409 -14.65 27.30 -8.16
N TYR C 410 -14.68 27.24 -6.83
CA TYR C 410 -15.92 27.10 -6.11
C TYR C 410 -16.30 28.32 -5.26
N ASP C 411 -15.79 29.49 -5.64
CA ASP C 411 -16.24 30.77 -5.11
C ASP C 411 -17.51 31.08 -5.91
N ASN C 412 -18.49 31.70 -5.28
CA ASN C 412 -19.71 32.09 -5.96
C ASN C 412 -19.49 33.45 -6.60
N LEU C 413 -20.02 33.64 -7.80
CA LEU C 413 -19.90 34.91 -8.52
C LEU C 413 -20.90 35.96 -8.09
N ARG C 414 -21.82 35.63 -7.18
CA ARG C 414 -22.83 36.55 -6.71
C ARG C 414 -22.64 36.87 -5.24
N HIS C 415 -22.37 35.84 -4.43
CA HIS C 415 -22.19 35.96 -2.98
C HIS C 415 -20.79 35.49 -2.61
N PHE C 416 -19.85 36.45 -2.48
CA PHE C 416 -18.45 36.14 -2.24
C PHE C 416 -17.81 36.87 -1.06
N ALA C 417 -18.60 37.12 -0.01
CA ALA C 417 -18.16 37.70 1.26
C ALA C 417 -17.17 38.97 1.08
N LYS C 418 -15.92 39.03 1.66
CA LYS C 418 -15.04 40.19 1.56
C LYS C 418 -14.10 40.16 0.34
N LYS C 419 -14.22 39.14 -0.52
CA LYS C 419 -13.39 39.07 -1.72
C LYS C 419 -13.83 40.12 -2.75
N LEU C 420 -12.92 40.43 -3.68
CA LEU C 420 -13.11 41.38 -4.78
C LEU C 420 -13.39 40.60 -6.04
N ASP C 421 -14.24 41.13 -6.91
CA ASP C 421 -14.46 40.52 -8.21
C ASP C 421 -13.95 41.48 -9.26
N PRO C 422 -12.74 41.26 -9.81
CA PRO C 422 -12.18 42.19 -10.81
C PRO C 422 -12.98 42.27 -12.11
N ARG C 423 -13.85 41.29 -12.39
CA ARG C 423 -14.72 41.27 -13.56
C ARG C 423 -15.84 42.32 -13.48
N ARG C 424 -16.14 42.84 -12.29
CA ARG C 424 -17.15 43.86 -12.08
C ARG C 424 -16.52 45.25 -12.05
N GLU C 425 -17.32 46.27 -12.34
CA GLU C 425 -16.86 47.64 -12.39
C GLU C 425 -16.57 48.29 -11.03
N GLY C 426 -17.27 47.85 -9.99
CA GLY C 426 -17.12 48.40 -8.64
C GLY C 426 -18.42 48.49 -7.88
N SER D 18 45.30 -51.24 12.91
CA SER D 18 44.31 -52.31 13.08
C SER D 18 42.91 -51.94 12.57
N LEU D 19 42.68 -50.68 12.18
CA LEU D 19 41.37 -50.30 11.62
C LEU D 19 41.13 -51.00 10.28
N GLU D 20 42.20 -51.15 9.48
CA GLU D 20 42.20 -51.83 8.20
C GLU D 20 41.93 -53.32 8.40
N ASP D 21 42.48 -53.92 9.48
CA ASP D 21 42.27 -55.32 9.86
C ASP D 21 40.82 -55.53 10.27
N LEU D 22 40.31 -54.66 11.17
CA LEU D 22 38.92 -54.67 11.66
C LEU D 22 37.95 -54.57 10.49
N LEU D 23 38.25 -53.68 9.51
CA LEU D 23 37.41 -53.53 8.33
C LEU D 23 37.48 -54.78 7.48
N PHE D 24 38.70 -55.32 7.30
CA PHE D 24 38.94 -56.53 6.50
C PHE D 24 38.07 -57.69 6.96
N TYR D 25 38.07 -57.99 8.27
CA TYR D 25 37.28 -59.10 8.83
C TYR D 25 35.77 -58.93 8.65
N THR D 26 35.24 -57.69 8.75
CA THR D 26 33.82 -57.46 8.58
C THR D 26 33.36 -57.59 7.12
N ILE D 27 34.26 -57.36 6.16
CA ILE D 27 33.91 -57.49 4.74
C ILE D 27 34.14 -58.92 4.26
N ALA D 28 35.23 -59.56 4.74
CA ALA D 28 35.62 -60.93 4.37
C ALA D 28 34.61 -61.99 4.75
N GLU D 29 33.86 -61.78 5.84
CA GLU D 29 32.87 -62.72 6.33
C GLU D 29 33.46 -64.12 6.57
N GLY D 30 34.52 -64.17 7.37
CA GLY D 30 35.17 -65.42 7.72
C GLY D 30 36.11 -65.98 6.67
N GLN D 31 36.11 -65.41 5.45
CA GLN D 31 36.98 -65.89 4.39
C GLN D 31 38.41 -65.34 4.49
N GLU D 32 39.39 -66.02 3.87
CA GLU D 32 40.78 -65.56 3.91
C GLU D 32 41.04 -64.38 2.95
N LYS D 33 40.27 -64.29 1.85
CA LYS D 33 40.44 -63.22 0.87
C LYS D 33 39.10 -62.63 0.45
N ILE D 34 39.08 -61.34 0.11
CA ILE D 34 37.86 -60.67 -0.36
C ILE D 34 38.01 -60.37 -1.84
N PRO D 35 37.07 -60.80 -2.69
CA PRO D 35 37.14 -60.39 -4.11
C PRO D 35 36.90 -58.88 -4.20
N VAL D 36 37.60 -58.21 -5.13
CA VAL D 36 37.47 -56.77 -5.27
C VAL D 36 36.03 -56.34 -5.61
N HIS D 37 35.30 -57.11 -6.45
CA HIS D 37 33.92 -56.76 -6.79
C HIS D 37 33.00 -56.76 -5.56
N LYS D 38 33.30 -57.62 -4.57
CA LYS D 38 32.52 -57.70 -3.35
C LYS D 38 32.75 -56.43 -2.55
N PHE D 39 34.02 -56.00 -2.40
CA PHE D 39 34.34 -54.78 -1.67
C PHE D 39 33.68 -53.56 -2.35
N ILE D 40 33.80 -53.46 -3.68
CA ILE D 40 33.24 -52.37 -4.47
C ILE D 40 31.72 -52.32 -4.36
N THR D 41 31.04 -53.49 -4.41
CA THR D 41 29.58 -53.59 -4.29
C THR D 41 29.11 -53.09 -2.92
N ALA D 42 29.80 -53.53 -1.86
CA ALA D 42 29.48 -53.14 -0.48
C ALA D 42 29.74 -51.64 -0.25
N LEU D 43 30.81 -51.11 -0.87
CA LEU D 43 31.16 -49.70 -0.78
C LEU D 43 30.05 -48.87 -1.45
N LYS D 44 29.58 -49.32 -2.63
CA LYS D 44 28.52 -48.60 -3.34
C LYS D 44 27.17 -48.62 -2.61
N SER D 45 26.89 -49.69 -1.84
CA SER D 45 25.64 -49.78 -1.10
C SER D 45 25.55 -48.75 0.04
N THR D 46 26.71 -48.26 0.54
CA THR D 46 26.74 -47.20 1.55
C THR D 46 26.24 -45.87 1.02
N GLY D 47 26.36 -45.65 -0.29
CA GLY D 47 25.99 -44.40 -0.91
C GLY D 47 27.13 -43.74 -1.65
N LEU D 48 28.37 -44.05 -1.25
CA LEU D 48 29.53 -43.46 -1.89
C LEU D 48 29.72 -43.95 -3.31
N ARG D 49 30.20 -43.06 -4.15
CA ARG D 49 30.56 -43.41 -5.50
C ARG D 49 32.04 -43.77 -5.48
N THR D 50 32.48 -44.72 -6.32
CA THR D 50 33.91 -45.04 -6.41
C THR D 50 34.73 -43.84 -6.89
N SER D 51 34.10 -42.90 -7.63
CA SER D 51 34.76 -41.70 -8.14
C SER D 51 34.85 -40.56 -7.10
N ASP D 52 34.38 -40.78 -5.85
CA ASP D 52 34.43 -39.80 -4.77
C ASP D 52 35.87 -39.32 -4.57
N PRO D 53 36.09 -37.99 -4.65
CA PRO D 53 37.44 -37.44 -4.47
C PRO D 53 38.14 -37.88 -3.19
N ARG D 54 37.41 -38.25 -2.14
CA ARG D 54 38.03 -38.69 -0.88
C ARG D 54 38.45 -40.16 -0.86
N LEU D 55 38.12 -40.92 -1.91
CA LEU D 55 38.48 -42.33 -2.03
C LEU D 55 39.51 -42.57 -3.16
N LYS D 56 40.07 -41.50 -3.77
CA LYS D 56 41.01 -41.57 -4.90
C LYS D 56 42.25 -42.40 -4.62
N GLU D 57 42.91 -42.22 -3.46
CA GLU D 57 44.08 -43.03 -3.14
C GLU D 57 43.73 -44.51 -3.07
N CYS D 58 42.58 -44.83 -2.50
CA CYS D 58 42.10 -46.21 -2.41
C CYS D 58 41.87 -46.79 -3.81
N MET D 59 41.14 -46.09 -4.66
CA MET D 59 40.77 -46.51 -6.00
C MET D 59 41.96 -46.66 -6.91
N ASP D 60 42.94 -45.74 -6.78
CA ASP D 60 44.19 -45.80 -7.53
C ASP D 60 45.00 -47.02 -7.10
N MET D 61 44.96 -47.37 -5.80
CA MET D 61 45.69 -48.55 -5.31
C MET D 61 45.00 -49.83 -5.74
N LEU D 62 43.67 -49.85 -5.78
CA LEU D 62 42.93 -51.03 -6.23
C LEU D 62 43.22 -51.28 -7.71
N ARG D 63 43.25 -50.21 -8.52
CA ARG D 63 43.51 -50.29 -9.96
C ARG D 63 44.93 -50.81 -10.24
N LEU D 64 45.92 -50.24 -9.55
CA LEU D 64 47.31 -50.62 -9.70
C LEU D 64 47.52 -52.05 -9.24
N THR D 65 46.89 -52.46 -8.12
CA THR D 65 47.06 -53.84 -7.64
C THR D 65 46.38 -54.82 -8.57
N LEU D 66 45.24 -54.46 -9.19
CA LEU D 66 44.57 -55.32 -10.19
C LEU D 66 45.54 -55.62 -11.36
N GLN D 67 46.43 -54.66 -11.70
CA GLN D 67 47.43 -54.80 -12.75
C GLN D 67 48.58 -55.73 -12.37
N THR D 68 49.06 -55.64 -11.14
CA THR D 68 50.23 -56.41 -10.69
C THR D 68 49.92 -57.70 -9.94
N THR D 69 48.66 -57.96 -9.64
CA THR D 69 48.24 -59.08 -8.80
C THR D 69 48.56 -60.47 -9.38
N SER D 70 48.96 -61.36 -8.47
CA SER D 70 49.21 -62.78 -8.70
C SER D 70 47.85 -63.54 -8.74
N ASP D 71 46.82 -63.01 -8.05
CA ASP D 71 45.47 -63.54 -7.99
C ASP D 71 44.62 -62.96 -9.15
N GLY D 72 43.38 -63.42 -9.29
CA GLY D 72 42.49 -62.92 -10.33
C GLY D 72 41.94 -61.60 -9.84
N VAL D 73 41.05 -61.68 -8.86
CA VAL D 73 40.43 -60.51 -8.26
C VAL D 73 40.50 -60.56 -6.71
N MET D 74 41.36 -61.41 -6.13
CA MET D 74 41.43 -61.56 -4.69
C MET D 74 42.34 -60.58 -3.98
N LEU D 75 41.92 -60.19 -2.76
CA LEU D 75 42.61 -59.26 -1.89
C LEU D 75 42.75 -59.89 -0.51
N ASP D 76 43.96 -60.27 -0.11
CA ASP D 76 44.19 -60.81 1.23
C ASP D 76 44.27 -59.65 2.25
N LYS D 77 44.46 -59.95 3.54
CA LYS D 77 44.54 -58.93 4.60
C LYS D 77 45.61 -57.85 4.31
N ASP D 78 46.78 -58.26 3.80
CA ASP D 78 47.87 -57.34 3.52
C ASP D 78 47.59 -56.45 2.31
N LEU D 79 46.99 -57.03 1.27
CA LEU D 79 46.63 -56.31 0.05
C LEU D 79 45.49 -55.33 0.31
N PHE D 80 44.54 -55.71 1.18
CA PHE D 80 43.42 -54.87 1.54
C PHE D 80 43.93 -53.68 2.33
N LYS D 81 44.84 -53.90 3.30
CA LYS D 81 45.43 -52.84 4.12
C LYS D 81 46.11 -51.77 3.23
N LYS D 82 46.88 -52.22 2.23
CA LYS D 82 47.60 -51.40 1.26
C LYS D 82 46.62 -50.52 0.45
N CYS D 83 45.51 -51.11 0.01
CA CYS D 83 44.51 -50.40 -0.77
C CYS D 83 43.71 -49.37 0.01
N VAL D 84 43.23 -49.75 1.20
CA VAL D 84 42.33 -48.90 1.97
C VAL D 84 42.96 -48.00 3.03
N GLN D 85 44.23 -48.20 3.40
CA GLN D 85 44.86 -47.46 4.51
C GLN D 85 44.81 -45.94 4.38
N SER D 86 44.94 -45.40 3.18
CA SER D 86 44.92 -43.95 3.00
C SER D 86 43.54 -43.34 3.24
N ASN D 87 42.46 -44.11 3.01
CA ASN D 87 41.11 -43.58 3.22
C ASN D 87 40.31 -44.38 4.24
N ILE D 88 41.02 -45.02 5.20
CA ILE D 88 40.47 -45.90 6.23
C ILE D 88 39.45 -45.23 7.11
N VAL D 89 39.65 -43.96 7.48
CA VAL D 89 38.68 -43.24 8.31
C VAL D 89 37.31 -43.15 7.65
N LEU D 90 37.24 -42.62 6.42
CA LEU D 90 35.99 -42.51 5.66
C LEU D 90 35.36 -43.87 5.35
N LEU D 91 36.18 -44.86 5.02
CA LEU D 91 35.70 -46.20 4.69
C LEU D 91 35.12 -46.92 5.90
N THR D 92 35.69 -46.66 7.07
CA THR D 92 35.17 -47.26 8.31
C THR D 92 33.80 -46.68 8.64
N GLN D 93 33.62 -45.37 8.43
CA GLN D 93 32.33 -44.72 8.65
C GLN D 93 31.27 -45.28 7.70
N ALA D 94 31.64 -45.44 6.43
CA ALA D 94 30.72 -45.96 5.42
C ALA D 94 30.29 -47.38 5.74
N PHE D 95 31.23 -48.26 6.09
CA PHE D 95 30.96 -49.66 6.33
C PHE D 95 30.34 -49.93 7.69
N ARG D 96 30.62 -49.08 8.69
CA ARG D 96 30.02 -49.25 10.01
C ARG D 96 28.69 -48.51 10.17
N ARG D 97 28.08 -48.06 9.07
CA ARG D 97 26.80 -47.35 9.04
C ARG D 97 26.78 -46.06 9.91
N LYS D 98 27.89 -45.29 9.88
CA LYS D 98 28.02 -44.04 10.61
C LYS D 98 27.66 -42.79 9.79
N PHE D 99 27.10 -42.98 8.59
CA PHE D 99 26.66 -41.85 7.78
C PHE D 99 25.28 -41.38 8.23
N VAL D 100 24.94 -40.14 7.89
CA VAL D 100 23.70 -39.48 8.29
C VAL D 100 22.46 -40.30 7.89
N ILE D 101 22.52 -41.02 6.79
CA ILE D 101 21.43 -41.91 6.35
C ILE D 101 22.09 -43.24 6.22
N PRO D 102 22.16 -44.02 7.32
CA PRO D 102 22.89 -45.31 7.25
C PRO D 102 22.30 -46.32 6.26
N ASP D 103 20.97 -46.48 6.23
CA ASP D 103 20.33 -47.39 5.27
C ASP D 103 20.03 -46.56 4.02
N PHE D 104 21.07 -46.26 3.26
CA PHE D 104 20.95 -45.44 2.06
C PHE D 104 20.17 -46.10 0.95
N MET D 105 20.30 -47.41 0.76
CA MET D 105 19.54 -48.10 -0.29
C MET D 105 18.04 -47.96 -0.08
N SER D 106 17.57 -48.07 1.16
CA SER D 106 16.16 -47.94 1.48
C SER D 106 15.66 -46.53 1.22
N PHE D 107 16.47 -45.52 1.59
CA PHE D 107 16.13 -44.13 1.38
C PHE D 107 16.03 -43.78 -0.10
N THR D 108 16.99 -44.24 -0.92
CA THR D 108 16.96 -43.95 -2.35
C THR D 108 15.75 -44.60 -3.05
N SER D 109 15.27 -45.72 -2.52
CA SER D 109 14.08 -46.37 -3.01
C SER D 109 12.85 -45.47 -2.70
N HIS D 110 12.85 -44.75 -1.57
CA HIS D 110 11.80 -43.79 -1.19
C HIS D 110 11.87 -42.57 -2.10
N ILE D 111 13.10 -42.10 -2.42
CA ILE D 111 13.31 -40.97 -3.33
C ILE D 111 12.76 -41.33 -4.70
N ASP D 112 13.05 -42.55 -5.17
CA ASP D 112 12.57 -43.05 -6.46
C ASP D 112 11.05 -43.08 -6.54
N GLU D 113 10.37 -43.35 -5.42
CA GLU D 113 8.92 -43.40 -5.35
C GLU D 113 8.34 -41.99 -5.42
N LEU D 114 9.00 -41.01 -4.74
CA LEU D 114 8.57 -39.62 -4.77
C LEU D 114 8.81 -39.05 -6.17
N TYR D 115 9.93 -39.41 -6.81
CA TYR D 115 10.26 -38.99 -8.16
C TYR D 115 9.17 -39.46 -9.15
N GLU D 116 8.71 -40.72 -9.01
CA GLU D 116 7.69 -41.29 -9.90
C GLU D 116 6.31 -40.64 -9.68
N SER D 117 6.01 -40.30 -8.43
CA SER D 117 4.76 -39.68 -8.06
C SER D 117 4.73 -38.26 -8.67
N ALA D 118 5.85 -37.52 -8.57
CA ALA D 118 5.95 -36.17 -9.11
C ALA D 118 5.98 -36.14 -10.64
N LYS D 119 6.49 -37.20 -11.26
CA LYS D 119 6.56 -37.37 -12.72
C LYS D 119 5.17 -37.34 -13.37
N LYS D 120 4.14 -37.77 -12.64
CA LYS D 120 2.75 -37.79 -13.10
C LYS D 120 2.10 -36.40 -13.17
N GLN D 121 2.71 -35.40 -12.53
CA GLN D 121 2.18 -34.03 -12.52
C GLN D 121 2.68 -33.29 -13.74
N SER D 122 1.99 -33.47 -14.87
CA SER D 122 2.37 -32.89 -16.16
C SER D 122 1.98 -31.42 -16.36
N GLY D 123 1.35 -30.80 -15.37
CA GLY D 123 0.96 -29.39 -15.47
C GLY D 123 2.14 -28.42 -15.50
N GLY D 124 1.83 -27.15 -15.70
CA GLY D 124 2.86 -26.11 -15.77
C GLY D 124 3.15 -25.64 -17.17
N LYS D 125 3.88 -24.55 -17.29
CA LYS D 125 4.24 -23.99 -18.57
C LYS D 125 5.73 -23.69 -18.58
N VAL D 126 6.46 -24.18 -19.58
CA VAL D 126 7.90 -23.91 -19.69
C VAL D 126 8.11 -22.40 -19.93
N ALA D 127 9.14 -21.79 -19.29
CA ALA D 127 9.45 -20.36 -19.46
C ALA D 127 9.81 -20.10 -20.94
N ASP D 128 9.22 -19.08 -21.55
CA ASP D 128 9.45 -18.83 -22.97
C ASP D 128 9.90 -17.42 -23.32
N TYR D 129 10.20 -16.57 -22.32
CA TYR D 129 10.64 -15.20 -22.60
C TYR D 129 11.99 -15.16 -23.36
N ILE D 130 12.84 -16.20 -23.17
CA ILE D 130 14.07 -16.37 -23.92
C ILE D 130 14.04 -17.78 -24.56
N PRO D 131 14.44 -17.89 -25.84
CA PRO D 131 14.33 -19.19 -26.53
C PRO D 131 15.10 -20.35 -25.89
N GLN D 132 16.18 -20.06 -25.14
CA GLN D 132 17.01 -21.09 -24.49
C GLN D 132 16.24 -21.87 -23.45
N LEU D 133 15.29 -21.24 -22.75
CA LEU D 133 14.47 -21.93 -21.76
C LEU D 133 13.32 -22.65 -22.46
N ALA D 134 12.70 -22.00 -23.47
CA ALA D 134 11.56 -22.48 -24.23
C ALA D 134 11.80 -23.77 -25.00
N LYS D 135 13.07 -24.06 -25.33
CA LYS D 135 13.47 -25.25 -26.10
C LYS D 135 13.38 -26.55 -25.26
N PHE D 136 13.48 -26.42 -23.93
CA PHE D 136 13.42 -27.58 -23.03
C PHE D 136 12.09 -28.31 -23.05
N SER D 137 12.16 -29.64 -23.10
CA SER D 137 10.99 -30.50 -23.09
C SER D 137 10.32 -30.44 -21.71
N PRO D 138 8.99 -30.36 -21.69
CA PRO D 138 8.27 -30.35 -20.41
C PRO D 138 8.41 -31.66 -19.61
N ASP D 139 8.73 -32.77 -20.30
CA ASP D 139 8.92 -34.10 -19.73
C ASP D 139 10.25 -34.30 -19.03
N LEU D 140 11.22 -33.36 -19.17
CA LEU D 140 12.51 -33.50 -18.49
C LEU D 140 12.25 -33.35 -16.99
N TRP D 141 12.65 -34.36 -16.20
CA TRP D 141 12.45 -34.39 -14.76
C TRP D 141 13.57 -35.17 -14.13
N GLY D 142 14.30 -34.52 -13.23
CA GLY D 142 15.37 -35.17 -12.52
C GLY D 142 15.44 -34.73 -11.08
N VAL D 143 16.04 -35.59 -10.24
CA VAL D 143 16.21 -35.29 -8.83
C VAL D 143 17.54 -35.90 -8.38
N SER D 144 18.45 -35.09 -7.80
CA SER D 144 19.70 -35.63 -7.25
C SER D 144 19.83 -35.29 -5.79
N VAL D 145 20.43 -36.22 -5.04
CA VAL D 145 20.63 -36.12 -3.62
C VAL D 145 22.11 -36.27 -3.34
N CYS D 146 22.67 -35.40 -2.49
CA CYS D 146 24.03 -35.55 -2.00
C CYS D 146 23.92 -35.34 -0.48
N THR D 147 24.24 -36.37 0.34
CA THR D 147 24.13 -36.20 1.78
C THR D 147 25.35 -35.42 2.31
N VAL D 148 25.31 -34.96 3.57
CA VAL D 148 26.46 -34.28 4.15
C VAL D 148 27.71 -35.19 4.24
N ASP D 149 27.52 -36.51 3.99
CA ASP D 149 28.60 -37.48 3.96
C ASP D 149 29.01 -37.89 2.51
N GLY D 150 28.36 -37.31 1.48
CA GLY D 150 28.70 -37.58 0.09
C GLY D 150 28.00 -38.78 -0.53
N GLN D 151 26.93 -39.24 0.09
CA GLN D 151 26.13 -40.33 -0.44
C GLN D 151 25.30 -39.72 -1.57
N ARG D 152 25.31 -40.36 -2.72
CA ARG D 152 24.72 -39.82 -3.93
C ARG D 152 23.59 -40.66 -4.47
N HIS D 153 22.56 -39.99 -5.00
CA HIS D 153 21.46 -40.70 -5.63
C HIS D 153 20.83 -39.84 -6.68
N SER D 154 20.61 -40.42 -7.87
CA SER D 154 19.97 -39.68 -8.95
C SER D 154 18.88 -40.53 -9.57
N THR D 155 17.83 -39.88 -10.03
CA THR D 155 16.72 -40.51 -10.75
C THR D 155 16.28 -39.48 -11.74
N GLY D 156 16.06 -39.90 -12.98
CA GLY D 156 15.67 -39.02 -14.06
C GLY D 156 16.82 -38.36 -14.80
N ASP D 157 16.54 -37.18 -15.34
CA ASP D 157 17.43 -36.37 -16.17
C ASP D 157 18.34 -35.51 -15.33
N THR D 158 19.22 -36.17 -14.59
CA THR D 158 20.15 -35.53 -13.66
C THR D 158 21.49 -35.15 -14.25
N LYS D 159 21.79 -35.59 -15.47
CA LYS D 159 23.05 -35.23 -16.14
C LYS D 159 22.82 -34.27 -17.32
N VAL D 160 21.71 -33.53 -17.31
CA VAL D 160 21.37 -32.59 -18.39
C VAL D 160 21.64 -31.19 -17.89
N PRO D 161 22.44 -30.41 -18.62
CA PRO D 161 22.72 -29.06 -18.16
C PRO D 161 21.52 -28.13 -18.31
N PHE D 162 21.40 -27.21 -17.39
CA PHE D 162 20.35 -26.20 -17.35
C PHE D 162 20.89 -25.02 -16.56
N CYS D 163 20.37 -23.82 -16.80
CA CYS D 163 20.83 -22.62 -16.11
C CYS D 163 20.28 -22.53 -14.71
N LEU D 164 21.13 -22.08 -13.78
CA LEU D 164 20.78 -21.85 -12.39
C LEU D 164 19.67 -20.80 -12.31
N GLN D 165 19.77 -19.74 -13.13
CA GLN D 165 18.83 -18.62 -13.10
C GLN D 165 18.82 -18.03 -11.69
N SER D 166 17.65 -17.82 -11.05
CA SER D 166 17.62 -17.33 -9.67
C SER D 166 18.17 -18.29 -8.61
N CYS D 167 18.41 -19.58 -8.94
CA CYS D 167 19.02 -20.51 -7.96
C CYS D 167 20.43 -20.02 -7.53
N VAL D 168 21.07 -19.15 -8.33
CA VAL D 168 22.38 -18.57 -8.05
C VAL D 168 22.32 -17.50 -6.93
N LYS D 169 21.12 -16.87 -6.67
CA LYS D 169 20.93 -15.81 -5.66
C LYS D 169 21.46 -16.17 -4.26
N PRO D 170 21.09 -17.33 -3.67
CA PRO D 170 21.65 -17.69 -2.36
C PRO D 170 23.16 -17.94 -2.41
N LEU D 171 23.65 -18.47 -3.54
CA LEU D 171 25.05 -18.79 -3.72
C LEU D 171 25.91 -17.53 -3.75
N LYS D 172 25.51 -16.52 -4.53
CA LYS D 172 26.28 -15.29 -4.57
C LYS D 172 26.17 -14.49 -3.27
N TYR D 173 25.04 -14.62 -2.57
CA TYR D 173 24.81 -13.98 -1.30
C TYR D 173 25.74 -14.59 -0.25
N ALA D 174 25.86 -15.92 -0.23
CA ALA D 174 26.82 -16.62 0.67
C ALA D 174 28.25 -16.19 0.36
N ILE D 175 28.59 -15.93 -0.91
CA ILE D 175 29.93 -15.46 -1.28
C ILE D 175 30.15 -14.05 -0.73
N ALA D 176 29.15 -13.16 -0.89
CA ALA D 176 29.24 -11.80 -0.38
C ALA D 176 29.41 -11.80 1.14
N VAL D 177 28.58 -12.58 1.89
CA VAL D 177 28.67 -12.69 3.35
C VAL D 177 29.97 -13.34 3.76
N ASN D 178 30.45 -14.33 3.00
CA ASN D 178 31.72 -14.99 3.29
C ASN D 178 32.87 -13.99 3.28
N ASP D 179 32.89 -13.10 2.28
CA ASP D 179 33.97 -12.12 2.17
C ASP D 179 33.79 -10.85 2.92
N LEU D 180 32.55 -10.40 3.14
CA LEU D 180 32.30 -9.08 3.72
C LEU D 180 31.72 -9.08 5.12
N GLY D 181 31.05 -10.17 5.47
CA GLY D 181 30.38 -10.29 6.76
C GLY D 181 28.94 -9.85 6.72
N THR D 182 28.14 -10.30 7.69
CA THR D 182 26.71 -9.95 7.77
C THR D 182 26.43 -8.45 7.81
N GLU D 183 27.12 -7.71 8.70
CA GLU D 183 26.90 -6.28 8.90
C GLU D 183 27.05 -5.47 7.60
N TYR D 184 28.22 -5.60 6.92
CA TYR D 184 28.46 -4.85 5.69
C TYR D 184 27.44 -5.15 4.62
N VAL D 185 27.23 -6.44 4.32
CA VAL D 185 26.29 -6.90 3.30
C VAL D 185 24.89 -6.37 3.56
N HIS D 186 24.43 -6.42 4.82
CA HIS D 186 23.08 -5.98 5.14
C HIS D 186 22.91 -4.45 5.30
N ARG D 187 23.97 -3.67 5.09
CA ARG D 187 23.84 -2.21 4.98
C ARG D 187 23.18 -1.86 3.61
N TYR D 188 23.26 -2.79 2.65
CA TYR D 188 22.79 -2.65 1.29
C TYR D 188 21.54 -3.42 1.02
N VAL D 189 21.32 -4.55 1.71
CA VAL D 189 20.17 -5.39 1.45
C VAL D 189 19.48 -5.78 2.75
N GLY D 190 18.17 -5.95 2.72
CA GLY D 190 17.41 -6.33 3.89
C GLY D 190 17.50 -7.82 4.20
N LYS D 191 16.79 -8.26 5.25
CA LYS D 191 16.85 -9.66 5.66
C LYS D 191 15.48 -10.29 5.95
N GLU D 192 14.40 -9.74 5.37
CA GLU D 192 13.06 -10.27 5.61
C GLU D 192 12.26 -10.39 4.31
N PRO D 193 11.19 -11.20 4.25
CA PRO D 193 10.32 -11.18 3.06
C PRO D 193 9.57 -9.83 2.96
N SER D 194 9.21 -9.41 1.74
CA SER D 194 8.49 -8.15 1.53
C SER D 194 7.06 -8.21 2.04
N GLY D 195 6.43 -9.36 1.87
CA GLY D 195 5.03 -9.57 2.24
C GLY D 195 4.11 -9.36 1.06
N ASN D 199 4.81 -9.22 -4.36
CA ASN D 199 5.14 -7.80 -4.10
C ASN D 199 5.95 -7.17 -5.26
N LYS D 200 5.55 -5.94 -5.67
CA LYS D 200 6.09 -5.20 -6.80
C LYS D 200 7.08 -4.08 -6.44
N LEU D 201 7.27 -3.78 -5.15
CA LEU D 201 8.20 -2.72 -4.74
C LEU D 201 9.64 -3.20 -4.79
N PHE D 202 10.55 -2.35 -5.27
CA PHE D 202 11.97 -2.70 -5.33
C PHE D 202 12.69 -2.48 -3.99
N LEU D 203 12.18 -1.52 -3.18
CA LEU D 203 12.80 -1.13 -1.91
C LEU D 203 11.87 -1.21 -0.73
N ASN D 204 12.43 -1.49 0.45
CA ASN D 204 11.67 -1.49 1.68
C ASN D 204 11.61 -0.04 2.24
N GLU D 205 11.08 0.18 3.45
CA GLU D 205 10.99 1.53 4.03
C GLU D 205 12.36 2.20 4.27
N ASP D 206 13.42 1.39 4.50
CA ASP D 206 14.80 1.86 4.70
C ASP D 206 15.56 2.14 3.38
N ASP D 207 14.85 2.08 2.22
CA ASP D 207 15.37 2.26 0.87
C ASP D 207 16.40 1.20 0.48
N LYS D 208 16.22 0.00 0.99
CA LYS D 208 17.07 -1.11 0.65
C LYS D 208 16.20 -2.17 -0.02
N PRO D 209 16.72 -2.95 -0.99
CA PRO D 209 15.96 -4.12 -1.48
C PRO D 209 15.58 -5.02 -0.28
N HIS D 210 14.44 -5.66 -0.36
CA HIS D 210 13.89 -6.42 0.74
C HIS D 210 14.78 -7.51 1.29
N ASN D 211 15.45 -8.22 0.41
CA ASN D 211 16.27 -9.36 0.77
C ASN D 211 17.07 -9.79 -0.47
N PRO D 212 18.11 -10.61 -0.28
CA PRO D 212 18.93 -11.04 -1.42
C PRO D 212 18.26 -11.96 -2.41
N MET D 213 17.09 -12.48 -2.08
CA MET D 213 16.40 -13.47 -2.93
C MET D 213 15.46 -12.86 -3.98
N VAL D 214 15.28 -11.52 -3.97
CA VAL D 214 14.48 -10.87 -4.99
C VAL D 214 15.45 -10.21 -5.98
N ASN D 215 15.00 -9.89 -7.19
CA ASN D 215 15.88 -9.33 -8.22
C ASN D 215 16.65 -8.09 -7.76
N ALA D 216 15.97 -7.10 -7.17
CA ALA D 216 16.64 -5.90 -6.68
C ALA D 216 17.70 -6.22 -5.62
N GLY D 217 17.43 -7.24 -4.80
CA GLY D 217 18.35 -7.70 -3.77
C GLY D 217 19.55 -8.39 -4.35
N ALA D 218 19.33 -9.32 -5.28
CA ALA D 218 20.37 -10.04 -5.99
C ALA D 218 21.26 -9.08 -6.77
N ILE D 219 20.68 -8.07 -7.42
CA ILE D 219 21.44 -7.05 -8.17
C ILE D 219 22.34 -6.22 -7.22
N VAL D 220 21.84 -5.92 -6.02
CA VAL D 220 22.62 -5.19 -5.03
C VAL D 220 23.75 -6.09 -4.47
N VAL D 221 23.46 -7.37 -4.27
CA VAL D 221 24.45 -8.33 -3.79
C VAL D 221 25.55 -8.55 -4.85
N THR D 222 25.16 -8.63 -6.13
CA THR D 222 26.09 -8.78 -7.25
C THR D 222 27.10 -7.66 -7.28
N SER D 223 26.63 -6.42 -6.97
CA SER D 223 27.47 -5.23 -6.88
C SER D 223 28.42 -5.22 -5.67
N LEU D 224 28.25 -6.14 -4.72
CA LEU D 224 29.08 -6.19 -3.53
C LEU D 224 30.32 -7.07 -3.71
N ILE D 225 30.22 -8.12 -4.54
CA ILE D 225 31.26 -9.10 -4.79
C ILE D 225 32.48 -8.58 -5.56
N LYS D 226 33.69 -8.94 -5.08
CA LYS D 226 34.99 -8.65 -5.68
C LYS D 226 35.07 -7.26 -6.32
N GLN D 227 34.66 -6.24 -5.56
CA GLN D 227 34.67 -4.87 -6.07
C GLN D 227 36.08 -4.40 -6.46
N GLY D 228 36.16 -3.59 -7.50
CA GLY D 228 37.45 -3.07 -7.95
C GLY D 228 38.06 -3.73 -9.17
N VAL D 229 37.62 -4.95 -9.51
CA VAL D 229 38.17 -5.65 -10.69
C VAL D 229 37.13 -5.76 -11.82
N ASN D 230 37.58 -6.03 -13.05
CA ASN D 230 36.68 -6.17 -14.21
C ASN D 230 35.73 -7.36 -14.04
N ASN D 231 34.63 -7.38 -14.79
CA ASN D 231 33.60 -8.44 -14.75
C ASN D 231 34.13 -9.83 -15.06
N ALA D 232 35.21 -9.93 -15.88
CA ALA D 232 35.80 -11.22 -16.21
C ALA D 232 36.47 -11.82 -14.97
N GLU D 233 37.15 -10.97 -14.18
CA GLU D 233 37.82 -11.36 -12.95
C GLU D 233 36.83 -11.63 -11.83
N LYS D 234 35.71 -10.87 -11.81
CA LYS D 234 34.66 -11.05 -10.83
C LYS D 234 33.96 -12.39 -11.12
N PHE D 235 33.67 -12.67 -12.41
CA PHE D 235 33.00 -13.89 -12.83
C PHE D 235 33.84 -15.11 -12.52
N ASP D 236 35.16 -15.05 -12.80
CA ASP D 236 36.06 -16.16 -12.51
C ASP D 236 36.11 -16.40 -11.02
N TYR D 237 36.19 -15.33 -10.22
CA TYR D 237 36.23 -15.40 -8.78
C TYR D 237 34.98 -16.14 -8.23
N VAL D 238 33.80 -15.82 -8.78
CA VAL D 238 32.55 -16.47 -8.37
C VAL D 238 32.57 -17.94 -8.80
N MET D 239 32.95 -18.21 -10.04
CA MET D 239 33.06 -19.56 -10.62
C MET D 239 33.94 -20.49 -9.77
N GLN D 240 35.03 -20.00 -9.22
CA GLN D 240 35.91 -20.79 -8.36
C GLN D 240 35.21 -21.22 -7.06
N PHE D 241 34.30 -20.38 -6.56
CA PHE D 241 33.51 -20.66 -5.37
C PHE D 241 32.47 -21.74 -5.71
N LEU D 242 31.82 -21.62 -6.85
CA LEU D 242 30.82 -22.59 -7.31
C LEU D 242 31.45 -23.94 -7.59
N ASN D 243 32.70 -23.97 -8.13
CA ASN D 243 33.42 -25.21 -8.40
C ASN D 243 33.68 -25.92 -7.10
N LYS D 244 34.16 -25.17 -6.08
CA LYS D 244 34.43 -25.71 -4.74
C LYS D 244 33.14 -26.21 -4.06
N MET D 245 32.00 -25.47 -4.20
CA MET D 245 30.71 -25.89 -3.63
C MET D 245 30.21 -27.17 -4.30
N ALA D 246 30.45 -27.33 -5.61
CA ALA D 246 30.02 -28.49 -6.38
C ALA D 246 31.05 -29.65 -6.41
N GLY D 247 32.09 -29.56 -5.57
CA GLY D 247 33.13 -30.60 -5.48
C GLY D 247 33.85 -30.85 -6.78
N ASN D 248 33.97 -29.78 -7.60
CA ASN D 248 34.59 -29.74 -8.93
C ASN D 248 33.82 -30.56 -9.97
N GLU D 249 32.50 -30.69 -9.75
CA GLU D 249 31.58 -31.29 -10.69
C GLU D 249 31.05 -30.16 -11.59
N TYR D 250 30.34 -30.51 -12.65
CA TYR D 250 29.94 -29.58 -13.70
C TYR D 250 29.34 -28.24 -13.25
N VAL D 251 30.06 -27.16 -13.61
CA VAL D 251 29.64 -25.77 -13.45
C VAL D 251 30.08 -25.15 -14.75
N GLY D 252 29.12 -24.83 -15.60
CA GLY D 252 29.42 -24.26 -16.91
C GLY D 252 28.78 -22.91 -17.11
N PHE D 253 28.58 -22.53 -18.36
CA PHE D 253 28.00 -21.24 -18.68
C PHE D 253 27.31 -21.30 -20.03
N SER D 254 26.13 -20.69 -20.13
CA SER D 254 25.39 -20.63 -21.38
C SER D 254 25.45 -19.20 -21.91
N ASN D 255 26.35 -18.91 -22.85
CA ASN D 255 26.40 -17.58 -23.46
C ASN D 255 25.11 -17.32 -24.28
N ALA D 256 24.44 -18.38 -24.77
CA ALA D 256 23.20 -18.25 -25.50
C ALA D 256 22.12 -17.64 -24.58
N THR D 257 22.02 -18.13 -23.34
CA THR D 257 21.10 -17.63 -22.33
C THR D 257 21.47 -16.23 -21.90
N PHE D 258 22.76 -15.96 -21.70
CA PHE D 258 23.28 -14.64 -21.33
C PHE D 258 22.88 -13.57 -22.34
N GLN D 259 23.12 -13.81 -23.62
CA GLN D 259 22.77 -12.85 -24.66
C GLN D 259 21.27 -12.58 -24.72
N SER D 260 20.46 -13.61 -24.48
CA SER D 260 19.01 -13.45 -24.50
C SER D 260 18.54 -12.69 -23.26
N GLU D 261 19.14 -12.96 -22.10
CA GLU D 261 18.79 -12.30 -20.85
C GLU D 261 19.11 -10.81 -20.91
N ARG D 262 20.31 -10.47 -21.39
CA ARG D 262 20.71 -9.08 -21.52
C ARG D 262 19.85 -8.31 -22.52
N GLU D 263 19.37 -9.00 -23.57
CA GLU D 263 18.53 -8.39 -24.61
C GLU D 263 17.12 -8.10 -24.10
N SER D 264 16.53 -9.02 -23.35
CA SER D 264 15.17 -8.85 -22.83
C SER D 264 15.15 -8.58 -21.33
N GLY D 265 16.08 -7.76 -20.85
CA GLY D 265 16.16 -7.44 -19.44
C GLY D 265 15.60 -6.09 -19.05
N ASP D 266 14.50 -5.64 -19.66
CA ASP D 266 13.89 -4.33 -19.32
C ASP D 266 13.57 -4.22 -17.84
N ARG D 267 12.98 -5.28 -17.28
CA ARG D 267 12.65 -5.41 -15.87
C ARG D 267 13.88 -5.16 -14.98
N ASN D 268 15.02 -5.77 -15.31
CA ASN D 268 16.24 -5.60 -14.52
C ASN D 268 16.93 -4.27 -14.75
N PHE D 269 16.75 -3.66 -15.92
CA PHE D 269 17.27 -2.34 -16.20
C PHE D 269 16.46 -1.28 -15.41
N ALA D 270 15.15 -1.50 -15.25
CA ALA D 270 14.28 -0.65 -14.44
C ALA D 270 14.74 -0.69 -12.98
N ILE D 271 15.08 -1.89 -12.48
CA ILE D 271 15.58 -2.06 -11.12
C ILE D 271 16.93 -1.35 -11.00
N GLY D 272 17.86 -1.61 -11.91
CA GLY D 272 19.19 -1.00 -11.92
C GLY D 272 19.19 0.50 -11.87
N TYR D 273 18.42 1.15 -12.77
CA TYR D 273 18.31 2.59 -12.78
C TYR D 273 17.64 3.13 -11.50
N TYR D 274 16.69 2.37 -10.95
CA TYR D 274 16.00 2.76 -9.73
C TYR D 274 16.95 2.70 -8.53
N LEU D 275 17.76 1.66 -8.47
CA LEU D 275 18.73 1.44 -7.41
C LEU D 275 19.78 2.54 -7.43
N LYS D 276 20.26 2.90 -8.61
CA LYS D 276 21.24 3.94 -8.82
C LYS D 276 20.65 5.31 -8.43
N GLU D 277 19.40 5.56 -8.85
CA GLU D 277 18.70 6.78 -8.51
C GLU D 277 18.55 6.91 -6.96
N LYS D 278 18.20 5.81 -6.29
CA LYS D 278 18.03 5.74 -4.84
C LYS D 278 19.32 5.50 -4.02
N LYS D 279 20.49 5.46 -4.67
CA LYS D 279 21.81 5.30 -4.05
C LYS D 279 21.95 4.02 -3.25
N CYS D 280 21.57 2.94 -3.87
CA CYS D 280 21.55 1.62 -3.29
C CYS D 280 22.83 0.81 -3.45
N PHE D 281 23.73 1.27 -4.30
CA PHE D 281 24.96 0.57 -4.60
C PHE D 281 26.14 1.17 -3.86
N PRO D 282 27.17 0.36 -3.55
CA PRO D 282 28.37 0.93 -2.91
C PRO D 282 29.01 1.98 -3.81
N GLU D 283 29.65 2.99 -3.20
CA GLU D 283 30.31 4.06 -3.94
C GLU D 283 31.24 3.52 -5.06
N GLY D 284 31.16 4.13 -6.25
CA GLY D 284 31.97 3.75 -7.39
C GLY D 284 31.46 2.60 -8.23
N THR D 285 30.18 2.25 -8.09
CA THR D 285 29.57 1.16 -8.85
C THR D 285 29.19 1.61 -10.26
N ASP D 286 29.47 0.76 -11.24
CA ASP D 286 29.05 0.97 -12.62
C ASP D 286 27.87 0.01 -12.74
N MET D 287 26.63 0.53 -12.63
CA MET D 287 25.37 -0.21 -12.64
C MET D 287 25.16 -1.06 -13.90
N VAL D 288 25.45 -0.52 -15.07
CA VAL D 288 25.29 -1.22 -16.36
C VAL D 288 26.19 -2.45 -16.46
N GLY D 289 27.38 -2.34 -15.85
CA GLY D 289 28.34 -3.43 -15.78
C GLY D 289 27.89 -4.47 -14.78
N ILE D 290 27.27 -4.02 -13.67
CA ILE D 290 26.72 -4.87 -12.62
C ILE D 290 25.51 -5.69 -13.12
N LEU D 291 24.67 -5.07 -13.96
CA LEU D 291 23.55 -5.79 -14.56
C LEU D 291 24.07 -6.85 -15.49
N ASP D 292 25.08 -6.52 -16.29
CA ASP D 292 25.77 -7.42 -17.21
C ASP D 292 26.40 -8.61 -16.42
N PHE D 293 27.03 -8.32 -15.28
CA PHE D 293 27.60 -9.35 -14.40
C PHE D 293 26.48 -10.26 -13.88
N TYR D 294 25.36 -9.65 -13.45
CA TYR D 294 24.17 -10.34 -12.96
C TYR D 294 23.55 -11.27 -14.03
N PHE D 295 23.42 -10.81 -15.27
CA PHE D 295 22.91 -11.63 -16.36
C PHE D 295 23.83 -12.85 -16.61
N GLN D 296 25.16 -12.67 -16.41
CA GLN D 296 26.18 -13.72 -16.53
C GLN D 296 26.00 -14.75 -15.42
N LEU D 297 25.74 -14.28 -14.19
CA LEU D 297 25.55 -15.17 -13.04
C LEU D 297 24.30 -16.02 -13.17
N CYS D 298 23.25 -15.49 -13.79
CA CYS D 298 22.02 -16.23 -14.05
C CYS D 298 22.20 -17.34 -15.11
N SER D 299 23.12 -17.14 -16.03
CA SER D 299 23.39 -18.04 -17.14
C SER D 299 24.39 -19.14 -16.81
N ILE D 300 24.77 -19.30 -15.53
CA ILE D 300 25.67 -20.36 -15.12
C ILE D 300 24.89 -21.67 -15.16
N GLU D 301 25.49 -22.71 -15.73
CA GLU D 301 24.85 -24.00 -15.93
C GLU D 301 25.33 -25.01 -14.92
N VAL D 302 24.44 -25.90 -14.54
CA VAL D 302 24.70 -27.03 -13.64
C VAL D 302 23.88 -28.23 -14.16
N THR D 303 24.09 -29.40 -13.57
CA THR D 303 23.25 -30.56 -13.79
C THR D 303 22.58 -30.78 -12.41
N CYS D 304 21.61 -31.69 -12.28
CA CYS D 304 21.02 -31.97 -10.96
C CYS D 304 22.08 -32.49 -10.00
N GLU D 305 22.97 -33.35 -10.51
CA GLU D 305 24.04 -33.97 -9.74
C GLU D 305 25.03 -32.95 -9.18
N SER D 306 25.58 -32.05 -10.02
CA SER D 306 26.52 -31.06 -9.54
C SER D 306 25.86 -30.03 -8.64
N ALA D 307 24.62 -29.61 -8.94
CA ALA D 307 23.92 -28.63 -8.11
C ALA D 307 23.47 -29.22 -6.77
N SER D 308 23.20 -30.54 -6.72
CA SER D 308 22.89 -31.20 -5.44
C SER D 308 24.10 -31.13 -4.51
N VAL D 309 25.35 -31.12 -5.05
CA VAL D 309 26.56 -31.02 -4.23
C VAL D 309 26.70 -29.62 -3.65
N MET D 310 26.32 -28.59 -4.43
CA MET D 310 26.31 -27.21 -3.95
C MET D 310 25.31 -27.08 -2.82
N ALA D 311 24.12 -27.70 -2.98
CA ALA D 311 23.11 -27.66 -1.93
C ALA D 311 23.59 -28.47 -0.72
N ALA D 312 24.37 -29.56 -0.92
CA ALA D 312 24.90 -30.35 0.20
C ALA D 312 25.96 -29.59 0.97
N THR D 313 26.74 -28.71 0.28
CA THR D 313 27.71 -27.83 0.92
C THR D 313 26.96 -26.90 1.90
N LEU D 314 25.77 -26.39 1.50
CA LEU D 314 24.92 -25.55 2.35
C LEU D 314 24.31 -26.34 3.51
N ALA D 315 23.94 -27.61 3.27
CA ALA D 315 23.46 -28.49 4.34
C ALA D 315 24.58 -28.86 5.33
N ASN D 316 25.86 -28.84 4.86
CA ASN D 316 27.03 -29.26 5.62
C ASN D 316 27.86 -28.12 6.24
N GLY D 317 27.22 -27.00 6.50
CA GLY D 317 27.87 -25.88 7.19
C GLY D 317 29.01 -25.22 6.47
N GLY D 318 28.98 -25.29 5.13
CA GLY D 318 30.01 -24.68 4.31
C GLY D 318 31.14 -25.62 3.91
N PHE D 319 31.09 -26.88 4.32
CA PHE D 319 32.08 -27.86 3.93
C PHE D 319 31.52 -28.67 2.76
N CYS D 320 32.31 -28.89 1.70
CA CYS D 320 31.85 -29.69 0.58
C CYS D 320 31.86 -31.15 0.97
N PRO D 321 30.69 -31.81 0.93
CA PRO D 321 30.64 -33.21 1.38
C PRO D 321 31.57 -34.18 0.66
N ILE D 322 31.71 -34.06 -0.68
CA ILE D 322 32.53 -35.01 -1.43
C ILE D 322 34.01 -34.65 -1.47
N THR D 323 34.43 -33.52 -0.86
CA THR D 323 35.87 -33.18 -0.83
C THR D 323 36.39 -32.93 0.61
N GLY D 324 35.53 -32.47 1.50
CA GLY D 324 35.91 -32.10 2.85
C GLY D 324 36.52 -30.70 2.94
N GLU D 325 36.47 -29.94 1.83
CA GLU D 325 37.02 -28.60 1.78
C GLU D 325 36.04 -27.57 2.36
N ARG D 326 36.55 -26.63 3.16
CA ARG D 326 35.75 -25.54 3.70
C ARG D 326 35.59 -24.55 2.55
N VAL D 327 34.39 -24.36 2.07
CA VAL D 327 34.11 -23.45 0.96
C VAL D 327 33.53 -22.14 1.44
N LEU D 328 32.64 -22.17 2.42
CA LEU D 328 31.95 -20.99 2.94
C LEU D 328 32.00 -20.95 4.46
N SER D 329 31.99 -19.74 5.04
CA SER D 329 32.00 -19.58 6.50
C SER D 329 30.65 -20.02 7.10
N PRO D 330 30.63 -20.50 8.35
CA PRO D 330 29.33 -20.90 8.97
C PRO D 330 28.28 -19.78 8.98
N GLU D 331 28.72 -18.52 9.15
CA GLU D 331 27.89 -17.32 9.15
C GLU D 331 27.25 -17.12 7.75
N ALA D 332 28.03 -17.32 6.69
CA ALA D 332 27.52 -17.20 5.32
C ALA D 332 26.41 -18.19 5.05
N VAL D 333 26.62 -19.45 5.50
CA VAL D 333 25.67 -20.55 5.31
C VAL D 333 24.41 -20.37 6.12
N ARG D 334 24.53 -20.02 7.41
CA ARG D 334 23.37 -19.81 8.28
C ARG D 334 22.44 -18.69 7.73
N ASN D 335 23.02 -17.55 7.31
CA ASN D 335 22.29 -16.42 6.74
C ASN D 335 21.59 -16.82 5.43
N THR D 336 22.26 -17.60 4.61
CA THR D 336 21.77 -18.03 3.31
C THR D 336 20.58 -18.93 3.48
N LEU D 337 20.69 -19.89 4.41
CA LEU D 337 19.64 -20.83 4.73
C LEU D 337 18.45 -20.12 5.37
N SER D 338 18.71 -19.08 6.20
CA SER D 338 17.67 -18.27 6.85
C SER D 338 16.81 -17.55 5.82
N LEU D 339 17.47 -16.98 4.80
CA LEU D 339 16.79 -16.22 3.76
C LEU D 339 16.19 -17.13 2.68
N MET D 340 16.74 -18.32 2.46
CA MET D 340 16.13 -19.29 1.51
C MET D 340 14.83 -19.82 2.12
N HIS D 341 14.80 -20.02 3.43
CA HIS D 341 13.64 -20.49 4.15
C HIS D 341 12.41 -19.56 3.92
N SER D 342 12.61 -18.25 4.06
CA SER D 342 11.54 -17.30 4.02
C SER D 342 11.36 -16.53 2.73
N CYS D 343 12.36 -16.51 1.84
CA CYS D 343 12.27 -15.70 0.62
C CYS D 343 12.68 -16.46 -0.65
N GLY D 344 12.97 -17.75 -0.56
CA GLY D 344 13.47 -18.50 -1.70
C GLY D 344 12.53 -19.00 -2.78
N MET D 345 11.21 -18.95 -2.57
CA MET D 345 10.27 -19.50 -3.56
C MET D 345 9.28 -18.51 -4.15
N TYR D 346 9.62 -17.20 -4.17
CA TYR D 346 8.80 -16.12 -4.73
C TYR D 346 7.50 -15.97 -3.93
N ASP D 347 6.35 -15.73 -4.57
CA ASP D 347 5.09 -15.57 -3.85
C ASP D 347 4.67 -16.83 -3.05
N PHE D 348 5.30 -17.98 -3.31
CA PHE D 348 5.03 -19.19 -2.55
C PHE D 348 5.98 -19.34 -1.37
N SER D 349 6.83 -18.34 -1.06
CA SER D 349 7.81 -18.47 0.03
C SER D 349 7.21 -18.77 1.37
N GLY D 350 6.14 -18.07 1.70
CA GLY D 350 5.46 -18.26 2.97
C GLY D 350 4.74 -19.59 3.04
N GLN D 351 4.08 -19.99 1.94
CA GLN D 351 3.38 -21.28 1.93
C GLN D 351 4.36 -22.43 1.98
N PHE D 352 5.49 -22.30 1.28
CA PHE D 352 6.55 -23.30 1.25
C PHE D 352 7.19 -23.41 2.61
N ALA D 353 7.50 -22.28 3.28
CA ALA D 353 8.11 -22.25 4.60
C ALA D 353 7.19 -22.95 5.60
N PHE D 354 5.90 -22.71 5.50
CA PHE D 354 4.90 -23.32 6.34
C PHE D 354 4.73 -24.83 6.09
N HIS D 355 4.46 -25.27 4.84
CA HIS D 355 4.21 -26.67 4.55
C HIS D 355 5.46 -27.55 4.40
N VAL D 356 6.52 -27.04 3.79
CA VAL D 356 7.72 -27.82 3.53
C VAL D 356 8.80 -27.56 4.59
N GLY D 357 8.94 -26.31 5.00
CA GLY D 357 9.88 -25.96 6.05
C GLY D 357 11.30 -26.34 5.78
N LEU D 358 11.75 -26.13 4.55
CA LEU D 358 13.12 -26.41 4.15
C LEU D 358 13.65 -25.23 3.40
N PRO D 359 14.94 -24.87 3.60
CA PRO D 359 15.52 -23.78 2.77
C PRO D 359 15.56 -24.26 1.32
N ALA D 360 14.92 -23.52 0.44
CA ALA D 360 14.91 -23.83 -0.97
C ALA D 360 15.00 -22.56 -1.83
N LYS D 361 15.45 -22.71 -3.08
CA LYS D 361 15.51 -21.60 -4.00
C LYS D 361 15.11 -22.09 -5.35
N SER D 362 14.17 -21.40 -6.02
CA SER D 362 13.79 -21.78 -7.37
C SER D 362 14.38 -20.82 -8.40
N GLY D 363 14.36 -21.27 -9.64
CA GLY D 363 14.81 -20.55 -10.81
C GLY D 363 13.83 -20.81 -11.95
N VAL D 364 13.74 -19.87 -12.89
CA VAL D 364 12.81 -19.93 -14.00
C VAL D 364 13.12 -21.08 -14.99
N ALA D 365 14.29 -21.74 -14.86
CA ALA D 365 14.60 -22.90 -15.71
C ALA D 365 13.97 -24.22 -15.22
N GLY D 366 13.44 -24.22 -13.99
CA GLY D 366 12.86 -25.41 -13.38
C GLY D 366 13.63 -25.96 -12.20
N GLY D 367 14.75 -25.36 -11.87
CA GLY D 367 15.55 -25.78 -10.73
C GLY D 367 14.89 -25.41 -9.43
N ILE D 368 15.10 -26.27 -8.41
CA ILE D 368 14.73 -26.06 -7.04
C ILE D 368 15.86 -26.61 -6.25
N LEU D 369 16.73 -25.71 -5.79
CA LEU D 369 17.90 -26.00 -4.99
C LEU D 369 17.39 -26.21 -3.57
N LEU D 370 17.41 -27.44 -3.07
CA LEU D 370 16.85 -27.79 -1.77
C LEU D 370 17.88 -28.21 -0.74
N VAL D 371 17.80 -27.68 0.48
CA VAL D 371 18.71 -28.05 1.54
C VAL D 371 17.92 -28.67 2.70
N VAL D 372 18.37 -29.82 3.22
CA VAL D 372 17.83 -30.45 4.43
C VAL D 372 19.03 -30.32 5.35
N PRO D 373 19.07 -29.28 6.19
CA PRO D 373 20.26 -29.03 7.01
C PRO D 373 20.72 -30.21 7.86
N ASN D 374 22.06 -30.44 7.90
CA ASN D 374 22.68 -31.54 8.64
C ASN D 374 22.40 -32.92 8.00
N VAL D 375 21.65 -32.95 6.86
CA VAL D 375 21.29 -34.21 6.24
C VAL D 375 21.75 -34.29 4.79
N MET D 376 21.27 -33.38 3.93
CA MET D 376 21.57 -33.49 2.52
C MET D 376 21.21 -32.24 1.72
N GLY D 377 21.72 -32.20 0.51
CA GLY D 377 21.36 -31.21 -0.47
C GLY D 377 20.70 -31.93 -1.65
N MET D 378 19.88 -31.22 -2.39
CA MET D 378 19.16 -31.74 -3.53
C MET D 378 19.02 -30.68 -4.60
N MET D 379 18.78 -31.14 -5.82
CA MET D 379 18.44 -30.32 -6.95
C MET D 379 17.34 -31.10 -7.70
N CYS D 380 16.19 -30.46 -7.83
CA CYS D 380 15.03 -31.01 -8.52
C CYS D 380 14.88 -30.13 -9.74
N TRP D 381 14.63 -30.75 -10.90
CA TRP D 381 14.50 -29.95 -12.10
C TRP D 381 13.50 -30.48 -13.08
N SER D 382 12.55 -29.65 -13.40
CA SER D 382 11.58 -29.92 -14.40
C SER D 382 11.27 -28.56 -14.98
N PRO D 383 11.55 -28.35 -16.27
CA PRO D 383 11.24 -27.04 -16.88
C PRO D 383 9.81 -26.46 -16.63
N PRO D 384 8.65 -27.17 -16.68
CA PRO D 384 7.35 -26.48 -16.50
C PRO D 384 7.09 -25.79 -15.15
N LEU D 385 6.79 -24.49 -15.19
CA LEU D 385 6.55 -23.70 -13.99
C LEU D 385 5.09 -23.44 -13.72
N ASP D 386 4.77 -23.19 -12.45
CA ASP D 386 3.41 -22.81 -12.08
C ASP D 386 3.24 -21.28 -12.22
N LYS D 387 2.05 -20.72 -11.92
CA LYS D 387 1.83 -19.27 -12.01
C LYS D 387 2.74 -18.45 -11.08
N MET D 388 3.45 -19.09 -10.13
CA MET D 388 4.40 -18.36 -9.28
C MET D 388 5.87 -18.49 -9.72
N GLY D 389 6.12 -19.21 -10.83
CA GLY D 389 7.46 -19.38 -11.38
C GLY D 389 8.22 -20.58 -10.87
N ASN D 390 7.55 -21.43 -10.08
CA ASN D 390 8.19 -22.59 -9.47
C ASN D 390 7.86 -23.86 -10.24
N SER D 391 8.82 -24.75 -10.36
CA SER D 391 8.65 -26.01 -11.06
C SER D 391 7.54 -26.85 -10.41
N VAL D 392 6.47 -27.16 -11.16
CA VAL D 392 5.36 -27.99 -10.68
C VAL D 392 5.81 -29.30 -10.00
N LYS D 393 6.63 -30.09 -10.69
CA LYS D 393 7.14 -31.36 -10.20
C LYS D 393 8.03 -31.19 -8.99
N GLY D 394 8.82 -30.13 -8.96
CA GLY D 394 9.69 -29.83 -7.84
C GLY D 394 8.91 -29.51 -6.61
N ILE D 395 7.91 -28.62 -6.73
CA ILE D 395 7.00 -28.27 -5.64
C ILE D 395 6.27 -29.51 -5.12
N HIS D 396 5.74 -30.33 -6.03
CA HIS D 396 5.06 -31.58 -5.67
C HIS D 396 6.00 -32.50 -4.89
N PHE D 397 7.23 -32.74 -5.42
CA PHE D 397 8.26 -33.55 -4.78
C PHE D 397 8.59 -33.06 -3.39
N CYS D 398 8.85 -31.76 -3.22
CA CYS D 398 9.15 -31.15 -1.91
C CYS D 398 8.09 -31.40 -0.87
N HIS D 399 6.81 -31.30 -1.26
CA HIS D 399 5.71 -31.55 -0.34
C HIS D 399 5.67 -33.01 0.07
N ASP D 400 5.84 -33.93 -0.90
CA ASP D 400 5.82 -35.37 -0.67
C ASP D 400 7.00 -35.82 0.18
N LEU D 401 8.16 -35.19 0.00
CA LEU D 401 9.37 -35.51 0.74
C LEU D 401 9.13 -35.24 2.23
N VAL D 402 8.46 -34.12 2.56
CA VAL D 402 8.21 -33.74 3.94
C VAL D 402 6.99 -34.49 4.51
N SER D 403 6.06 -34.94 3.66
CA SER D 403 4.97 -35.80 4.11
C SER D 403 5.56 -37.15 4.54
N LEU D 404 6.54 -37.67 3.79
CA LEU D 404 7.14 -38.95 4.07
C LEU D 404 8.15 -38.91 5.21
N CYS D 405 9.04 -37.92 5.20
CA CYS D 405 10.14 -37.83 6.15
C CYS D 405 10.03 -36.70 7.12
N ASN D 406 10.58 -36.87 8.33
CA ASN D 406 10.56 -35.82 9.34
C ASN D 406 11.66 -34.77 9.11
N PHE D 407 11.73 -34.24 7.88
CA PHE D 407 12.72 -33.26 7.46
C PHE D 407 12.27 -31.81 7.61
N HIS D 408 10.96 -31.54 7.88
CA HIS D 408 10.48 -30.17 8.08
C HIS D 408 11.25 -29.53 9.22
N ASN D 409 11.65 -28.28 9.06
CA ASN D 409 12.39 -27.53 10.03
C ASN D 409 11.86 -27.62 11.46
N TYR D 410 10.54 -27.70 11.61
CA TYR D 410 9.92 -27.82 12.92
C TYR D 410 9.27 -29.15 13.18
N ASP D 411 9.69 -30.20 12.47
CA ASP D 411 9.30 -31.55 12.79
C ASP D 411 10.17 -31.93 14.01
N ASN D 412 9.65 -32.73 14.93
CA ASN D 412 10.43 -33.16 16.08
C ASN D 412 11.23 -34.43 15.69
N LEU D 413 12.42 -34.57 16.26
CA LEU D 413 13.29 -35.69 15.97
C LEU D 413 13.03 -36.93 16.84
N ARG D 414 12.19 -36.83 17.85
CA ARG D 414 11.84 -37.93 18.74
C ARG D 414 10.38 -38.38 18.54
N HIS D 415 9.47 -37.41 18.40
CA HIS D 415 8.04 -37.67 18.23
C HIS D 415 7.57 -37.07 16.91
N PHE D 416 7.48 -37.93 15.87
CA PHE D 416 7.15 -37.48 14.54
C PHE D 416 5.98 -38.21 13.85
N ALA D 417 5.06 -38.79 14.62
CA ALA D 417 3.82 -39.41 14.14
C ALA D 417 4.03 -40.51 13.00
N LYS D 418 3.41 -40.45 11.78
CA LYS D 418 3.56 -41.45 10.72
C LYS D 418 4.73 -41.15 9.77
N LYS D 419 5.55 -40.16 10.08
CA LYS D 419 6.68 -39.83 9.24
C LYS D 419 7.80 -40.83 9.52
N LEU D 420 8.69 -40.94 8.55
CA LEU D 420 9.85 -41.81 8.56
C LEU D 420 11.08 -40.96 8.86
N ASP D 421 12.00 -41.49 9.66
CA ASP D 421 13.24 -40.78 9.95
C ASP D 421 14.36 -41.58 9.33
N PRO D 422 14.82 -41.18 8.14
CA PRO D 422 15.90 -41.95 7.48
C PRO D 422 17.25 -41.91 8.21
N ARG D 423 17.40 -41.03 9.21
CA ARG D 423 18.60 -41.00 10.04
C ARG D 423 18.63 -42.16 11.06
N ARG D 424 17.48 -42.82 11.28
CA ARG D 424 17.35 -43.90 12.24
C ARG D 424 17.98 -45.20 11.75
N GLU D 425 17.31 -46.02 10.90
CA GLU D 425 17.88 -47.27 10.39
C GLU D 425 16.94 -47.94 9.38
C1 R90 E . -3.68 -5.48 -0.96
C2 R90 E . -4.97 -5.64 -0.48
C3 R90 E . -5.18 -6.05 0.83
N6 R90 E . -6.18 3.43 7.76
C7 R90 E . -6.83 -5.04 2.36
C8 R90 E . -6.97 -4.63 4.78
C9 R90 E . -7.69 -3.10 6.44
C10 R90 E . -8.06 -1.95 8.58
C11 R90 E . -9.18 -1.15 9.12
C12 R90 E . -8.80 0.24 8.66
C13 R90 E . -6.84 -1.09 9.00
C14 R90 E . -6.61 1.35 8.46
C15 R90 E . -4.95 2.98 7.92
O R90 E . -7.13 -3.91 1.98
C6 R90 E . -6.58 -6.17 1.38
C4 R90 E . -4.08 -6.26 1.65
C5 R90 E . -2.80 -6.08 1.17
C R90 E . -2.60 -5.70 -0.14
N R90 E . -6.64 -5.39 3.67
S R90 E . -7.68 -3.04 4.71
N2 R90 E . -7.23 -4.22 6.95
N1 R90 E . -6.81 -5.11 5.98
N3 R90 E . -8.16 -2.09 7.14
N4 R90 E . -7.34 0.27 8.85
S1 R90 E . -4.87 1.33 8.46
N7 R90 E . -3.86 3.71 7.69
N5 R90 E . -7.16 2.49 8.08
C1 R90 F . 6.55 2.84 2.60
C2 R90 F . 7.66 3.13 1.82
C3 R90 F . 8.29 2.14 1.09
N6 R90 F . 3.47 0.84 -9.97
C7 R90 F . 9.03 2.36 -1.26
C8 R90 F . 9.61 1.23 -3.34
C9 R90 F . 9.24 1.17 -5.68
C10 R90 F . 9.00 0.42 -8.03
C11 R90 F . 9.07 1.13 -9.35
C12 R90 F . 7.63 1.60 -9.48
C13 R90 F . 7.68 -0.43 -8.22
C14 R90 F . 5.52 0.33 -9.23
C15 R90 F . 3.20 -0.22 -9.25
O R90 F . 8.06 2.99 -1.69
C6 R90 F . 9.46 2.48 0.19
C4 R90 F . 7.77 0.86 1.12
C5 R90 F . 6.65 0.57 1.88
C R90 F . 6.04 1.56 2.62
N R90 F . 9.74 1.45 -1.99
S R90 F . 8.65 2.20 -4.42
N2 R90 F . 10.05 0.24 -5.29
N1 R90 F . 10.27 0.27 -3.92
N3 R90 F . 8.87 1.37 -6.93
N4 R90 F . 6.86 0.43 -9.07
S1 R90 F . 4.61 -0.95 -8.52
N7 R90 F . 1.98 -0.75 -9.11
N5 R90 F . 4.84 1.17 -9.98
#